data_6P3H
#
_entry.id   6P3H
#
_cell.length_a   84.880
_cell.length_b   134.000
_cell.length_c   168.370
_cell.angle_alpha   90.000
_cell.angle_beta   90.000
_cell.angle_gamma   90.000
#
_symmetry.space_group_name_H-M   'P 21 21 2'
#
loop_
_entity.id
_entity.type
_entity.pdbx_description
1 polymer '(4E)-oxalomesaconate Delta-isomerase'
2 non-polymer '(1E)-4-oxobut-1-ene-1,2,4-tricarboxylic acid'
3 non-polymer 'CHLORIDE ION'
4 water water
#
_entity_poly.entity_id   1
_entity_poly.type   'polypeptide(L)'
_entity_poly.pdbx_seq_one_letter_code
;MPRRDRNMDSAPCMWMRGGTSKGGYFLRADLPADTAARDAFLLAVMGSPDPRQIDGMGGADPLTSMVAVVSKSERPGIDV
DYLFLQVFVDQAIVTDAQNCGNILAGVGPFAIERGLVAASGDETRVAIFMENTGQVAVATVRTPGGSVTYAGDAAIDGVP
GTHAPIPTEFRDTAGSSCGALLPSGNAVDVVNGLPVTLIDNGMPCVVMKAADVGITGYEDRDSLDANAELKAKIEAIRLA
VGELMNLGDVTEKSVPKMMLVAPPRDGGAVCVRSFIPHRAHATIGVLGAVSVATACLIPGSPAAEVAVVPEGARKTLSIE
HPTGEMSCVLEVDDAGNVVSAALLRTARKLMDGVVFVLEHHHHHH
;
_entity_poly.pdbx_strand_id   A,D,C,B
#
loop_
_chem_comp.id
_chem_comp.type
_chem_comp.name
_chem_comp.formula
CL non-polymer 'CHLORIDE ION' 'Cl -1'
NQM non-polymer '(1E)-4-oxobut-1-ene-1,2,4-tricarboxylic acid' 'C7 H6 O7'
#
# COMPACT_ATOMS: atom_id res chain seq x y z
N MET A 8 18.37 62.86 2.10
CA MET A 8 17.11 63.29 2.68
C MET A 8 16.92 62.75 4.12
N ASP A 9 16.65 63.66 5.05
CA ASP A 9 16.54 63.33 6.46
C ASP A 9 15.08 63.37 6.94
N SER A 10 14.14 63.54 6.02
CA SER A 10 12.74 63.47 6.46
C SER A 10 11.89 63.13 5.23
N ALA A 11 10.64 62.74 5.49
CA ALA A 11 9.69 62.53 4.39
C ALA A 11 8.29 62.72 4.93
N PRO A 12 7.38 63.29 4.14
CA PRO A 12 5.96 63.20 4.50
C PRO A 12 5.52 61.76 4.65
N CYS A 13 4.60 61.55 5.60
CA CYS A 13 4.21 60.18 5.94
C CYS A 13 2.86 60.22 6.67
N MET A 14 1.97 59.28 6.34
CA MET A 14 0.76 59.08 7.12
C MET A 14 0.92 57.78 7.90
N TRP A 15 0.83 57.82 9.22
CA TRP A 15 0.82 56.59 10.01
C TRP A 15 -0.62 56.08 10.08
N MET A 16 -0.86 54.83 9.65
CA MET A 16 -2.26 54.33 9.65
C MET A 16 -2.30 52.97 10.27
N ARG A 17 -3.48 52.61 10.80
CA ARG A 17 -3.81 51.22 11.00
C ARG A 17 -4.44 50.70 9.71
N GLY A 18 -3.89 49.61 9.16
CA GLY A 18 -4.52 48.98 8.01
C GLY A 18 -4.93 47.58 8.46
N GLY A 19 -6.24 47.34 8.53
CA GLY A 19 -6.74 46.10 9.10
C GLY A 19 -6.24 45.93 10.52
N THR A 20 -5.63 44.77 10.75
CA THR A 20 -5.04 44.48 12.05
C THR A 20 -3.53 44.79 12.13
N SER A 21 -2.99 45.56 11.17
CA SER A 21 -1.57 45.97 11.20
C SER A 21 -1.46 47.49 11.22
N LYS A 22 -0.22 47.98 11.31
CA LYS A 22 -0.01 49.41 11.48
C LYS A 22 1.31 49.75 10.78
N GLY A 23 1.35 50.88 10.12
CA GLY A 23 2.63 51.28 9.58
C GLY A 23 2.56 52.63 8.86
N GLY A 24 3.62 52.92 8.12
CA GLY A 24 3.79 54.22 7.50
C GLY A 24 3.50 54.11 6.03
N TYR A 25 2.69 55.08 5.55
CA TYR A 25 2.26 55.17 4.15
C TYR A 25 2.94 56.38 3.53
N PHE A 26 3.64 56.14 2.41
CA PHE A 26 4.45 57.11 1.74
C PHE A 26 4.04 57.18 0.30
N LEU A 27 4.20 58.37 -0.25
CA LEU A 27 4.18 58.51 -1.70
C LEU A 27 5.53 58.08 -2.23
N ARG A 28 5.51 57.33 -3.34
CA ARG A 28 6.77 56.82 -3.89
C ARG A 28 7.77 57.94 -4.16
N ALA A 29 7.28 59.06 -4.66
CA ALA A 29 8.16 60.16 -5.01
C ALA A 29 8.86 60.76 -3.80
N ASP A 30 8.36 60.50 -2.59
CA ASP A 30 8.95 61.09 -1.40
C ASP A 30 10.07 60.25 -0.82
N LEU A 31 10.29 59.05 -1.37
CA LEU A 31 11.36 58.17 -0.90
C LEU A 31 12.49 58.09 -1.93
N PRO A 32 13.70 57.74 -1.49
CA PRO A 32 14.81 57.56 -2.44
C PRO A 32 14.44 56.59 -3.53
N ALA A 33 14.84 56.94 -4.76
CA ALA A 33 14.63 56.04 -5.89
C ALA A 33 15.54 54.83 -5.81
N ASP A 34 16.72 54.99 -5.22
CA ASP A 34 17.61 53.86 -5.10
C ASP A 34 17.14 52.97 -3.96
N THR A 35 16.92 51.67 -4.24
CA THR A 35 16.23 50.88 -3.20
C THR A 35 17.13 50.60 -2.00
N ALA A 36 18.46 50.55 -2.16
CA ALA A 36 19.32 50.39 -0.98
C ALA A 36 19.20 51.61 -0.04
N ALA A 37 19.24 52.82 -0.61
CA ALA A 37 19.05 54.02 0.22
C ALA A 37 17.62 54.09 0.79
N ARG A 38 16.62 53.69 -0.01
CA ARG A 38 15.25 53.67 0.50
C ARG A 38 15.12 52.76 1.70
N ASP A 39 15.69 51.55 1.60
CA ASP A 39 15.53 50.59 2.69
C ASP A 39 16.27 51.06 3.93
N ALA A 40 17.45 51.68 3.76
CA ALA A 40 18.17 52.19 4.93
C ALA A 40 17.39 53.31 5.62
N PHE A 41 16.78 54.19 4.82
CA PHE A 41 15.91 55.23 5.35
C PHE A 41 14.74 54.63 6.13
N LEU A 42 14.07 53.63 5.55
CA LEU A 42 12.90 53.07 6.22
C LEU A 42 13.28 52.37 7.52
N LEU A 43 14.46 51.69 7.55
CA LEU A 43 14.94 51.11 8.80
C LEU A 43 15.05 52.21 9.85
N ALA A 44 15.65 53.34 9.46
CA ALA A 44 15.82 54.42 10.43
C ALA A 44 14.49 55.01 10.86
N VAL A 45 13.55 55.17 9.92
CA VAL A 45 12.22 55.66 10.27
C VAL A 45 11.61 54.81 11.37
N MET A 46 11.71 53.49 11.22
CA MET A 46 11.07 52.55 12.13
C MET A 46 11.84 52.39 13.42
N GLY A 47 13.12 52.67 13.42
CA GLY A 47 13.94 52.42 14.60
C GLY A 47 14.54 51.02 14.62
N SER A 48 14.73 50.39 13.47
CA SER A 48 15.28 49.02 13.34
C SER A 48 16.75 49.08 12.99
N PRO A 49 17.57 48.08 13.39
CA PRO A 49 17.15 46.92 14.19
C PRO A 49 17.20 47.29 15.69
N ASP A 50 16.15 46.91 16.41
CA ASP A 50 16.08 47.15 17.85
C ASP A 50 14.89 46.38 18.36
N PRO A 51 15.02 45.44 19.31
CA PRO A 51 13.83 44.68 19.74
C PRO A 51 12.75 45.59 20.30
N ARG A 52 13.14 46.78 20.79
N ARG A 52 13.09 46.79 20.76
CA ARG A 52 12.21 47.79 21.31
CA ARG A 52 12.05 47.69 21.23
C ARG A 52 11.78 48.83 20.28
C ARG A 52 11.77 48.83 20.28
N GLN A 53 12.47 48.93 19.14
CA GLN A 53 12.25 50.03 18.16
C GLN A 53 12.03 51.39 18.85
N ILE A 54 12.93 51.69 19.80
CA ILE A 54 12.67 52.83 20.67
C ILE A 54 13.00 54.15 19.96
N ASP A 55 13.89 54.13 18.95
CA ASP A 55 14.33 55.37 18.30
C ASP A 55 13.70 55.54 16.94
N GLY A 56 12.46 55.06 16.80
CA GLY A 56 11.73 55.23 15.55
C GLY A 56 10.27 54.94 15.78
N MET A 57 9.52 54.79 14.68
CA MET A 57 8.07 54.72 14.76
C MET A 57 7.52 53.30 14.76
N GLY A 58 8.38 52.29 14.69
CA GLY A 58 7.89 50.93 14.81
C GLY A 58 7.38 50.66 16.21
N GLY A 59 6.44 49.68 16.31
CA GLY A 59 5.82 49.35 17.59
C GLY A 59 6.39 48.06 18.22
N ALA A 60 7.58 47.68 17.77
CA ALA A 60 8.32 46.52 18.31
C ALA A 60 7.61 45.20 18.03
N ASP A 61 6.87 45.11 16.94
CA ASP A 61 6.08 43.95 16.51
C ASP A 61 6.20 44.00 14.99
N PRO A 62 6.46 42.89 14.28
CA PRO A 62 6.43 43.02 12.81
C PRO A 62 5.11 43.56 12.29
N LEU A 63 3.99 43.29 12.98
CA LEU A 63 2.68 43.75 12.53
C LEU A 63 2.49 45.25 12.71
N THR A 64 3.41 45.93 13.40
CA THR A 64 3.39 47.38 13.53
C THR A 64 4.73 47.95 13.07
N SER A 65 5.36 47.26 12.13
CA SER A 65 6.65 47.72 11.56
C SER A 65 6.59 47.60 10.04
N MET A 66 5.52 48.13 9.45
N MET A 66 5.55 48.21 9.46
CA MET A 66 5.28 47.86 8.03
CA MET A 66 5.19 47.97 8.08
C MET A 66 5.21 49.20 7.27
C MET A 66 5.24 49.26 7.27
N VAL A 67 5.40 49.12 5.96
CA VAL A 67 5.46 50.30 5.07
C VAL A 67 4.65 50.02 3.81
N ALA A 68 3.90 51.04 3.36
CA ALA A 68 3.22 50.99 2.08
C ALA A 68 3.78 52.13 1.26
N VAL A 69 4.25 51.82 0.05
CA VAL A 69 4.72 52.85 -0.86
C VAL A 69 3.69 52.92 -1.97
N VAL A 70 3.05 54.08 -2.11
CA VAL A 70 1.87 54.21 -2.98
C VAL A 70 2.15 55.29 -4.03
N SER A 71 1.67 55.09 -5.25
CA SER A 71 1.79 56.11 -6.29
C SER A 71 0.62 55.98 -7.25
N LYS A 72 0.32 57.09 -7.95
CA LYS A 72 -0.73 57.03 -8.97
C LYS A 72 -0.29 56.08 -10.09
N SER A 73 -1.16 55.17 -10.53
CA SER A 73 -0.74 54.14 -11.49
C SER A 73 -0.86 54.64 -12.94
N GLU A 74 0.03 54.15 -13.79
CA GLU A 74 -0.11 54.33 -15.22
C GLU A 74 -0.62 53.08 -15.90
N ARG A 75 -0.87 52.02 -15.14
CA ARG A 75 -1.38 50.79 -15.74
C ARG A 75 -2.83 51.02 -16.13
N PRO A 76 -3.24 50.56 -17.30
CA PRO A 76 -4.60 50.81 -17.76
C PRO A 76 -5.61 50.26 -16.75
N GLY A 77 -6.60 51.11 -16.41
CA GLY A 77 -7.66 50.71 -15.52
C GLY A 77 -7.28 50.69 -14.04
N ILE A 78 -6.01 50.89 -13.68
CA ILE A 78 -5.54 50.79 -12.30
C ILE A 78 -5.51 52.18 -11.71
N ASP A 79 -5.94 52.33 -10.45
CA ASP A 79 -5.87 53.65 -9.84
C ASP A 79 -4.52 53.93 -9.19
N VAL A 80 -4.01 53.00 -8.37
CA VAL A 80 -2.76 53.23 -7.67
C VAL A 80 -1.94 51.96 -7.70
N ASP A 81 -0.63 52.13 -7.62
CA ASP A 81 0.35 51.06 -7.42
C ASP A 81 0.76 51.09 -5.96
N TYR A 82 0.88 49.90 -5.36
CA TYR A 82 1.10 49.76 -3.92
C TYR A 82 2.21 48.73 -3.75
N LEU A 83 3.35 49.17 -3.21
CA LEU A 83 4.44 48.26 -2.83
C LEU A 83 4.42 48.09 -1.31
N PHE A 84 4.28 46.86 -0.86
CA PHE A 84 4.39 46.54 0.57
C PHE A 84 5.84 46.23 0.95
N LEU A 85 6.33 46.86 2.03
CA LEU A 85 7.67 46.51 2.53
C LEU A 85 7.57 46.16 3.98
N GLN A 86 8.11 44.99 4.33
CA GLN A 86 8.20 44.57 5.73
C GLN A 86 9.53 45.05 6.28
N VAL A 87 9.47 45.91 7.29
CA VAL A 87 10.68 46.34 7.99
C VAL A 87 10.90 45.40 9.17
N PHE A 88 12.01 44.60 9.15
CA PHE A 88 12.22 43.69 10.26
C PHE A 88 12.44 44.48 11.55
N VAL A 89 11.98 43.89 12.66
CA VAL A 89 12.11 44.60 13.95
C VAL A 89 13.56 44.62 14.43
N ASP A 90 14.20 43.45 14.47
CA ASP A 90 15.53 43.38 15.09
C ASP A 90 16.59 42.84 14.14
N GLN A 91 16.38 43.02 12.86
CA GLN A 91 17.43 42.83 11.85
C GLN A 91 17.38 43.99 10.90
N ALA A 92 18.53 44.30 10.26
CA ALA A 92 18.55 45.40 9.28
C ALA A 92 18.19 44.82 7.91
N ILE A 93 16.89 44.50 7.77
CA ILE A 93 16.33 43.83 6.60
C ILE A 93 14.98 44.49 6.31
N VAL A 94 14.78 44.82 5.03
CA VAL A 94 13.50 45.26 4.49
C VAL A 94 13.21 44.29 3.33
N THR A 95 12.06 43.60 3.37
CA THR A 95 11.76 42.61 2.34
C THR A 95 10.56 43.06 1.51
N ASP A 96 10.62 42.71 0.22
CA ASP A 96 9.59 43.08 -0.76
C ASP A 96 8.97 41.85 -1.40
N ALA A 97 9.11 40.68 -0.79
CA ALA A 97 8.72 39.45 -1.47
C ALA A 97 7.28 39.04 -1.25
N GLN A 98 6.46 39.83 -0.58
CA GLN A 98 5.09 39.40 -0.33
C GLN A 98 4.11 40.55 -0.48
N ASN A 99 2.86 40.17 -0.71
CA ASN A 99 1.69 41.03 -0.53
C ASN A 99 1.45 41.29 0.96
N CYS A 100 0.57 42.25 1.26
CA CYS A 100 0.04 42.36 2.63
C CYS A 100 -1.36 42.94 2.54
N GLY A 101 -2.39 42.09 2.72
CA GLY A 101 -3.77 42.55 2.53
C GLY A 101 -4.30 43.39 3.68
N ASN A 102 -3.70 43.28 4.86
CA ASN A 102 -4.10 44.19 5.95
C ASN A 102 -3.63 45.60 5.66
N ILE A 103 -2.34 45.77 5.35
CA ILE A 103 -1.87 47.12 5.03
C ILE A 103 -2.57 47.63 3.77
N LEU A 104 -2.95 46.72 2.85
CA LEU A 104 -3.72 47.13 1.66
C LEU A 104 -4.94 47.96 2.06
N ALA A 105 -5.59 47.59 3.17
CA ALA A 105 -6.82 48.28 3.59
C ALA A 105 -6.62 49.77 3.73
N GLY A 106 -5.45 50.22 4.17
CA GLY A 106 -5.25 51.65 4.27
C GLY A 106 -4.88 52.33 2.96
N VAL A 107 -4.54 51.57 1.92
CA VAL A 107 -4.03 52.19 0.69
C VAL A 107 -5.09 53.04 -0.01
N GLY A 108 -6.31 52.51 -0.14
CA GLY A 108 -7.38 53.27 -0.78
C GLY A 108 -7.62 54.61 -0.14
N PRO A 109 -7.93 54.59 1.17
CA PRO A 109 -8.15 55.86 1.88
C PRO A 109 -6.95 56.79 1.81
N PHE A 110 -5.74 56.27 2.02
CA PHE A 110 -4.54 57.09 1.87
C PHE A 110 -4.47 57.73 0.48
N ALA A 111 -4.69 56.92 -0.58
CA ALA A 111 -4.63 57.46 -1.94
C ALA A 111 -5.67 58.55 -2.18
N ILE A 112 -6.89 58.36 -1.68
CA ILE A 112 -7.92 59.39 -1.88
C ILE A 112 -7.56 60.67 -1.10
N GLU A 113 -7.13 60.52 0.16
CA GLU A 113 -6.75 61.73 0.92
C GLU A 113 -5.62 62.49 0.25
N ARG A 114 -4.70 61.77 -0.38
CA ARG A 114 -3.52 62.37 -1.02
C ARG A 114 -3.81 62.84 -2.45
N GLY A 115 -5.05 62.71 -2.96
CA GLY A 115 -5.36 63.18 -4.31
C GLY A 115 -4.87 62.28 -5.44
N LEU A 116 -4.39 61.07 -5.14
CA LEU A 116 -3.92 60.16 -6.19
C LEU A 116 -5.10 59.63 -7.01
N VAL A 117 -6.27 59.58 -6.37
CA VAL A 117 -7.47 59.04 -6.99
C VAL A 117 -8.65 59.87 -6.48
N ALA A 118 -9.53 60.26 -7.40
CA ALA A 118 -10.66 61.11 -7.04
C ALA A 118 -11.73 60.30 -6.33
N ALA A 119 -12.36 60.90 -5.31
CA ALA A 119 -13.60 60.31 -4.81
C ALA A 119 -14.63 60.29 -5.92
N SER A 120 -15.48 59.26 -5.91
CA SER A 120 -16.46 59.08 -6.98
C SER A 120 -17.87 58.88 -6.39
N GLY A 121 -18.27 59.81 -5.56
CA GLY A 121 -19.57 59.72 -4.92
C GLY A 121 -19.40 59.33 -3.46
N ASP A 122 -20.46 58.78 -2.88
CA ASP A 122 -20.42 58.43 -1.47
C ASP A 122 -19.56 57.20 -1.19
N GLU A 123 -19.24 56.42 -2.21
CA GLU A 123 -18.31 55.30 -2.11
C GLU A 123 -17.43 55.28 -3.35
N THR A 124 -16.16 54.96 -3.14
CA THR A 124 -15.15 55.10 -4.17
C THR A 124 -14.45 53.75 -4.34
N ARG A 125 -14.65 53.12 -5.48
CA ARG A 125 -13.86 51.96 -5.86
C ARG A 125 -12.42 52.33 -6.20
N VAL A 126 -11.45 51.59 -5.65
CA VAL A 126 -10.03 51.84 -5.92
C VAL A 126 -9.40 50.53 -6.41
N ALA A 127 -8.93 50.52 -7.64
CA ALA A 127 -8.22 49.36 -8.19
C ALA A 127 -6.74 49.55 -7.85
N ILE A 128 -6.16 48.59 -7.12
CA ILE A 128 -4.81 48.72 -6.51
C ILE A 128 -3.91 47.62 -7.09
N PHE A 129 -2.88 48.02 -7.83
CA PHE A 129 -1.90 47.06 -8.35
C PHE A 129 -0.90 46.72 -7.23
N MET A 130 -0.83 45.44 -6.84
CA MET A 130 0.03 45.03 -5.72
C MET A 130 1.38 44.70 -6.33
N GLU A 131 2.33 45.63 -6.22
CA GLU A 131 3.55 45.53 -7.02
C GLU A 131 4.33 44.27 -6.66
N ASN A 132 4.23 43.83 -5.41
CA ASN A 132 5.07 42.73 -4.96
C ASN A 132 4.81 41.46 -5.72
N THR A 133 3.58 41.26 -6.19
CA THR A 133 3.22 40.03 -6.89
C THR A 133 2.60 40.27 -8.25
N GLY A 134 2.35 41.53 -8.62
CA GLY A 134 1.79 41.81 -9.92
C GLY A 134 0.32 41.56 -10.04
N GLN A 135 -0.40 41.48 -8.94
CA GLN A 135 -1.84 41.25 -9.11
C GLN A 135 -2.61 42.46 -8.63
N VAL A 136 -3.85 42.55 -9.07
CA VAL A 136 -4.73 43.67 -8.76
C VAL A 136 -5.71 43.27 -7.67
N ALA A 137 -5.92 44.16 -6.73
CA ALA A 137 -6.97 44.01 -5.74
C ALA A 137 -7.87 45.22 -5.85
N VAL A 138 -9.10 45.07 -5.40
CA VAL A 138 -10.08 46.14 -5.48
C VAL A 138 -10.59 46.38 -4.07
N ALA A 139 -10.49 47.63 -3.61
CA ALA A 139 -11.02 48.09 -2.34
C ALA A 139 -12.09 49.12 -2.60
N THR A 140 -13.12 49.14 -1.75
CA THR A 140 -14.13 50.17 -1.84
C THR A 140 -14.09 51.00 -0.56
N VAL A 141 -13.98 52.33 -0.71
CA VAL A 141 -13.78 53.24 0.42
C VAL A 141 -15.01 54.13 0.61
N ARG A 142 -15.47 54.26 1.86
CA ARG A 142 -16.53 55.21 2.20
C ARG A 142 -16.02 56.65 2.07
N THR A 143 -16.64 57.43 1.17
CA THR A 143 -16.23 58.82 0.91
C THR A 143 -17.48 59.70 0.96
N PRO A 144 -18.18 59.72 2.10
CA PRO A 144 -19.43 60.49 2.15
C PRO A 144 -19.14 61.96 1.87
N GLY A 145 -20.01 62.57 1.05
CA GLY A 145 -19.75 63.93 0.63
C GLY A 145 -18.43 64.13 -0.09
N GLY A 146 -17.92 63.09 -0.74
CA GLY A 146 -16.65 63.19 -1.43
C GLY A 146 -15.39 63.19 -0.58
N SER A 147 -15.46 62.92 0.73
CA SER A 147 -14.25 62.87 1.55
C SER A 147 -14.20 61.53 2.28
N VAL A 148 -12.98 60.99 2.41
CA VAL A 148 -12.80 59.74 3.14
C VAL A 148 -13.35 59.87 4.56
N THR A 149 -14.04 58.83 5.03
CA THR A 149 -14.32 58.73 6.45
C THR A 149 -13.70 57.45 6.98
N TYR A 150 -13.30 57.46 8.25
CA TYR A 150 -12.84 56.22 8.92
C TYR A 150 -13.86 55.76 9.95
N ALA A 151 -14.95 56.50 10.13
CA ALA A 151 -15.98 56.13 11.09
C ALA A 151 -17.06 55.28 10.42
N GLY A 152 -17.65 54.38 11.18
CA GLY A 152 -18.76 53.60 10.66
C GLY A 152 -19.10 52.47 11.61
N ASP A 153 -19.84 51.51 11.08
CA ASP A 153 -20.44 50.45 11.88
C ASP A 153 -19.74 49.11 11.72
N ALA A 154 -18.66 49.05 10.94
CA ALA A 154 -18.00 47.78 10.64
C ALA A 154 -17.06 47.43 11.80
N ALA A 155 -16.83 46.13 12.00
CA ALA A 155 -15.85 45.74 13.02
C ALA A 155 -15.10 44.52 12.54
N ILE A 156 -13.83 44.40 12.96
CA ILE A 156 -13.00 43.24 12.65
C ILE A 156 -12.31 42.77 13.92
N ASP A 157 -12.23 41.45 14.11
CA ASP A 157 -11.67 40.93 15.34
C ASP A 157 -10.19 41.29 15.40
N GLY A 158 -9.72 41.67 16.57
CA GLY A 158 -8.36 42.18 16.65
C GLY A 158 -8.26 43.69 16.69
N VAL A 159 -9.35 44.42 16.47
CA VAL A 159 -9.34 45.87 16.48
C VAL A 159 -10.51 46.27 17.36
N PRO A 160 -10.31 47.05 18.42
CA PRO A 160 -11.46 47.51 19.22
C PRO A 160 -12.34 48.47 18.43
N GLY A 161 -13.63 48.54 18.81
CA GLY A 161 -14.52 49.56 18.26
C GLY A 161 -15.04 49.22 16.87
N THR A 162 -15.50 50.27 16.18
CA THR A 162 -16.13 50.17 14.88
C THR A 162 -15.58 51.31 14.02
N HIS A 163 -15.56 51.06 12.71
CA HIS A 163 -14.93 51.92 11.71
C HIS A 163 -15.70 51.77 10.43
N ALA A 164 -15.33 52.58 9.45
CA ALA A 164 -15.94 52.48 8.13
C ALA A 164 -15.50 51.19 7.45
N PRO A 165 -16.42 50.47 6.80
CA PRO A 165 -16.05 49.21 6.16
C PRO A 165 -15.18 49.46 4.96
N ILE A 166 -14.23 48.54 4.73
CA ILE A 166 -13.47 48.54 3.49
C ILE A 166 -13.54 47.12 2.93
N PRO A 167 -14.53 46.83 2.08
CA PRO A 167 -14.56 45.53 1.40
C PRO A 167 -13.41 45.42 0.41
N THR A 168 -12.74 44.28 0.39
CA THR A 168 -11.64 44.05 -0.54
C THR A 168 -11.89 42.76 -1.33
N GLU A 169 -11.58 42.77 -2.63
N GLU A 169 -11.55 42.80 -2.61
CA GLU A 169 -11.79 41.61 -3.51
CA GLU A 169 -11.71 41.68 -3.51
C GLU A 169 -10.52 41.29 -4.29
C GLU A 169 -10.34 41.30 -4.05
N PHE A 170 -10.15 40.01 -4.31
CA PHE A 170 -8.92 39.51 -4.92
C PHE A 170 -9.25 38.47 -5.98
N ARG A 171 -8.77 38.67 -7.21
CA ARG A 171 -8.92 37.64 -8.23
C ARG A 171 -7.53 37.33 -8.78
N ASP A 172 -7.38 36.19 -9.46
CA ASP A 172 -6.11 35.83 -10.10
C ASP A 172 -4.97 35.73 -9.09
N THR A 173 -5.28 35.22 -7.89
CA THR A 173 -4.28 35.17 -6.83
C THR A 173 -3.38 33.95 -6.91
N ALA A 174 -3.83 32.89 -7.59
CA ALA A 174 -3.18 31.59 -7.44
C ALA A 174 -1.79 31.66 -8.04
N GLY A 175 -0.79 31.26 -7.25
CA GLY A 175 0.54 31.13 -7.81
C GLY A 175 1.22 32.43 -8.10
N SER A 176 0.71 33.55 -7.59
CA SER A 176 1.30 34.86 -7.87
C SER A 176 2.72 35.00 -7.33
N SER A 177 3.15 34.15 -6.39
CA SER A 177 4.53 34.15 -5.92
C SER A 177 5.29 32.88 -6.26
N CYS A 178 4.65 31.72 -6.16
CA CYS A 178 5.31 30.44 -6.42
C CYS A 178 5.14 29.95 -7.85
N GLY A 179 4.40 30.70 -8.71
CA GLY A 179 4.17 30.29 -10.08
C GLY A 179 3.06 29.28 -10.29
N ALA A 180 2.56 28.67 -9.22
CA ALA A 180 1.38 27.81 -9.30
C ALA A 180 0.74 27.81 -7.92
N LEU A 181 -0.54 27.42 -7.89
CA LEU A 181 -1.25 27.24 -6.63
C LEU A 181 -0.52 26.24 -5.74
N LEU A 182 -0.12 25.12 -6.32
CA LEU A 182 0.63 24.08 -5.63
C LEU A 182 1.98 23.94 -6.30
N PRO A 183 2.98 24.76 -5.91
CA PRO A 183 4.28 24.72 -6.60
C PRO A 183 4.96 23.36 -6.61
N SER A 184 4.70 22.50 -5.61
CA SER A 184 5.22 21.13 -5.65
C SER A 184 4.44 20.22 -6.58
N GLY A 185 3.27 20.64 -7.06
CA GLY A 185 2.39 19.78 -7.82
C GLY A 185 1.56 18.83 -7.00
N ASN A 186 1.79 18.74 -5.68
CA ASN A 186 1.05 17.82 -4.82
C ASN A 186 0.13 18.57 -3.88
N ALA A 187 -1.02 17.95 -3.60
CA ALA A 187 -1.88 18.41 -2.52
C ALA A 187 -1.17 18.30 -1.16
N VAL A 188 -0.35 17.26 -0.97
CA VAL A 188 0.32 17.00 0.29
C VAL A 188 1.77 16.63 0.00
N ASP A 189 2.68 17.02 0.90
CA ASP A 189 4.07 16.62 0.86
C ASP A 189 4.51 16.27 2.26
N VAL A 190 5.31 15.22 2.39
CA VAL A 190 5.81 14.80 3.69
C VAL A 190 7.17 15.48 3.92
N VAL A 191 7.29 16.21 5.03
CA VAL A 191 8.48 17.01 5.30
C VAL A 191 8.88 16.79 6.76
N ASN A 192 10.11 16.33 6.97
CA ASN A 192 10.58 16.03 8.32
C ASN A 192 9.54 15.19 9.06
N GLY A 193 8.99 14.21 8.33
CA GLY A 193 8.03 13.27 8.89
C GLY A 193 6.61 13.78 9.13
N LEU A 194 6.16 14.81 8.40
CA LEU A 194 4.81 15.40 8.61
C LEU A 194 4.16 15.76 7.28
N PRO A 195 2.85 15.51 7.13
CA PRO A 195 2.14 16.00 5.93
C PRO A 195 1.94 17.51 6.00
N VAL A 196 2.33 18.19 4.92
CA VAL A 196 2.09 19.62 4.73
C VAL A 196 1.51 19.87 3.34
N THR A 197 0.77 20.97 3.22
CA THR A 197 0.40 21.51 1.91
C THR A 197 1.17 22.79 1.65
N LEU A 198 1.89 22.80 0.52
CA LEU A 198 2.61 23.98 0.04
C LEU A 198 1.70 24.71 -0.95
N ILE A 199 1.19 25.88 -0.57
CA ILE A 199 0.12 26.48 -1.35
C ILE A 199 0.30 28.00 -1.43
N ASP A 200 -0.02 28.56 -2.59
CA ASP A 200 0.13 29.99 -2.81
C ASP A 200 -1.15 30.44 -3.53
N ASN A 201 -2.10 30.97 -2.77
CA ASN A 201 -3.22 31.65 -3.41
C ASN A 201 -3.23 33.10 -2.97
N GLY A 202 -2.10 33.79 -3.13
CA GLY A 202 -1.96 35.19 -2.78
C GLY A 202 -0.93 35.44 -1.70
N MET A 203 -0.50 34.39 -0.98
CA MET A 203 0.47 34.37 0.10
C MET A 203 1.05 32.95 0.09
N PRO A 204 2.36 32.75 -0.10
CA PRO A 204 2.92 31.40 0.01
C PRO A 204 2.78 30.91 1.44
N CYS A 205 2.18 29.72 1.61
CA CYS A 205 1.95 29.16 2.93
C CYS A 205 2.38 27.70 2.97
N VAL A 206 2.86 27.28 4.14
CA VAL A 206 3.00 25.85 4.48
C VAL A 206 1.88 25.52 5.46
N VAL A 207 0.95 24.66 5.05
CA VAL A 207 -0.24 24.35 5.85
C VAL A 207 -0.09 22.95 6.43
N MET A 208 -0.27 22.83 7.74
CA MET A 208 -0.09 21.56 8.44
C MET A 208 -0.96 21.55 9.69
N LYS A 209 -1.24 20.36 10.20
CA LYS A 209 -2.07 20.24 11.41
C LYS A 209 -1.29 20.70 12.63
N ALA A 210 -1.90 21.58 13.43
CA ALA A 210 -1.29 21.98 14.68
C ALA A 210 -0.89 20.76 15.53
N ALA A 211 -1.75 19.73 15.55
CA ALA A 211 -1.53 18.53 16.35
C ALA A 211 -0.29 17.77 15.93
N ASP A 212 0.15 17.94 14.68
CA ASP A 212 1.33 17.22 14.20
C ASP A 212 2.62 17.89 14.62
N VAL A 213 2.60 19.14 15.07
CA VAL A 213 3.79 19.76 15.64
C VAL A 213 3.63 19.97 17.15
N GLY A 214 2.70 19.26 17.78
CA GLY A 214 2.70 19.16 19.23
C GLY A 214 2.04 20.29 20.00
N ILE A 215 1.08 20.98 19.39
CA ILE A 215 0.22 21.95 20.07
C ILE A 215 -1.22 21.67 19.65
N THR A 216 -2.18 22.31 20.33
CA THR A 216 -3.58 22.12 19.93
C THR A 216 -4.01 23.00 18.77
N GLY A 217 -3.37 24.15 18.57
CA GLY A 217 -3.86 25.14 17.62
C GLY A 217 -4.76 26.18 18.23
N TYR A 218 -5.04 26.08 19.54
CA TYR A 218 -5.91 27.01 20.26
C TYR A 218 -5.15 27.87 21.25
N GLU A 219 -3.82 27.77 21.29
CA GLU A 219 -2.97 28.54 22.20
C GLU A 219 -3.06 30.04 21.87
N ASP A 220 -2.79 30.87 22.87
CA ASP A 220 -2.76 32.32 22.64
C ASP A 220 -1.38 32.73 22.11
N ARG A 221 -1.30 33.99 21.66
CA ARG A 221 -0.09 34.45 20.97
C ARG A 221 1.13 34.33 21.85
N ASP A 222 1.03 34.77 23.12
N ASP A 222 1.03 34.76 23.13
CA ASP A 222 2.20 34.75 24.00
CA ASP A 222 2.24 34.75 23.97
C ASP A 222 2.70 33.33 24.20
C ASP A 222 2.70 33.32 24.27
N SER A 223 1.77 32.38 24.40
CA SER A 223 2.16 30.98 24.57
C SER A 223 2.92 30.48 23.36
N LEU A 224 2.44 30.79 22.15
CA LEU A 224 3.11 30.35 20.94
C LEU A 224 4.46 31.05 20.76
N ASP A 225 4.53 32.36 21.04
CA ASP A 225 5.79 33.08 20.86
C ASP A 225 6.86 32.60 21.83
N ALA A 226 6.46 32.06 22.98
CA ALA A 226 7.39 31.57 23.98
C ALA A 226 7.78 30.12 23.73
N ASN A 227 7.19 29.48 22.72
CA ASN A 227 7.42 28.05 22.51
C ASN A 227 8.59 27.89 21.56
N ALA A 228 9.81 27.91 22.14
CA ALA A 228 11.00 27.82 21.30
C ALA A 228 11.06 26.47 20.57
N GLU A 229 10.59 25.41 21.22
CA GLU A 229 10.65 24.10 20.59
C GLU A 229 9.74 24.04 19.37
N LEU A 230 8.53 24.60 19.46
CA LEU A 230 7.64 24.62 18.30
C LEU A 230 8.23 25.47 17.20
N LYS A 231 8.72 26.66 17.55
CA LYS A 231 9.27 27.53 16.53
C LYS A 231 10.43 26.86 15.80
N ALA A 232 11.31 26.17 16.54
CA ALA A 232 12.40 25.47 15.88
C ALA A 232 11.89 24.40 14.91
N LYS A 233 10.87 23.64 15.34
CA LYS A 233 10.38 22.55 14.51
C LYS A 233 9.77 23.07 13.21
N ILE A 234 9.04 24.18 13.28
CA ILE A 234 8.42 24.61 12.04
C ILE A 234 9.42 25.37 11.19
N GLU A 235 10.40 26.04 11.81
CA GLU A 235 11.45 26.71 11.02
C GLU A 235 12.25 25.68 10.21
N ALA A 236 12.47 24.49 10.78
CA ALA A 236 13.15 23.45 10.01
C ALA A 236 12.33 23.09 8.77
N ILE A 237 11.01 23.06 8.90
CA ILE A 237 10.17 22.72 7.76
C ILE A 237 10.19 23.86 6.75
N ARG A 238 10.12 25.11 7.21
CA ARG A 238 10.15 26.25 6.30
C ARG A 238 11.42 26.24 5.46
N LEU A 239 12.59 26.04 6.08
CA LEU A 239 13.84 26.04 5.33
C LEU A 239 13.90 24.85 4.36
N ALA A 240 13.22 23.75 4.68
CA ALA A 240 13.24 22.54 3.88
C ALA A 240 12.40 22.63 2.61
N VAL A 241 11.46 23.56 2.54
CA VAL A 241 10.54 23.66 1.41
C VAL A 241 10.75 24.94 0.61
N GLY A 242 11.68 25.82 1.01
CA GLY A 242 11.82 27.09 0.31
C GLY A 242 12.04 26.92 -1.19
N GLU A 243 13.00 26.05 -1.57
CA GLU A 243 13.25 25.79 -2.98
C GLU A 243 12.07 25.09 -3.65
N LEU A 244 11.43 24.17 -2.94
CA LEU A 244 10.30 23.47 -3.55
C LEU A 244 9.16 24.42 -3.87
N MET A 245 9.05 25.51 -3.13
CA MET A 245 8.00 26.49 -3.41
C MET A 245 8.45 27.57 -4.39
N ASN A 246 9.65 27.43 -4.95
CA ASN A 246 10.22 28.38 -5.91
C ASN A 246 10.43 29.74 -5.26
N LEU A 247 10.80 29.74 -3.98
CA LEU A 247 11.13 30.95 -3.26
C LEU A 247 12.64 31.08 -3.02
N GLY A 248 13.45 30.24 -3.65
CA GLY A 248 14.90 30.26 -3.45
C GLY A 248 15.28 29.94 -2.01
N ASP A 249 16.24 30.70 -1.48
CA ASP A 249 16.74 30.50 -0.13
C ASP A 249 15.96 31.40 0.82
N VAL A 250 15.07 30.81 1.65
CA VAL A 250 14.17 31.65 2.44
C VAL A 250 14.75 32.02 3.81
N THR A 251 15.98 31.62 4.10
CA THR A 251 16.56 31.86 5.41
C THR A 251 16.29 33.25 5.94
N GLU A 252 16.55 34.28 5.13
CA GLU A 252 16.34 35.66 5.57
C GLU A 252 15.12 36.31 4.95
N LYS A 253 14.22 35.52 4.39
CA LYS A 253 12.98 36.05 3.83
C LYS A 253 11.85 36.01 4.85
N SER A 254 10.75 36.66 4.50
N SER A 254 10.74 36.66 4.50
CA SER A 254 9.57 36.66 5.34
CA SER A 254 9.57 36.66 5.36
C SER A 254 8.51 35.69 4.84
C SER A 254 8.53 35.65 4.89
N VAL A 255 8.86 34.81 3.91
CA VAL A 255 7.92 33.85 3.34
C VAL A 255 8.59 32.49 3.32
N PRO A 256 7.81 31.41 3.18
CA PRO A 256 6.35 31.31 3.28
C PRO A 256 5.90 31.50 4.73
N LYS A 257 4.61 31.69 4.90
CA LYS A 257 4.00 31.76 6.22
C LYS A 257 3.66 30.34 6.64
N MET A 258 3.86 30.04 7.94
CA MET A 258 3.60 28.71 8.48
C MET A 258 2.22 28.75 9.14
N MET A 259 1.30 27.93 8.62
CA MET A 259 -0.11 27.95 9.00
C MET A 259 -0.45 26.63 9.69
N LEU A 260 -0.75 26.69 10.97
CA LEU A 260 -1.01 25.46 11.74
C LEU A 260 -2.51 25.40 12.00
N VAL A 261 -3.18 24.36 11.48
CA VAL A 261 -4.64 24.34 11.43
C VAL A 261 -5.21 23.30 12.40
N ALA A 262 -6.43 23.56 12.84
CA ALA A 262 -7.12 22.67 13.77
C ALA A 262 -8.62 22.82 13.51
N PRO A 263 -9.44 21.90 14.00
CA PRO A 263 -10.88 22.01 13.75
C PRO A 263 -11.44 23.29 14.35
N PRO A 264 -12.46 23.87 13.73
CA PRO A 264 -13.05 25.10 14.26
C PRO A 264 -13.71 24.86 15.61
N ARG A 265 -13.77 25.91 16.43
CA ARG A 265 -14.40 25.83 17.75
C ARG A 265 -15.58 26.78 17.94
N ASP A 266 -15.62 27.91 17.22
CA ASP A 266 -16.69 28.89 17.37
C ASP A 266 -17.64 28.91 16.19
N GLY A 267 -17.82 27.76 15.52
CA GLY A 267 -18.78 27.68 14.44
C GLY A 267 -18.24 28.01 13.06
N GLY A 268 -16.94 28.26 12.92
CA GLY A 268 -16.32 28.58 11.65
C GLY A 268 -15.92 27.34 10.86
N ALA A 269 -15.06 27.56 9.86
CA ALA A 269 -14.59 26.53 8.94
C ALA A 269 -13.34 25.84 9.47
N VAL A 270 -12.39 26.62 9.98
CA VAL A 270 -11.12 26.08 10.42
C VAL A 270 -10.55 27.07 11.42
N CYS A 271 -9.64 26.58 12.25
CA CYS A 271 -8.90 27.41 13.20
C CYS A 271 -7.43 27.38 12.78
N VAL A 272 -6.73 28.51 12.91
CA VAL A 272 -5.35 28.59 12.45
C VAL A 272 -4.54 29.40 13.44
N ARG A 273 -3.28 28.99 13.58
CA ARG A 273 -2.24 29.79 14.20
C ARG A 273 -1.16 29.95 13.14
N SER A 274 -0.70 31.18 12.95
CA SER A 274 0.21 31.51 11.86
C SER A 274 1.53 32.02 12.44
N PHE A 275 2.64 31.63 11.83
CA PHE A 275 3.96 32.19 12.14
C PHE A 275 4.50 32.86 10.88
N ILE A 276 5.01 34.09 11.00
CA ILE A 276 5.03 34.96 9.81
C ILE A 276 6.40 35.51 9.40
N PRO A 277 7.48 34.74 9.45
CA PRO A 277 7.54 33.31 9.66
C PRO A 277 8.07 32.96 11.04
N HIS A 278 8.50 33.96 11.83
CA HIS A 278 9.08 33.69 13.13
C HIS A 278 8.18 34.09 14.28
N ARG A 279 7.58 35.28 14.20
CA ARG A 279 6.64 35.75 15.19
C ARG A 279 5.29 35.05 14.99
N ALA A 280 4.65 34.67 16.10
CA ALA A 280 3.23 34.28 16.01
C ALA A 280 2.40 35.49 15.62
N HIS A 281 1.49 35.29 14.66
CA HIS A 281 0.54 36.32 14.28
C HIS A 281 -0.46 36.55 15.41
N ALA A 282 -0.78 37.82 15.68
CA ALA A 282 -1.82 38.12 16.68
C ALA A 282 -3.21 37.74 16.18
N THR A 283 -3.42 37.82 14.86
CA THR A 283 -4.71 37.42 14.29
C THR A 283 -4.40 36.50 13.11
N ILE A 284 -4.62 36.96 11.87
CA ILE A 284 -4.24 36.21 10.68
C ILE A 284 -4.11 37.22 9.55
N GLY A 285 -3.19 36.95 8.62
CA GLY A 285 -3.04 37.80 7.45
C GLY A 285 -4.17 37.59 6.47
N VAL A 286 -4.43 38.61 5.66
CA VAL A 286 -5.58 38.55 4.74
C VAL A 286 -5.34 37.51 3.65
N LEU A 287 -4.27 37.65 2.88
CA LEU A 287 -4.01 36.67 1.83
C LEU A 287 -3.54 35.37 2.42
N GLY A 288 -2.90 35.44 3.59
CA GLY A 288 -2.64 34.20 4.31
C GLY A 288 -3.92 33.41 4.53
N ALA A 289 -4.98 34.10 4.99
CA ALA A 289 -6.25 33.41 5.19
C ALA A 289 -6.82 32.88 3.87
N VAL A 290 -6.65 33.63 2.76
CA VAL A 290 -7.14 33.13 1.47
C VAL A 290 -6.41 31.83 1.09
N SER A 291 -5.08 31.79 1.27
CA SER A 291 -4.38 30.53 0.99
C SER A 291 -4.90 29.40 1.87
N VAL A 292 -5.13 29.67 3.17
CA VAL A 292 -5.56 28.60 4.08
C VAL A 292 -6.96 28.14 3.70
N ALA A 293 -7.86 29.10 3.46
CA ALA A 293 -9.22 28.77 3.06
C ALA A 293 -9.23 27.95 1.79
N THR A 294 -8.33 28.27 0.85
CA THR A 294 -8.22 27.52 -0.40
C THR A 294 -7.77 26.08 -0.15
N ALA A 295 -6.82 25.89 0.77
CA ALA A 295 -6.35 24.55 1.09
C ALA A 295 -7.44 23.72 1.72
N CYS A 296 -8.36 24.36 2.46
CA CYS A 296 -9.48 23.64 3.03
C CYS A 296 -10.29 22.91 1.97
N LEU A 297 -10.26 23.40 0.73
CA LEU A 297 -11.04 22.82 -0.37
C LEU A 297 -10.30 21.73 -1.12
N ILE A 298 -9.05 21.42 -0.76
CA ILE A 298 -8.26 20.46 -1.50
C ILE A 298 -8.37 19.10 -0.80
N PRO A 299 -9.08 18.14 -1.36
CA PRO A 299 -9.22 16.83 -0.69
C PRO A 299 -7.87 16.20 -0.37
N GLY A 300 -7.76 15.64 0.83
CA GLY A 300 -6.53 15.05 1.31
C GLY A 300 -5.55 16.02 1.94
N SER A 301 -5.78 17.33 1.84
CA SER A 301 -4.90 18.25 2.53
C SER A 301 -5.12 18.11 4.03
N PRO A 302 -4.10 18.31 4.85
CA PRO A 302 -4.33 18.50 6.28
C PRO A 302 -5.45 19.48 6.58
N ALA A 303 -5.53 20.58 5.82
CA ALA A 303 -6.59 21.57 6.03
C ALA A 303 -7.96 20.94 5.79
N ALA A 304 -8.09 20.19 4.70
CA ALA A 304 -9.41 19.62 4.39
C ALA A 304 -9.86 18.65 5.47
N GLU A 305 -8.90 17.98 6.11
CA GLU A 305 -9.21 16.97 7.12
C GLU A 305 -9.80 17.59 8.40
N VAL A 306 -9.36 18.80 8.79
CA VAL A 306 -9.88 19.44 10.00
C VAL A 306 -10.99 20.44 9.72
N ALA A 307 -11.23 20.80 8.46
CA ALA A 307 -12.12 21.91 8.13
C ALA A 307 -13.58 21.46 7.98
N VAL A 308 -14.46 22.44 8.16
CA VAL A 308 -15.90 22.30 7.90
C VAL A 308 -16.21 23.22 6.74
N VAL A 309 -16.51 22.65 5.58
CA VAL A 309 -16.57 23.39 4.32
C VAL A 309 -18.03 23.44 3.87
N PRO A 310 -18.59 24.62 3.60
CA PRO A 310 -19.99 24.68 3.15
C PRO A 310 -20.15 24.32 1.68
N GLU A 311 -21.35 23.83 1.36
CA GLU A 311 -21.75 23.53 -0.01
C GLU A 311 -21.98 24.79 -0.83
N GLY A 312 -21.77 24.69 -2.14
CA GLY A 312 -22.20 25.71 -3.08
C GLY A 312 -21.03 26.46 -3.69
N ALA A 313 -21.36 27.22 -4.75
CA ALA A 313 -20.32 27.89 -5.53
C ALA A 313 -19.71 29.06 -4.78
N ARG A 314 -20.45 29.68 -3.86
N ARG A 314 -20.50 29.74 -3.95
CA ARG A 314 -19.99 30.83 -3.08
CA ARG A 314 -20.00 30.78 -3.07
C ARG A 314 -19.96 30.44 -1.60
C ARG A 314 -19.92 30.18 -1.69
N LYS A 315 -18.76 30.31 -1.04
CA LYS A 315 -18.54 29.72 0.28
C LYS A 315 -18.00 30.78 1.22
N THR A 316 -18.69 31.00 2.33
CA THR A 316 -18.18 31.87 3.39
C THR A 316 -17.40 30.98 4.35
N LEU A 317 -16.08 31.16 4.42
CA LEU A 317 -15.21 30.31 5.23
C LEU A 317 -14.70 31.16 6.39
N SER A 318 -15.20 30.90 7.59
CA SER A 318 -14.75 31.65 8.75
C SER A 318 -13.44 31.05 9.25
N ILE A 319 -12.38 31.85 9.22
CA ILE A 319 -11.03 31.41 9.64
C ILE A 319 -10.80 31.92 11.06
N GLU A 320 -10.77 31.00 12.04
CA GLU A 320 -10.65 31.40 13.43
C GLU A 320 -9.20 31.64 13.76
N HIS A 321 -8.95 32.63 14.61
CA HIS A 321 -7.57 33.01 14.91
C HIS A 321 -7.51 33.38 16.40
N PRO A 322 -6.37 33.80 16.95
CA PRO A 322 -6.28 33.97 18.41
C PRO A 322 -7.33 34.92 19.02
N THR A 323 -7.86 35.89 18.29
CA THR A 323 -8.80 36.78 18.96
C THR A 323 -10.12 36.85 18.22
N GLY A 324 -10.50 35.76 17.57
CA GLY A 324 -11.84 35.70 17.00
C GLY A 324 -11.77 35.00 15.65
N GLU A 325 -12.22 35.66 14.61
CA GLU A 325 -12.19 35.06 13.29
C GLU A 325 -12.21 36.14 12.23
N MET A 326 -11.82 35.75 11.01
N MET A 326 -11.76 35.75 11.04
CA MET A 326 -11.94 36.63 9.85
CA MET A 326 -11.89 36.54 9.82
C MET A 326 -12.50 35.80 8.71
C MET A 326 -12.61 35.68 8.81
N SER A 327 -13.65 36.23 8.18
CA SER A 327 -14.38 35.45 7.20
C SER A 327 -13.91 35.75 5.78
N CYS A 328 -13.76 34.69 5.00
CA CYS A 328 -13.25 34.75 3.64
C CYS A 328 -14.33 34.20 2.71
N VAL A 329 -14.87 35.03 1.81
CA VAL A 329 -15.89 34.56 0.89
C VAL A 329 -15.22 34.15 -0.41
N LEU A 330 -15.27 32.86 -0.72
CA LEU A 330 -14.67 32.33 -1.93
C LEU A 330 -15.76 31.95 -2.89
N GLU A 331 -15.54 32.23 -4.16
CA GLU A 331 -16.36 31.54 -5.14
C GLU A 331 -15.47 30.67 -6.02
N VAL A 332 -16.00 29.50 -6.36
CA VAL A 332 -15.29 28.45 -7.08
C VAL A 332 -15.97 28.25 -8.43
N ASP A 333 -15.19 27.93 -9.45
CA ASP A 333 -15.78 27.74 -10.77
C ASP A 333 -16.25 26.31 -10.94
N ASP A 334 -16.70 26.02 -12.17
CA ASP A 334 -16.95 24.69 -12.69
C ASP A 334 -16.16 23.61 -11.98
N ALA A 335 -14.84 23.63 -12.19
CA ALA A 335 -13.89 22.59 -11.83
C ALA A 335 -13.54 22.60 -10.35
N GLY A 336 -14.13 23.50 -9.57
CA GLY A 336 -13.79 23.64 -8.17
C GLY A 336 -12.64 24.56 -7.88
N ASN A 337 -12.12 25.28 -8.88
CA ASN A 337 -11.05 26.24 -8.65
C ASN A 337 -11.56 27.56 -8.07
N VAL A 338 -10.81 28.09 -7.09
CA VAL A 338 -11.18 29.38 -6.52
C VAL A 338 -10.91 30.46 -7.56
N VAL A 339 -11.93 31.24 -7.88
CA VAL A 339 -11.79 32.33 -8.85
C VAL A 339 -11.85 33.71 -8.22
N SER A 340 -12.34 33.83 -6.96
CA SER A 340 -12.31 35.13 -6.29
C SER A 340 -12.36 34.92 -4.79
N ALA A 341 -11.89 35.92 -4.07
CA ALA A 341 -11.88 35.93 -2.62
C ALA A 341 -12.19 37.35 -2.18
N ALA A 342 -13.14 37.49 -1.26
CA ALA A 342 -13.58 38.79 -0.75
C ALA A 342 -13.57 38.74 0.77
N LEU A 343 -13.04 39.81 1.38
CA LEU A 343 -12.83 39.90 2.82
C LEU A 343 -13.11 41.33 3.26
N LEU A 344 -13.69 41.48 4.44
CA LEU A 344 -13.93 42.81 5.01
C LEU A 344 -12.73 43.28 5.83
N ARG A 345 -12.32 44.53 5.64
CA ARG A 345 -11.28 45.14 6.48
C ARG A 345 -11.76 46.53 6.86
N THR A 346 -10.99 47.20 7.71
CA THR A 346 -11.22 48.60 8.06
C THR A 346 -9.84 49.23 8.19
N ALA A 347 -9.79 50.55 8.27
CA ALA A 347 -8.50 51.23 8.46
C ALA A 347 -8.77 52.52 9.24
N ARG A 348 -7.66 53.14 9.68
CA ARG A 348 -7.81 54.45 10.31
C ARG A 348 -6.54 55.27 10.11
N LYS A 349 -6.69 56.55 9.70
CA LYS A 349 -5.55 57.47 9.78
C LYS A 349 -5.23 57.78 11.23
N LEU A 350 -3.99 57.56 11.67
CA LEU A 350 -3.63 57.76 13.07
C LEU A 350 -2.86 59.05 13.30
N MET A 351 -1.93 59.34 12.40
CA MET A 351 -1.12 60.55 12.52
C MET A 351 -0.66 60.91 11.13
N ASP A 352 -0.65 62.20 10.83
CA ASP A 352 -0.23 62.61 9.50
C ASP A 352 0.77 63.75 9.66
N GLY A 353 1.89 63.65 8.93
CA GLY A 353 2.87 64.70 9.06
C GLY A 353 4.15 64.34 8.34
N VAL A 354 5.27 64.47 9.05
CA VAL A 354 6.61 64.28 8.50
C VAL A 354 7.36 63.36 9.47
N VAL A 355 8.00 62.28 8.93
CA VAL A 355 8.89 61.45 9.73
C VAL A 355 10.33 61.87 9.51
N PHE A 356 11.15 61.67 10.52
CA PHE A 356 12.51 62.18 10.51
C PHE A 356 13.47 61.05 10.77
N VAL A 357 14.62 61.15 10.14
CA VAL A 357 15.77 60.31 10.45
C VAL A 357 17.02 61.15 10.70
N LEU A 358 17.96 60.58 11.43
CA LEU A 358 19.21 61.27 11.57
C LEU A 358 20.09 60.98 10.34
N MET B 8 -29.32 -49.99 -28.75
CA MET B 8 -28.22 -50.53 -29.56
C MET B 8 -27.17 -51.15 -28.66
N ASP B 9 -26.64 -52.29 -29.07
CA ASP B 9 -25.63 -52.98 -28.29
C ASP B 9 -24.25 -52.93 -28.95
N SER B 10 -24.12 -52.20 -30.06
CA SER B 10 -22.80 -52.05 -30.68
C SER B 10 -22.79 -50.82 -31.57
N ALA B 11 -21.60 -50.35 -31.92
CA ALA B 11 -21.48 -49.27 -32.88
C ALA B 11 -20.16 -49.41 -33.61
N PRO B 12 -20.10 -49.05 -34.90
CA PRO B 12 -18.78 -48.84 -35.52
C PRO B 12 -17.97 -47.81 -34.73
N CYS B 13 -16.65 -48.00 -34.71
CA CYS B 13 -15.81 -47.09 -33.92
C CYS B 13 -14.36 -47.26 -34.37
N MET B 14 -13.63 -46.15 -34.42
CA MET B 14 -12.18 -46.19 -34.64
C MET B 14 -11.48 -45.77 -33.35
N TRP B 15 -10.65 -46.65 -32.79
CA TRP B 15 -9.82 -46.30 -31.63
C TRP B 15 -8.54 -45.63 -32.13
N MET B 16 -8.29 -44.38 -31.67
CA MET B 16 -7.11 -43.66 -32.15
C MET B 16 -6.35 -43.08 -30.98
N ARG B 17 -5.05 -42.84 -31.20
CA ARG B 17 -4.33 -41.86 -30.43
C ARG B 17 -4.49 -40.50 -31.10
N GLY B 18 -4.99 -39.51 -30.34
CA GLY B 18 -5.07 -38.12 -30.82
C GLY B 18 -4.09 -37.32 -29.98
N GLY B 19 -2.96 -36.88 -30.57
CA GLY B 19 -1.92 -36.23 -29.79
C GLY B 19 -1.38 -37.17 -28.71
N THR B 20 -1.40 -36.71 -27.46
CA THR B 20 -0.99 -37.49 -26.31
C THR B 20 -2.17 -38.13 -25.57
N SER B 21 -3.35 -38.17 -26.19
CA SER B 21 -4.53 -38.82 -25.59
C SER B 21 -5.01 -39.98 -26.48
N LYS B 22 -6.01 -40.73 -26.02
CA LYS B 22 -6.44 -41.91 -26.76
C LYS B 22 -7.94 -42.07 -26.56
N GLY B 23 -8.66 -42.46 -27.61
CA GLY B 23 -10.07 -42.73 -27.37
C GLY B 23 -10.81 -43.26 -28.58
N GLY B 24 -12.13 -43.28 -28.47
CA GLY B 24 -12.98 -43.80 -29.53
C GLY B 24 -13.60 -42.69 -30.37
N TYR B 25 -13.55 -42.88 -31.70
CA TYR B 25 -14.04 -41.90 -32.67
C TYR B 25 -15.25 -42.51 -33.34
N PHE B 26 -16.37 -41.81 -33.26
CA PHE B 26 -17.66 -42.28 -33.74
C PHE B 26 -18.23 -41.28 -34.73
N LEU B 27 -18.96 -41.80 -35.71
CA LEU B 27 -19.88 -40.96 -36.48
C LEU B 27 -21.11 -40.65 -35.62
N ARG B 28 -21.60 -39.41 -35.71
N ARG B 28 -21.60 -39.41 -35.71
CA ARG B 28 -22.73 -39.01 -34.89
CA ARG B 28 -22.73 -39.01 -34.88
C ARG B 28 -23.92 -39.92 -35.13
C ARG B 28 -23.92 -39.92 -35.13
N ALA B 29 -24.15 -40.30 -36.39
CA ALA B 29 -25.31 -41.12 -36.73
C ALA B 29 -25.25 -42.50 -36.12
N ASP B 30 -24.09 -42.93 -35.68
CA ASP B 30 -23.93 -44.28 -35.15
C ASP B 30 -24.21 -44.36 -33.66
N LEU B 31 -24.43 -43.23 -33.02
CA LEU B 31 -24.68 -43.17 -31.59
C LEU B 31 -26.12 -42.75 -31.35
N PRO B 32 -26.71 -43.07 -30.19
CA PRO B 32 -28.08 -42.60 -29.90
C PRO B 32 -28.21 -41.08 -30.01
N ALA B 33 -29.35 -40.62 -30.57
CA ALA B 33 -29.65 -39.20 -30.61
C ALA B 33 -29.94 -38.65 -29.22
N ASP B 34 -30.51 -39.48 -28.36
N ASP B 34 -30.59 -39.44 -28.36
CA ASP B 34 -30.83 -39.05 -27.01
CA ASP B 34 -30.85 -38.99 -27.00
C ASP B 34 -29.54 -39.03 -26.21
C ASP B 34 -29.55 -39.01 -26.22
N THR B 35 -29.20 -37.88 -25.60
CA THR B 35 -27.86 -37.81 -25.03
C THR B 35 -27.71 -38.63 -23.73
N ALA B 36 -28.80 -38.80 -22.98
CA ALA B 36 -28.73 -39.73 -21.83
C ALA B 36 -28.41 -41.17 -22.26
N ALA B 37 -29.07 -41.66 -23.32
CA ALA B 37 -28.77 -43.01 -23.81
C ALA B 37 -27.39 -43.06 -24.44
N ARG B 38 -27.01 -41.97 -25.11
CA ARG B 38 -25.65 -41.91 -25.68
C ARG B 38 -24.61 -42.03 -24.59
N ASP B 39 -24.74 -41.23 -23.54
CA ASP B 39 -23.68 -41.24 -22.51
C ASP B 39 -23.61 -42.55 -21.75
N ALA B 40 -24.77 -43.17 -21.50
CA ALA B 40 -24.76 -44.48 -20.88
C ALA B 40 -24.06 -45.50 -21.77
N PHE B 41 -24.33 -45.44 -23.09
CA PHE B 41 -23.66 -46.35 -24.02
C PHE B 41 -22.15 -46.15 -23.97
N LEU B 42 -21.72 -44.89 -23.95
CA LEU B 42 -20.28 -44.59 -23.96
C LEU B 42 -19.61 -45.03 -22.66
N LEU B 43 -20.28 -44.84 -21.49
CA LEU B 43 -19.74 -45.39 -20.24
C LEU B 43 -19.49 -46.89 -20.39
N ALA B 44 -20.47 -47.60 -20.96
CA ALA B 44 -20.33 -49.05 -21.10
C ALA B 44 -19.22 -49.43 -22.08
N VAL B 45 -19.12 -48.70 -23.19
CA VAL B 45 -18.04 -48.95 -24.15
C VAL B 45 -16.69 -48.85 -23.47
N MET B 46 -16.52 -47.82 -22.61
CA MET B 46 -15.24 -47.59 -21.95
C MET B 46 -15.00 -48.54 -20.78
N GLY B 47 -16.08 -49.06 -20.19
CA GLY B 47 -15.94 -49.85 -18.98
C GLY B 47 -15.99 -49.04 -17.70
N SER B 48 -16.61 -47.90 -17.72
CA SER B 48 -16.76 -47.00 -16.57
C SER B 48 -18.13 -47.21 -15.92
N PRO B 49 -18.26 -47.00 -14.60
CA PRO B 49 -17.16 -46.64 -13.71
C PRO B 49 -16.41 -47.88 -13.19
N ASP B 50 -15.11 -47.75 -13.11
CA ASP B 50 -14.22 -48.83 -12.67
C ASP B 50 -12.82 -48.27 -12.71
N PRO B 51 -12.13 -48.22 -11.57
CA PRO B 51 -10.77 -47.68 -11.58
C PRO B 51 -9.85 -48.40 -12.55
N ARG B 52 -10.16 -49.66 -12.83
N ARG B 52 -10.13 -49.65 -12.88
CA ARG B 52 -9.38 -50.46 -13.77
CA ARG B 52 -9.27 -50.32 -13.84
C ARG B 52 -9.89 -50.39 -15.20
C ARG B 52 -9.90 -50.44 -15.22
N GLN B 53 -11.14 -49.93 -15.41
CA GLN B 53 -11.84 -50.03 -16.71
C GLN B 53 -11.58 -51.38 -17.38
N ILE B 54 -11.79 -52.46 -16.61
CA ILE B 54 -11.34 -53.78 -17.09
C ILE B 54 -12.37 -54.35 -18.11
N ASP B 55 -13.64 -53.95 -18.03
CA ASP B 55 -14.71 -54.49 -18.87
C ASP B 55 -15.07 -53.57 -20.03
N GLY B 56 -14.11 -52.84 -20.55
CA GLY B 56 -14.36 -51.96 -21.69
C GLY B 56 -13.05 -51.47 -22.26
N MET B 57 -13.12 -50.43 -23.13
CA MET B 57 -11.95 -50.02 -23.93
C MET B 57 -11.15 -48.87 -23.29
N GLY B 58 -11.61 -48.33 -22.16
CA GLY B 58 -10.81 -47.27 -21.52
C GLY B 58 -9.51 -47.86 -21.00
N GLY B 59 -8.48 -47.00 -20.86
CA GLY B 59 -7.18 -47.45 -20.36
C GLY B 59 -6.88 -47.07 -18.91
N ALA B 60 -7.94 -46.82 -18.14
CA ALA B 60 -7.87 -46.54 -16.71
C ALA B 60 -7.13 -45.23 -16.41
N ASP B 61 -7.28 -44.23 -17.28
CA ASP B 61 -6.63 -42.89 -17.15
C ASP B 61 -7.62 -42.00 -17.89
N PRO B 62 -7.97 -40.84 -17.37
CA PRO B 62 -8.84 -39.97 -18.16
C PRO B 62 -8.28 -39.67 -19.53
N LEU B 63 -6.96 -39.57 -19.67
CA LEU B 63 -6.39 -39.27 -21.00
C LEU B 63 -6.53 -40.43 -22.00
N THR B 64 -6.95 -41.62 -21.55
CA THR B 64 -7.23 -42.72 -22.48
C THR B 64 -8.68 -43.17 -22.28
N SER B 65 -9.54 -42.24 -21.89
CA SER B 65 -10.97 -42.53 -21.70
C SER B 65 -11.77 -41.43 -22.37
N MET B 66 -11.44 -41.13 -23.62
N MET B 66 -11.45 -41.18 -23.65
CA MET B 66 -12.05 -39.97 -24.25
CA MET B 66 -11.96 -40.03 -24.38
C MET B 66 -12.80 -40.42 -25.52
C MET B 66 -12.83 -40.46 -25.55
N VAL B 67 -13.70 -39.56 -25.97
CA VAL B 67 -14.58 -39.82 -27.12
C VAL B 67 -14.65 -38.60 -28.03
N ALA B 68 -14.59 -38.86 -29.34
CA ALA B 68 -14.91 -37.86 -30.33
C ALA B 68 -16.12 -38.32 -31.13
N VAL B 69 -17.09 -37.41 -31.31
CA VAL B 69 -18.28 -37.64 -32.12
C VAL B 69 -18.19 -36.69 -33.31
N VAL B 70 -18.14 -37.25 -34.52
CA VAL B 70 -17.77 -36.47 -35.69
C VAL B 70 -18.89 -36.59 -36.72
N SER B 71 -19.19 -35.50 -37.43
CA SER B 71 -20.19 -35.58 -38.49
C SER B 71 -19.86 -34.55 -39.56
N LYS B 72 -20.37 -34.80 -40.78
CA LYS B 72 -20.17 -33.82 -41.83
C LYS B 72 -20.85 -32.51 -41.46
N SER B 73 -20.15 -31.38 -41.68
CA SER B 73 -20.70 -30.09 -41.25
C SER B 73 -21.51 -29.45 -42.37
N GLU B 74 -22.57 -28.74 -41.98
CA GLU B 74 -23.33 -27.87 -42.86
C GLU B 74 -22.93 -26.40 -42.69
N ARG B 75 -21.98 -26.08 -41.80
CA ARG B 75 -21.55 -24.70 -41.63
C ARG B 75 -20.67 -24.27 -42.81
N PRO B 76 -20.79 -23.00 -43.22
CA PRO B 76 -20.09 -22.56 -44.43
C PRO B 76 -18.58 -22.67 -44.28
N GLY B 77 -17.95 -23.36 -45.24
CA GLY B 77 -16.51 -23.57 -45.21
C GLY B 77 -16.00 -24.60 -44.24
N ILE B 78 -16.89 -25.24 -43.41
CA ILE B 78 -16.46 -26.18 -42.39
C ILE B 78 -16.65 -27.59 -42.93
N ASP B 79 -15.67 -28.46 -42.71
CA ASP B 79 -15.75 -29.80 -43.25
C ASP B 79 -16.47 -30.74 -42.30
N VAL B 80 -16.14 -30.70 -41.00
CA VAL B 80 -16.78 -31.58 -40.04
C VAL B 80 -17.05 -30.84 -38.74
N ASP B 81 -18.06 -31.34 -38.02
CA ASP B 81 -18.42 -30.91 -36.67
C ASP B 81 -17.88 -31.97 -35.71
N TYR B 82 -17.28 -31.55 -34.60
CA TYR B 82 -16.58 -32.47 -33.70
C TYR B 82 -17.02 -32.15 -32.28
N LEU B 83 -17.64 -33.13 -31.61
CA LEU B 83 -18.02 -33.02 -30.21
C LEU B 83 -17.06 -33.88 -29.38
N PHE B 84 -16.39 -33.26 -28.41
CA PHE B 84 -15.53 -33.97 -27.49
C PHE B 84 -16.31 -34.37 -26.23
N LEU B 85 -16.13 -35.62 -25.80
CA LEU B 85 -16.79 -36.10 -24.58
C LEU B 85 -15.74 -36.76 -23.72
N GLN B 86 -15.68 -36.35 -22.46
CA GLN B 86 -14.80 -36.98 -21.51
C GLN B 86 -15.61 -38.03 -20.78
N VAL B 87 -15.17 -39.29 -20.83
CA VAL B 87 -15.81 -40.37 -20.08
C VAL B 87 -15.00 -40.56 -18.81
N PHE B 88 -15.63 -40.27 -17.65
CA PHE B 88 -14.92 -40.43 -16.37
C PHE B 88 -14.54 -41.89 -16.16
N VAL B 89 -13.37 -42.09 -15.54
CA VAL B 89 -12.86 -43.44 -15.28
C VAL B 89 -13.68 -44.12 -14.20
N ASP B 90 -13.86 -43.46 -13.05
CA ASP B 90 -14.45 -44.15 -11.91
C ASP B 90 -15.69 -43.43 -11.38
N GLN B 91 -16.36 -42.67 -12.23
CA GLN B 91 -17.72 -42.19 -11.97
C GLN B 91 -18.55 -42.38 -13.23
N ALA B 92 -19.88 -42.49 -13.03
CA ALA B 92 -20.79 -42.69 -14.18
C ALA B 92 -21.15 -41.31 -14.73
N ILE B 93 -20.14 -40.65 -15.28
CA ILE B 93 -20.27 -39.28 -15.74
C ILE B 93 -19.59 -39.14 -17.11
N VAL B 94 -20.27 -38.46 -18.02
CA VAL B 94 -19.72 -38.04 -19.30
C VAL B 94 -19.93 -36.52 -19.38
N THR B 95 -18.87 -35.75 -19.59
CA THR B 95 -18.98 -34.29 -19.66
C THR B 95 -18.70 -33.76 -21.07
N ASP B 96 -19.35 -32.64 -21.37
CA ASP B 96 -19.26 -32.07 -22.71
C ASP B 96 -18.88 -30.60 -22.67
N ALA B 97 -18.38 -30.12 -21.53
CA ALA B 97 -18.22 -28.68 -21.37
C ALA B 97 -17.03 -28.12 -22.13
N GLN B 98 -16.02 -28.94 -22.43
CA GLN B 98 -14.75 -28.35 -22.86
C GLN B 98 -14.36 -28.85 -24.24
N ASN B 99 -13.47 -28.08 -24.87
CA ASN B 99 -12.70 -28.54 -26.04
C ASN B 99 -11.68 -29.59 -25.66
N CYS B 100 -11.12 -30.27 -26.68
CA CYS B 100 -9.93 -31.10 -26.45
C CYS B 100 -9.09 -31.10 -27.71
N GLY B 101 -7.97 -30.35 -27.70
CA GLY B 101 -7.13 -30.20 -28.88
C GLY B 101 -6.29 -31.43 -29.19
N ASN B 102 -5.98 -32.25 -28.19
CA ASN B 102 -5.29 -33.50 -28.48
C ASN B 102 -6.19 -34.45 -29.27
N ILE B 103 -7.42 -34.71 -28.77
CA ILE B 103 -8.33 -35.59 -29.50
C ILE B 103 -8.69 -34.98 -30.85
N LEU B 104 -8.74 -33.64 -30.93
CA LEU B 104 -8.89 -32.95 -32.20
C LEU B 104 -7.93 -33.49 -33.27
N ALA B 105 -6.70 -33.82 -32.88
CA ALA B 105 -5.71 -34.21 -33.89
C ALA B 105 -6.18 -35.42 -34.68
N GLY B 106 -6.93 -36.35 -34.00
CA GLY B 106 -7.41 -37.52 -34.74
C GLY B 106 -8.64 -37.25 -35.62
N VAL B 107 -9.30 -36.10 -35.46
CA VAL B 107 -10.59 -35.87 -36.15
C VAL B 107 -10.41 -35.76 -37.67
N GLY B 108 -9.41 -35.00 -38.13
CA GLY B 108 -9.20 -34.84 -39.56
C GLY B 108 -8.95 -36.18 -40.27
N PRO B 109 -7.95 -36.94 -39.80
CA PRO B 109 -7.70 -38.26 -40.43
C PRO B 109 -8.92 -39.18 -40.37
N PHE B 110 -9.59 -39.21 -39.21
CA PHE B 110 -10.80 -39.99 -39.04
C PHE B 110 -11.82 -39.59 -40.11
N ALA B 111 -12.05 -38.28 -40.25
CA ALA B 111 -13.07 -37.81 -41.18
C ALA B 111 -12.74 -38.18 -42.63
N ILE B 112 -11.46 -38.10 -42.99
CA ILE B 112 -11.05 -38.47 -44.35
C ILE B 112 -11.19 -39.96 -44.57
N GLU B 113 -10.78 -40.76 -43.57
CA GLU B 113 -10.91 -42.21 -43.73
C GLU B 113 -12.37 -42.61 -43.89
N ARG B 114 -13.28 -41.99 -43.11
CA ARG B 114 -14.72 -42.29 -43.17
C ARG B 114 -15.44 -41.65 -44.35
N GLY B 115 -14.74 -40.91 -45.19
CA GLY B 115 -15.34 -40.31 -46.37
C GLY B 115 -16.17 -39.09 -46.09
N LEU B 116 -16.08 -38.49 -44.90
CA LEU B 116 -16.80 -37.25 -44.61
C LEU B 116 -16.18 -36.07 -45.34
N VAL B 117 -14.90 -36.18 -45.65
CA VAL B 117 -14.09 -35.15 -46.28
C VAL B 117 -13.26 -35.83 -47.36
N ALA B 118 -13.24 -35.29 -48.57
CA ALA B 118 -12.39 -35.89 -49.59
C ALA B 118 -10.92 -35.52 -49.42
N ALA B 119 -10.02 -36.47 -49.68
CA ALA B 119 -8.61 -36.10 -49.79
C ALA B 119 -8.45 -35.12 -50.96
N SER B 120 -7.59 -34.12 -50.76
N SER B 120 -7.55 -34.15 -50.79
CA SER B 120 -7.38 -33.06 -51.75
CA SER B 120 -7.39 -33.06 -51.75
C SER B 120 -5.87 -32.90 -51.94
C SER B 120 -5.89 -32.85 -51.99
N GLY B 121 -5.34 -33.57 -52.95
CA GLY B 121 -3.90 -33.59 -53.18
C GLY B 121 -3.19 -34.38 -52.08
N ASP B 122 -1.91 -34.03 -51.86
CA ASP B 122 -1.07 -34.75 -50.91
C ASP B 122 -1.21 -34.27 -49.47
N GLU B 123 -1.75 -33.08 -49.24
CA GLU B 123 -2.09 -32.62 -47.89
C GLU B 123 -3.51 -32.09 -47.94
N THR B 124 -4.34 -32.50 -47.00
CA THR B 124 -5.76 -32.12 -47.03
C THR B 124 -6.05 -31.22 -45.84
N ARG B 125 -6.51 -30.01 -46.12
CA ARG B 125 -6.92 -29.08 -45.08
C ARG B 125 -8.31 -29.46 -44.61
N VAL B 126 -8.50 -29.59 -43.30
CA VAL B 126 -9.80 -29.92 -42.69
C VAL B 126 -10.16 -28.82 -41.71
N ALA B 127 -11.24 -28.13 -42.00
CA ALA B 127 -11.79 -27.13 -41.09
C ALA B 127 -12.80 -27.81 -40.18
N ILE B 128 -12.63 -27.68 -38.86
CA ILE B 128 -13.35 -28.46 -37.86
C ILE B 128 -14.07 -27.51 -36.92
N PHE B 129 -15.38 -27.66 -36.79
CA PHE B 129 -16.16 -26.88 -35.80
C PHE B 129 -16.16 -27.65 -34.48
N MET B 130 -15.56 -27.05 -33.46
CA MET B 130 -15.50 -27.68 -32.13
C MET B 130 -16.81 -27.37 -31.44
N GLU B 131 -17.70 -28.37 -31.41
CA GLU B 131 -19.07 -28.13 -30.99
C GLU B 131 -19.15 -27.68 -29.53
N ASN B 132 -18.22 -28.13 -28.70
CA ASN B 132 -18.34 -27.86 -27.26
C ASN B 132 -18.27 -26.38 -26.97
N THR B 133 -17.48 -25.62 -27.74
CA THR B 133 -17.33 -24.19 -27.52
C THR B 133 -17.74 -23.33 -28.72
N GLY B 134 -18.07 -23.94 -29.83
CA GLY B 134 -18.52 -23.21 -30.97
C GLY B 134 -17.41 -22.53 -31.72
N GLN B 135 -16.17 -23.01 -31.60
CA GLN B 135 -15.16 -22.37 -32.43
C GLN B 135 -14.56 -23.31 -33.44
N VAL B 136 -13.91 -22.70 -34.41
CA VAL B 136 -13.37 -23.38 -35.58
C VAL B 136 -11.87 -23.58 -35.41
N ALA B 137 -11.40 -24.79 -35.67
CA ALA B 137 -9.99 -25.13 -35.73
C ALA B 137 -9.70 -25.69 -37.11
N VAL B 138 -8.44 -25.64 -37.52
CA VAL B 138 -8.01 -26.16 -38.81
C VAL B 138 -6.91 -27.17 -38.57
N ALA B 139 -7.00 -28.33 -39.22
CA ALA B 139 -5.95 -29.34 -39.16
C ALA B 139 -5.57 -29.72 -40.58
N THR B 140 -4.29 -29.96 -40.84
CA THR B 140 -3.87 -30.35 -42.17
C THR B 140 -3.30 -31.76 -42.08
N VAL B 141 -3.84 -32.66 -42.91
CA VAL B 141 -3.58 -34.09 -42.85
C VAL B 141 -2.79 -34.54 -44.09
N ARG B 142 -1.72 -35.32 -43.86
CA ARG B 142 -0.98 -35.95 -44.94
C ARG B 142 -1.81 -37.02 -45.61
N THR B 143 -2.04 -36.84 -46.93
CA THR B 143 -2.87 -37.78 -47.69
C THR B 143 -2.13 -38.16 -48.97
N PRO B 144 -0.88 -38.62 -48.85
CA PRO B 144 -0.12 -38.96 -50.05
C PRO B 144 -0.91 -39.96 -50.91
N GLY B 145 -1.04 -39.64 -52.20
CA GLY B 145 -1.78 -40.51 -53.09
C GLY B 145 -3.25 -40.61 -52.77
N GLY B 146 -3.82 -39.60 -52.10
CA GLY B 146 -5.23 -39.57 -51.79
C GLY B 146 -5.66 -40.44 -50.64
N SER B 147 -4.74 -40.98 -49.84
CA SER B 147 -5.09 -41.74 -48.65
C SER B 147 -4.35 -41.19 -47.45
N VAL B 148 -5.04 -41.16 -46.31
CA VAL B 148 -4.43 -40.74 -45.07
C VAL B 148 -3.21 -41.60 -44.77
N THR B 149 -2.12 -40.97 -44.35
CA THR B 149 -1.03 -41.75 -43.74
C THR B 149 -0.82 -41.31 -42.30
N TYR B 150 -0.35 -42.24 -41.45
CA TYR B 150 0.03 -41.85 -40.08
C TYR B 150 1.54 -41.89 -39.90
N ALA B 151 2.27 -42.28 -40.95
CA ALA B 151 3.72 -42.40 -40.85
C ALA B 151 4.35 -41.09 -41.29
N GLY B 152 5.49 -40.74 -40.70
CA GLY B 152 6.20 -39.54 -41.12
C GLY B 152 7.32 -39.24 -40.14
N ASP B 153 7.84 -38.01 -40.23
N ASP B 153 7.83 -38.00 -40.22
CA ASP B 153 9.01 -37.62 -39.46
CA ASP B 153 9.01 -37.59 -39.49
C ASP B 153 8.70 -36.67 -38.31
C ASP B 153 8.70 -36.79 -38.24
N ALA B 154 7.44 -36.48 -37.97
CA ALA B 154 7.09 -35.58 -36.87
C ALA B 154 7.14 -36.34 -35.54
N ALA B 155 7.50 -35.61 -34.47
CA ALA B 155 7.51 -36.16 -33.11
C ALA B 155 6.90 -35.15 -32.16
N ILE B 156 6.23 -35.66 -31.13
CA ILE B 156 5.70 -34.85 -30.04
C ILE B 156 6.10 -35.51 -28.72
N ASP B 157 6.52 -34.69 -27.75
CA ASP B 157 6.87 -35.27 -26.46
C ASP B 157 5.66 -35.94 -25.80
N GLY B 158 5.91 -37.10 -25.22
CA GLY B 158 4.83 -37.89 -24.63
C GLY B 158 4.37 -39.03 -25.51
N VAL B 159 4.89 -39.09 -26.75
CA VAL B 159 4.58 -40.16 -27.69
C VAL B 159 5.90 -40.72 -28.23
N PRO B 160 6.17 -42.02 -28.13
CA PRO B 160 7.39 -42.56 -28.76
C PRO B 160 7.32 -42.58 -30.28
N GLY B 161 8.49 -42.54 -30.92
CA GLY B 161 8.55 -42.69 -32.35
C GLY B 161 8.19 -41.42 -33.11
N THR B 162 7.93 -41.61 -34.40
CA THR B 162 7.59 -40.50 -35.28
C THR B 162 6.37 -40.88 -36.08
N HIS B 163 5.66 -39.84 -36.56
CA HIS B 163 4.36 -40.00 -37.21
C HIS B 163 4.18 -38.86 -38.22
N ALA B 164 3.09 -38.94 -39.00
CA ALA B 164 2.77 -37.88 -39.95
C ALA B 164 2.41 -36.61 -39.17
N PRO B 165 2.92 -35.45 -39.55
CA PRO B 165 2.58 -34.23 -38.81
C PRO B 165 1.15 -33.82 -39.05
N ILE B 166 0.54 -33.27 -38.01
CA ILE B 166 -0.79 -32.65 -38.14
C ILE B 166 -0.69 -31.25 -37.54
N PRO B 167 -0.29 -30.26 -38.33
CA PRO B 167 -0.34 -28.87 -37.87
C PRO B 167 -1.77 -28.46 -37.59
N THR B 168 -1.98 -27.84 -36.44
CA THR B 168 -3.31 -27.40 -36.05
C THR B 168 -3.26 -25.90 -35.78
N GLU B 169 -4.31 -25.20 -36.20
N GLU B 169 -4.29 -25.17 -36.21
CA GLU B 169 -4.40 -23.75 -36.10
CA GLU B 169 -4.33 -23.73 -36.02
C GLU B 169 -5.69 -23.38 -35.35
C GLU B 169 -5.66 -23.27 -35.44
N PHE B 170 -5.59 -22.38 -34.45
CA PHE B 170 -6.76 -21.89 -33.73
C PHE B 170 -6.80 -20.38 -33.85
N ARG B 171 -7.98 -19.84 -34.15
CA ARG B 171 -8.18 -18.41 -34.23
C ARG B 171 -9.48 -18.09 -33.47
N ASP B 172 -9.64 -16.84 -33.05
CA ASP B 172 -10.85 -16.45 -32.30
C ASP B 172 -11.15 -17.40 -31.12
N THR B 173 -10.14 -17.69 -30.30
CA THR B 173 -10.29 -18.62 -29.17
C THR B 173 -10.75 -17.98 -27.86
N ALA B 174 -10.57 -16.67 -27.72
CA ALA B 174 -10.70 -16.02 -26.42
C ALA B 174 -12.12 -16.13 -25.89
N GLY B 175 -12.23 -16.48 -24.62
CA GLY B 175 -13.52 -16.45 -23.95
C GLY B 175 -14.53 -17.44 -24.46
N SER B 176 -14.07 -18.53 -25.08
CA SER B 176 -15.00 -19.44 -25.71
C SER B 176 -15.90 -20.14 -24.70
N SER B 177 -15.47 -20.23 -23.46
CA SER B 177 -16.23 -20.89 -22.41
C SER B 177 -16.65 -19.95 -21.30
N CYS B 178 -15.92 -18.85 -21.10
CA CYS B 178 -16.11 -17.95 -19.98
C CYS B 178 -16.66 -16.59 -20.42
N GLY B 179 -16.81 -16.38 -21.74
CA GLY B 179 -17.34 -15.15 -22.28
C GLY B 179 -16.30 -14.06 -22.46
N ALA B 180 -15.15 -14.19 -21.82
CA ALA B 180 -14.07 -13.24 -21.99
C ALA B 180 -12.77 -13.99 -21.81
N LEU B 181 -11.69 -13.41 -22.32
CA LEU B 181 -10.36 -13.94 -22.02
C LEU B 181 -10.13 -13.94 -20.52
N LEU B 182 -10.42 -12.81 -19.86
CA LEU B 182 -10.39 -12.70 -18.40
C LEU B 182 -11.81 -12.57 -17.85
N PRO B 183 -12.49 -13.65 -17.52
CA PRO B 183 -13.89 -13.54 -17.04
C PRO B 183 -14.05 -12.72 -15.75
N SER B 184 -13.00 -12.61 -14.93
CA SER B 184 -13.06 -11.76 -13.75
C SER B 184 -12.86 -10.28 -14.08
N GLY B 185 -12.43 -9.95 -15.29
CA GLY B 185 -12.06 -8.61 -15.64
C GLY B 185 -10.66 -8.20 -15.23
N ASN B 186 -9.96 -9.03 -14.45
CA ASN B 186 -8.63 -8.70 -13.93
C ASN B 186 -7.60 -9.72 -14.38
N ALA B 187 -6.36 -9.21 -14.55
CA ALA B 187 -5.22 -10.05 -14.92
C ALA B 187 -4.79 -10.94 -13.77
N VAL B 188 -4.81 -10.41 -12.55
CA VAL B 188 -4.49 -11.13 -11.33
C VAL B 188 -5.67 -10.97 -10.38
N ASP B 189 -6.03 -12.05 -9.68
CA ASP B 189 -7.02 -12.03 -8.61
C ASP B 189 -6.45 -12.80 -7.44
N VAL B 190 -6.44 -12.19 -6.27
CA VAL B 190 -5.92 -12.87 -5.08
C VAL B 190 -7.00 -13.81 -4.54
N VAL B 191 -6.67 -15.09 -4.46
CA VAL B 191 -7.56 -16.12 -3.91
C VAL B 191 -6.78 -16.83 -2.82
N ASN B 192 -7.27 -16.75 -1.58
CA ASN B 192 -6.59 -17.34 -0.44
C ASN B 192 -5.13 -16.87 -0.40
N GLY B 193 -4.95 -15.55 -0.54
CA GLY B 193 -3.65 -14.94 -0.41
C GLY B 193 -2.71 -15.13 -1.58
N LEU B 194 -3.03 -16.05 -2.56
CA LEU B 194 -2.19 -16.38 -3.71
C LEU B 194 -2.70 -15.65 -4.94
N PRO B 195 -1.81 -14.98 -5.68
CA PRO B 195 -2.23 -14.39 -6.96
C PRO B 195 -2.48 -15.49 -7.98
N VAL B 196 -3.62 -15.39 -8.69
CA VAL B 196 -3.97 -16.32 -9.75
C VAL B 196 -4.45 -15.51 -10.95
N THR B 197 -4.31 -16.09 -12.15
CA THR B 197 -4.90 -15.51 -13.36
C THR B 197 -5.99 -16.46 -13.82
N LEU B 198 -7.23 -15.96 -13.85
CA LEU B 198 -8.35 -16.71 -14.38
C LEU B 198 -8.45 -16.34 -15.85
N ILE B 199 -8.20 -17.31 -16.74
CA ILE B 199 -8.03 -16.99 -18.15
C ILE B 199 -8.63 -18.10 -18.99
N ASP B 200 -9.23 -17.71 -20.12
CA ASP B 200 -9.84 -18.68 -21.05
C ASP B 200 -9.43 -18.27 -22.47
N ASN B 201 -8.36 -18.86 -22.98
CA ASN B 201 -8.09 -18.67 -24.41
C ASN B 201 -8.15 -20.02 -25.14
N GLY B 202 -9.30 -20.70 -25.02
CA GLY B 202 -9.50 -22.01 -25.62
C GLY B 202 -9.79 -23.08 -24.59
N MET B 203 -9.39 -22.86 -23.36
CA MET B 203 -9.60 -23.79 -22.25
C MET B 203 -9.63 -22.94 -20.98
N PRO B 204 -10.68 -23.00 -20.16
CA PRO B 204 -10.65 -22.21 -18.91
C PRO B 204 -9.59 -22.77 -17.96
N CYS B 205 -8.73 -21.89 -17.47
CA CYS B 205 -7.63 -22.25 -16.57
C CYS B 205 -7.50 -21.29 -15.41
N VAL B 206 -7.09 -21.83 -14.26
CA VAL B 206 -6.54 -21.02 -13.17
C VAL B 206 -5.03 -21.13 -13.26
N VAL B 207 -4.34 -20.00 -13.44
CA VAL B 207 -2.90 -20.02 -13.63
C VAL B 207 -2.25 -19.40 -12.39
N MET B 208 -1.42 -20.20 -11.70
CA MET B 208 -0.73 -19.71 -10.52
C MET B 208 0.68 -20.29 -10.44
N LYS B 209 1.51 -19.67 -9.60
CA LYS B 209 2.88 -20.12 -9.40
C LYS B 209 2.90 -21.42 -8.60
N ALA B 210 3.60 -22.43 -9.11
CA ALA B 210 3.72 -23.68 -8.37
C ALA B 210 4.28 -23.45 -6.98
N ALA B 211 5.20 -22.48 -6.84
CA ALA B 211 5.83 -22.19 -5.55
C ALA B 211 4.82 -21.74 -4.52
N ASP B 212 3.78 -21.01 -4.93
CA ASP B 212 2.79 -20.48 -4.00
C ASP B 212 1.88 -21.55 -3.40
N VAL B 213 1.88 -22.77 -3.93
CA VAL B 213 1.16 -23.86 -3.27
C VAL B 213 2.09 -25.01 -2.93
N GLY B 214 3.36 -24.70 -2.67
CA GLY B 214 4.25 -25.60 -1.95
C GLY B 214 4.87 -26.74 -2.74
N ILE B 215 4.96 -26.63 -4.06
CA ILE B 215 5.76 -27.54 -4.88
C ILE B 215 6.71 -26.71 -5.72
N THR B 216 7.63 -27.39 -6.42
CA THR B 216 8.52 -26.66 -7.33
C THR B 216 7.94 -26.47 -8.72
N GLY B 217 6.98 -27.31 -9.13
CA GLY B 217 6.59 -27.31 -10.53
C GLY B 217 7.36 -28.28 -11.42
N TYR B 218 8.33 -29.01 -10.87
CA TYR B 218 9.17 -29.93 -11.63
C TYR B 218 8.94 -31.39 -11.28
N GLU B 219 8.06 -31.68 -10.33
CA GLU B 219 7.77 -33.04 -9.89
C GLU B 219 7.15 -33.84 -11.03
N ASP B 220 7.26 -35.17 -10.93
CA ASP B 220 6.66 -36.02 -11.96
C ASP B 220 5.18 -36.24 -11.66
N ARG B 221 4.48 -36.86 -12.63
CA ARG B 221 3.03 -37.05 -12.52
C ARG B 221 2.64 -37.85 -11.27
N ASP B 222 3.33 -38.95 -10.99
CA ASP B 222 3.03 -39.77 -9.81
C ASP B 222 3.21 -39.00 -8.52
N SER B 223 4.32 -38.26 -8.40
CA SER B 223 4.53 -37.53 -7.15
C SER B 223 3.45 -36.49 -6.94
N LEU B 224 3.02 -35.83 -8.03
CA LEU B 224 1.93 -34.87 -7.94
C LEU B 224 0.60 -35.58 -7.63
N ASP B 225 0.34 -36.70 -8.30
CA ASP B 225 -0.91 -37.43 -8.04
C ASP B 225 -0.99 -37.94 -6.60
N ALA B 226 0.11 -38.00 -5.87
CA ALA B 226 0.11 -38.53 -4.52
C ALA B 226 0.12 -37.44 -3.45
N ASN B 227 0.19 -36.18 -3.86
CA ASN B 227 0.33 -35.09 -2.91
C ASN B 227 -1.07 -34.62 -2.53
N ALA B 228 -1.67 -35.33 -1.56
CA ALA B 228 -3.03 -35.01 -1.14
C ALA B 228 -3.12 -33.57 -0.64
N GLU B 229 -2.08 -33.09 0.06
N GLU B 229 -2.06 -33.09 0.01
CA GLU B 229 -2.12 -31.71 0.52
CA GLU B 229 -2.05 -31.73 0.54
C GLU B 229 -2.22 -30.75 -0.65
C GLU B 229 -2.10 -30.70 -0.58
N LEU B 230 -1.36 -30.93 -1.66
CA LEU B 230 -1.42 -30.05 -2.82
C LEU B 230 -2.78 -30.15 -3.50
N LYS B 231 -3.23 -31.38 -3.77
CA LYS B 231 -4.49 -31.55 -4.50
C LYS B 231 -5.62 -30.90 -3.73
N ALA B 232 -5.58 -30.95 -2.39
CA ALA B 232 -6.62 -30.30 -1.62
C ALA B 232 -6.48 -28.78 -1.66
N LYS B 233 -5.23 -28.29 -1.64
CA LYS B 233 -5.01 -26.83 -1.68
C LYS B 233 -5.51 -26.25 -2.99
N ILE B 234 -5.25 -26.93 -4.11
CA ILE B 234 -5.67 -26.37 -5.38
C ILE B 234 -7.17 -26.59 -5.60
N GLU B 235 -7.69 -27.73 -5.13
CA GLU B 235 -9.12 -28.03 -5.30
C GLU B 235 -9.99 -27.04 -4.54
N ALA B 236 -9.52 -26.56 -3.39
CA ALA B 236 -10.23 -25.50 -2.70
C ALA B 236 -10.18 -24.20 -3.49
N ILE B 237 -9.08 -23.92 -4.18
CA ILE B 237 -9.04 -22.74 -5.04
C ILE B 237 -9.96 -22.91 -6.23
N ARG B 238 -9.97 -24.09 -6.85
CA ARG B 238 -10.82 -24.32 -8.01
C ARG B 238 -12.28 -24.09 -7.66
N LEU B 239 -12.77 -24.80 -6.63
CA LEU B 239 -14.15 -24.63 -6.16
C LEU B 239 -14.44 -23.18 -5.76
N ALA B 240 -13.42 -22.42 -5.38
CA ALA B 240 -13.64 -21.05 -4.93
C ALA B 240 -13.81 -20.05 -6.06
N VAL B 241 -13.53 -20.42 -7.32
CA VAL B 241 -13.51 -19.45 -8.42
C VAL B 241 -14.42 -19.83 -9.58
N GLY B 242 -15.11 -20.97 -9.51
CA GLY B 242 -15.95 -21.41 -10.61
C GLY B 242 -16.92 -20.34 -11.09
N GLU B 243 -17.67 -19.75 -10.16
CA GLU B 243 -18.68 -18.76 -10.53
C GLU B 243 -18.06 -17.50 -11.11
N LEU B 244 -16.92 -17.07 -10.58
CA LEU B 244 -16.23 -15.89 -11.08
C LEU B 244 -15.73 -16.10 -12.51
N MET B 245 -15.53 -17.34 -12.93
CA MET B 245 -15.16 -17.65 -14.31
C MET B 245 -16.39 -17.91 -15.20
N ASN B 246 -17.59 -17.65 -14.68
CA ASN B 246 -18.85 -17.88 -15.40
C ASN B 246 -19.02 -19.36 -15.74
N LEU B 247 -18.48 -20.23 -14.89
CA LEU B 247 -18.63 -21.68 -15.02
C LEU B 247 -19.60 -22.30 -14.02
N GLY B 248 -20.31 -21.51 -13.22
CA GLY B 248 -21.28 -22.11 -12.30
C GLY B 248 -20.64 -22.96 -11.21
N ASP B 249 -21.24 -24.13 -10.96
N ASP B 249 -21.26 -24.13 -10.95
CA ASP B 249 -20.81 -24.99 -9.85
CA ASP B 249 -20.84 -25.05 -9.88
C ASP B 249 -19.94 -26.11 -10.43
C ASP B 249 -19.93 -26.10 -10.50
N VAL B 250 -18.62 -25.94 -10.28
CA VAL B 250 -17.65 -26.82 -10.95
C VAL B 250 -17.42 -28.13 -10.23
N THR B 251 -18.12 -28.40 -9.12
CA THR B 251 -17.81 -29.53 -8.25
C THR B 251 -17.62 -30.85 -8.99
N GLU B 252 -18.57 -31.20 -9.88
CA GLU B 252 -18.44 -32.44 -10.65
C GLU B 252 -18.16 -32.18 -12.14
N LYS B 253 -17.64 -31.01 -12.46
CA LYS B 253 -17.20 -30.63 -13.80
C LYS B 253 -15.72 -30.99 -14.01
N SER B 254 -15.28 -30.93 -15.28
CA SER B 254 -13.89 -31.13 -15.70
C SER B 254 -13.09 -29.82 -15.77
N VAL B 255 -13.71 -28.71 -15.41
CA VAL B 255 -13.17 -27.38 -15.70
C VAL B 255 -13.41 -26.49 -14.50
N PRO B 256 -12.57 -25.45 -14.32
CA PRO B 256 -11.37 -25.07 -15.08
C PRO B 256 -10.19 -26.02 -14.78
N LYS B 257 -9.20 -26.02 -15.68
CA LYS B 257 -7.95 -26.69 -15.44
C LYS B 257 -7.08 -25.85 -14.52
N MET B 258 -6.35 -26.53 -13.62
CA MET B 258 -5.41 -25.87 -12.71
C MET B 258 -4.00 -25.97 -13.28
N MET B 259 -3.36 -24.82 -13.48
CA MET B 259 -2.07 -24.71 -14.18
C MET B 259 -1.07 -24.10 -13.23
N LEU B 260 -0.12 -24.89 -12.75
CA LEU B 260 0.91 -24.42 -11.83
C LEU B 260 2.22 -24.20 -12.59
N VAL B 261 2.66 -22.95 -12.64
CA VAL B 261 3.76 -22.57 -13.51
C VAL B 261 5.01 -22.32 -12.69
N ALA B 262 6.15 -22.51 -13.35
CA ALA B 262 7.47 -22.34 -12.75
C ALA B 262 8.41 -21.83 -13.84
N PRO B 263 9.58 -21.30 -13.48
CA PRO B 263 10.53 -20.88 -14.52
C PRO B 263 10.88 -22.04 -15.43
N PRO B 264 11.19 -21.76 -16.70
CA PRO B 264 11.60 -22.84 -17.60
C PRO B 264 12.97 -23.36 -17.23
N ARG B 265 13.22 -24.63 -17.56
CA ARG B 265 14.48 -25.30 -17.25
C ARG B 265 15.22 -25.83 -18.46
N ASP B 266 14.57 -26.01 -19.62
CA ASP B 266 15.21 -26.60 -20.79
C ASP B 266 15.18 -25.67 -22.00
N GLY B 267 15.29 -24.37 -21.75
CA GLY B 267 15.36 -23.38 -22.78
C GLY B 267 14.03 -22.88 -23.29
N GLY B 268 12.91 -23.31 -22.69
CA GLY B 268 11.58 -22.88 -23.10
C GLY B 268 11.15 -21.56 -22.50
N ALA B 269 9.83 -21.31 -22.61
CA ALA B 269 9.19 -20.10 -22.10
C ALA B 269 8.75 -20.25 -20.65
N VAL B 270 8.20 -21.42 -20.30
CA VAL B 270 7.62 -21.61 -18.96
C VAL B 270 7.48 -23.11 -18.75
N CYS B 271 7.48 -23.51 -17.48
CA CYS B 271 7.18 -24.87 -17.05
C CYS B 271 5.79 -24.89 -16.45
N VAL B 272 5.04 -25.97 -16.69
CA VAL B 272 3.68 -26.12 -16.18
C VAL B 272 3.51 -27.51 -15.63
N ARG B 273 2.76 -27.60 -14.54
CA ARG B 273 2.10 -28.84 -14.12
C ARG B 273 0.60 -28.57 -14.10
N SER B 274 -0.15 -29.39 -14.81
CA SER B 274 -1.59 -29.20 -15.00
C SER B 274 -2.38 -30.26 -14.24
N PHE B 275 -3.50 -29.84 -13.63
CA PHE B 275 -4.49 -30.74 -13.02
C PHE B 275 -5.84 -30.53 -13.69
N ILE B 276 -6.50 -31.62 -14.07
CA ILE B 276 -7.44 -31.52 -15.20
C ILE B 276 -8.86 -31.96 -14.88
N PRO B 277 -9.45 -31.58 -13.73
CA PRO B 277 -9.01 -30.66 -12.66
C PRO B 277 -8.40 -31.36 -11.45
N HIS B 278 -8.49 -32.68 -11.36
CA HIS B 278 -8.01 -33.43 -10.18
C HIS B 278 -6.77 -34.24 -10.49
N ARG B 279 -6.85 -35.07 -11.52
N ARG B 279 -6.86 -35.07 -11.52
CA ARG B 279 -5.71 -35.86 -11.94
CA ARG B 279 -5.72 -35.86 -11.95
C ARG B 279 -4.64 -34.96 -12.53
C ARG B 279 -4.64 -34.94 -12.52
N ALA B 280 -3.38 -35.25 -12.17
CA ALA B 280 -2.27 -34.54 -12.80
C ALA B 280 -2.19 -34.97 -14.27
N HIS B 281 -1.93 -34.01 -15.15
CA HIS B 281 -1.77 -34.33 -16.56
C HIS B 281 -0.41 -34.98 -16.80
N ALA B 282 -0.38 -36.00 -17.68
CA ALA B 282 0.92 -36.61 -18.02
C ALA B 282 1.79 -35.68 -18.86
N THR B 283 1.16 -34.78 -19.62
CA THR B 283 1.94 -33.86 -20.48
C THR B 283 1.28 -32.50 -20.31
N ILE B 284 0.57 -32.02 -21.33
CA ILE B 284 -0.24 -30.80 -21.19
C ILE B 284 -1.30 -30.83 -22.27
N GLY B 285 -2.50 -30.30 -21.98
CA GLY B 285 -3.51 -30.15 -23.00
C GLY B 285 -3.16 -29.08 -24.03
N VAL B 286 -3.71 -29.22 -25.25
CA VAL B 286 -3.38 -28.30 -26.35
C VAL B 286 -3.95 -26.92 -26.07
N LEU B 287 -5.27 -26.80 -25.89
CA LEU B 287 -5.82 -25.47 -25.59
C LEU B 287 -5.47 -25.04 -24.18
N GLY B 288 -5.25 -26.00 -23.27
CA GLY B 288 -4.71 -25.62 -21.99
C GLY B 288 -3.39 -24.87 -22.15
N ALA B 289 -2.50 -25.41 -22.99
CA ALA B 289 -1.21 -24.75 -23.23
C ALA B 289 -1.39 -23.39 -23.88
N VAL B 290 -2.39 -23.25 -24.76
CA VAL B 290 -2.66 -21.94 -25.38
C VAL B 290 -3.06 -20.91 -24.33
N SER B 291 -3.95 -21.29 -23.40
CA SER B 291 -4.29 -20.36 -22.32
C SER B 291 -3.06 -20.00 -21.48
N VAL B 292 -2.22 -20.99 -21.17
CA VAL B 292 -1.06 -20.70 -20.35
C VAL B 292 -0.11 -19.78 -21.09
N ALA B 293 0.14 -20.09 -22.36
CA ALA B 293 1.05 -19.27 -23.15
C ALA B 293 0.51 -17.85 -23.25
N THR B 294 -0.83 -17.71 -23.37
CA THR B 294 -1.45 -16.38 -23.37
C THR B 294 -1.23 -15.67 -22.04
N ALA B 295 -1.37 -16.39 -20.92
CA ALA B 295 -1.15 -15.77 -19.61
C ALA B 295 0.25 -15.19 -19.46
N CYS B 296 1.26 -15.82 -20.09
CA CYS B 296 2.64 -15.35 -20.00
C CYS B 296 2.81 -13.95 -20.56
N LEU B 297 1.95 -13.52 -21.48
CA LEU B 297 2.04 -12.20 -22.08
C LEU B 297 1.27 -11.13 -21.32
N ILE B 298 0.70 -11.46 -20.16
CA ILE B 298 -0.08 -10.51 -19.39
C ILE B 298 0.83 -9.90 -18.32
N PRO B 299 1.17 -8.61 -18.41
CA PRO B 299 2.10 -8.02 -17.45
C PRO B 299 1.59 -8.14 -16.02
N GLY B 300 2.49 -8.55 -15.11
CA GLY B 300 2.14 -8.73 -13.71
C GLY B 300 1.41 -10.00 -13.36
N SER B 301 1.06 -10.83 -14.36
CA SER B 301 0.48 -12.14 -14.11
C SER B 301 1.49 -13.07 -13.43
N PRO B 302 1.01 -14.02 -12.62
CA PRO B 302 1.91 -15.08 -12.14
C PRO B 302 2.71 -15.73 -13.26
N ALA B 303 2.05 -16.07 -14.38
CA ALA B 303 2.76 -16.70 -15.50
C ALA B 303 3.83 -15.77 -16.06
N ALA B 304 3.49 -14.48 -16.23
CA ALA B 304 4.44 -13.52 -16.78
C ALA B 304 5.65 -13.38 -15.87
N GLU B 305 5.44 -13.47 -14.56
CA GLU B 305 6.52 -13.32 -13.61
C GLU B 305 7.62 -14.36 -13.83
N VAL B 306 7.23 -15.61 -14.12
CA VAL B 306 8.18 -16.70 -14.26
C VAL B 306 8.56 -17.01 -15.70
N ALA B 307 7.85 -16.44 -16.68
CA ALA B 307 8.03 -16.84 -18.07
C ALA B 307 9.15 -16.05 -18.74
N VAL B 308 9.76 -16.66 -19.75
CA VAL B 308 10.74 -16.01 -20.61
C VAL B 308 10.08 -15.86 -21.97
N VAL B 309 9.74 -14.63 -22.34
CA VAL B 309 8.85 -14.37 -23.48
C VAL B 309 9.68 -13.74 -24.60
N PRO B 310 9.68 -14.29 -25.81
CA PRO B 310 10.41 -13.67 -26.92
C PRO B 310 9.74 -12.38 -27.39
N GLU B 311 10.55 -11.51 -28.00
CA GLU B 311 9.99 -10.32 -28.61
C GLU B 311 9.46 -10.64 -30.01
N GLY B 312 8.54 -9.82 -30.49
CA GLY B 312 8.04 -9.96 -31.84
C GLY B 312 6.57 -10.33 -31.88
N ALA B 313 5.94 -10.01 -33.02
CA ALA B 313 4.50 -10.25 -33.19
C ALA B 313 4.18 -11.73 -33.30
N ARG B 314 5.16 -12.57 -33.63
N ARG B 314 5.15 -12.57 -33.64
CA ARG B 314 4.98 -14.00 -33.82
CA ARG B 314 4.96 -14.01 -33.81
C ARG B 314 5.92 -14.69 -32.83
C ARG B 314 5.90 -14.71 -32.84
N LYS B 315 5.36 -15.22 -31.74
CA LYS B 315 6.14 -15.74 -30.62
C LYS B 315 6.01 -17.24 -30.53
N THR B 316 7.14 -17.96 -30.54
CA THR B 316 7.17 -19.38 -30.26
C THR B 316 7.37 -19.54 -28.76
N LEU B 317 6.32 -19.94 -28.05
CA LEU B 317 6.42 -20.20 -26.61
C LEU B 317 6.49 -21.70 -26.35
N SER B 318 7.65 -22.17 -25.91
CA SER B 318 7.79 -23.58 -25.53
C SER B 318 7.25 -23.78 -24.11
N ILE B 319 6.23 -24.64 -23.98
CA ILE B 319 5.55 -24.90 -22.72
C ILE B 319 6.06 -26.25 -22.18
N GLU B 320 6.87 -26.20 -21.13
CA GLU B 320 7.50 -27.41 -20.62
C GLU B 320 6.54 -28.17 -19.73
N HIS B 321 6.66 -29.49 -19.75
CA HIS B 321 5.66 -30.34 -19.04
C HIS B 321 6.39 -31.60 -18.55
N PRO B 322 5.70 -32.55 -17.90
CA PRO B 322 6.44 -33.64 -17.26
C PRO B 322 7.33 -34.45 -18.19
N THR B 323 7.04 -34.56 -19.50
CA THR B 323 7.89 -35.39 -20.35
C THR B 323 8.47 -34.63 -21.52
N GLY B 324 8.68 -33.32 -21.35
CA GLY B 324 9.37 -32.51 -22.35
C GLY B 324 8.70 -31.16 -22.52
N GLU B 325 8.24 -30.86 -23.72
CA GLU B 325 7.64 -29.56 -23.97
C GLU B 325 6.71 -29.66 -25.17
N MET B 326 5.79 -28.70 -25.24
N MET B 326 5.80 -28.71 -25.25
CA MET B 326 4.92 -28.43 -26.38
CA MET B 326 4.99 -28.48 -26.44
C MET B 326 5.09 -26.97 -26.77
C MET B 326 5.07 -27.01 -26.79
N SER B 327 5.42 -26.71 -28.03
CA SER B 327 5.56 -25.34 -28.44
C SER B 327 4.25 -24.80 -29.00
N CYS B 328 3.94 -23.57 -28.63
N CYS B 328 3.87 -23.63 -28.52
CA CYS B 328 2.74 -22.85 -29.03
CA CYS B 328 2.77 -22.89 -29.11
C CYS B 328 3.13 -21.56 -29.76
C CYS B 328 3.35 -21.69 -29.84
N VAL B 329 2.91 -21.47 -31.07
CA VAL B 329 3.25 -20.27 -31.83
C VAL B 329 2.06 -19.31 -31.75
N LEU B 330 2.23 -18.17 -31.08
CA LEU B 330 1.17 -17.17 -31.00
C LEU B 330 1.49 -15.97 -31.88
N GLU B 331 0.47 -15.47 -32.55
CA GLU B 331 0.51 -14.17 -33.22
C GLU B 331 -0.27 -13.17 -32.41
N VAL B 332 0.33 -12.00 -32.16
CA VAL B 332 -0.29 -10.92 -31.41
C VAL B 332 -0.47 -9.73 -32.34
N ASP B 333 -1.64 -9.08 -32.28
CA ASP B 333 -1.85 -7.90 -33.10
C ASP B 333 -1.17 -6.71 -32.42
N ASP B 334 -1.36 -5.51 -32.97
CA ASP B 334 -0.61 -4.36 -32.47
C ASP B 334 -1.02 -3.97 -31.06
N ALA B 335 -2.27 -4.24 -30.67
CA ALA B 335 -2.71 -4.02 -29.29
C ALA B 335 -2.19 -5.09 -28.32
N GLY B 336 -1.60 -6.17 -28.82
CA GLY B 336 -1.14 -7.25 -27.96
C GLY B 336 -2.11 -8.39 -27.79
N ASN B 337 -3.29 -8.32 -28.43
CA ASN B 337 -4.23 -9.42 -28.41
C ASN B 337 -3.67 -10.61 -29.19
N VAL B 338 -3.86 -11.81 -28.65
CA VAL B 338 -3.52 -13.00 -29.41
C VAL B 338 -4.57 -13.19 -30.48
N VAL B 339 -4.14 -13.30 -31.73
CA VAL B 339 -5.07 -13.49 -32.83
C VAL B 339 -5.06 -14.91 -33.37
N SER B 340 -3.99 -15.69 -33.12
CA SER B 340 -3.91 -17.05 -33.60
C SER B 340 -2.91 -17.82 -32.74
N ALA B 341 -3.07 -19.14 -32.74
CA ALA B 341 -2.20 -20.07 -32.02
C ALA B 341 -2.08 -21.29 -32.90
N ALA B 342 -0.83 -21.75 -33.09
CA ALA B 342 -0.58 -22.88 -33.97
C ALA B 342 0.32 -23.86 -33.24
N LEU B 343 0.02 -25.15 -33.35
CA LEU B 343 0.70 -26.18 -32.58
C LEU B 343 0.77 -27.43 -33.45
N LEU B 344 1.87 -28.16 -33.31
CA LEU B 344 2.05 -29.42 -34.02
C LEU B 344 1.49 -30.56 -33.19
N ARG B 345 0.69 -31.43 -33.82
CA ARG B 345 0.27 -32.66 -33.18
C ARG B 345 0.52 -33.81 -34.17
N THR B 346 0.23 -35.03 -33.71
CA THR B 346 0.22 -36.20 -34.58
C THR B 346 -0.92 -37.08 -34.10
N ALA B 347 -1.23 -38.13 -34.85
CA ALA B 347 -2.29 -39.06 -34.46
C ALA B 347 -1.97 -40.44 -35.05
N ARG B 348 -2.72 -41.46 -34.62
CA ARG B 348 -2.57 -42.76 -35.27
C ARG B 348 -3.86 -43.56 -35.13
N LYS B 349 -4.30 -44.19 -36.23
CA LYS B 349 -5.39 -45.18 -36.10
C LYS B 349 -4.83 -46.44 -35.46
N LEU B 350 -5.41 -46.86 -34.34
CA LEU B 350 -4.91 -48.03 -33.63
C LEU B 350 -5.70 -49.30 -33.92
N MET B 351 -7.02 -49.16 -33.95
CA MET B 351 -7.92 -50.29 -34.19
C MET B 351 -9.18 -49.74 -34.80
N ASP B 352 -9.77 -50.49 -35.74
CA ASP B 352 -10.99 -50.03 -36.41
C ASP B 352 -11.93 -51.19 -36.49
N GLY B 353 -13.19 -50.94 -36.20
CA GLY B 353 -14.16 -52.04 -36.17
C GLY B 353 -15.42 -51.62 -35.45
N VAL B 354 -15.90 -52.48 -34.58
CA VAL B 354 -17.17 -52.33 -33.88
C VAL B 354 -16.88 -52.50 -32.38
N VAL B 355 -17.44 -51.60 -31.55
CA VAL B 355 -17.42 -51.78 -30.09
C VAL B 355 -18.76 -52.30 -29.63
N PHE B 356 -18.73 -53.08 -28.55
CA PHE B 356 -19.86 -53.82 -28.03
C PHE B 356 -20.13 -53.39 -26.60
N VAL B 357 -21.41 -53.35 -26.26
CA VAL B 357 -21.85 -53.23 -24.88
C VAL B 357 -22.82 -54.35 -24.56
N LEU B 358 -22.92 -54.69 -23.28
CA LEU B 358 -23.96 -55.66 -22.96
C LEU B 358 -25.31 -54.96 -22.84
N ASN C 7 -16.72 66.25 20.36
CA ASN C 7 -15.46 65.77 20.97
C ASN C 7 -14.26 66.16 20.06
N MET C 8 -13.13 66.59 20.66
CA MET C 8 -11.95 66.99 19.86
C MET C 8 -11.49 65.84 18.97
N ASP C 9 -11.29 66.08 17.67
CA ASP C 9 -10.89 64.95 16.83
C ASP C 9 -9.49 65.02 16.23
N SER C 10 -8.72 66.08 16.47
CA SER C 10 -7.30 66.04 16.14
C SER C 10 -6.58 67.09 16.98
N ALA C 11 -5.26 66.92 17.08
CA ALA C 11 -4.41 67.94 17.67
C ALA C 11 -3.04 67.85 17.02
N PRO C 12 -2.34 68.98 16.88
CA PRO C 12 -0.91 68.93 16.56
C PRO C 12 -0.17 68.13 17.62
N CYS C 13 0.85 67.41 17.20
CA CYS C 13 1.54 66.52 18.12
C CYS C 13 2.93 66.20 17.57
N MET C 14 3.94 66.19 18.44
CA MET C 14 5.25 65.67 18.03
C MET C 14 5.48 64.33 18.71
N TRP C 15 5.70 63.27 17.93
CA TRP C 15 6.08 61.98 18.52
C TRP C 15 7.60 61.97 18.71
N MET C 16 8.04 61.72 19.94
CA MET C 16 9.47 61.76 20.23
C MET C 16 9.88 60.53 21.03
N ARG C 17 11.14 60.18 20.90
CA ARG C 17 11.82 59.35 21.90
C ARG C 17 12.37 60.31 22.94
N GLY C 18 11.99 60.10 24.22
CA GLY C 18 12.58 60.85 25.32
C GLY C 18 13.35 59.84 26.17
N GLY C 19 14.68 59.90 26.16
CA GLY C 19 15.46 58.87 26.87
C GLY C 19 15.17 57.50 26.30
N THR C 20 14.80 56.56 27.18
CA THR C 20 14.46 55.21 26.77
C THR C 20 12.96 54.99 26.63
N SER C 21 12.18 56.06 26.58
CA SER C 21 10.72 56.02 26.44
C SER C 21 10.28 56.74 25.16
N LYS C 22 8.99 56.64 24.83
CA LYS C 22 8.47 57.22 23.59
C LYS C 22 7.07 57.73 23.83
N GLY C 23 6.73 58.87 23.24
CA GLY C 23 5.33 59.27 23.39
C GLY C 23 5.01 60.55 22.64
N GLY C 24 3.82 61.10 22.92
CA GLY C 24 3.32 62.25 22.18
C GLY C 24 3.49 63.50 23.01
N TYR C 25 4.03 64.54 22.39
CA TYR C 25 4.28 65.82 23.03
C TYR C 25 3.33 66.85 22.45
N PHE C 26 2.57 67.50 23.35
CA PHE C 26 1.50 68.38 22.98
C PHE C 26 1.72 69.73 23.64
N LEU C 27 1.31 70.78 22.96
CA LEU C 27 1.06 72.05 23.66
C LEU C 27 -0.20 71.94 24.49
N ARG C 28 -0.15 72.53 25.70
CA ARG C 28 -1.28 72.51 26.61
C ARG C 28 -2.52 73.08 25.94
N ALA C 29 -2.35 74.13 25.14
CA ALA C 29 -3.51 74.79 24.56
C ALA C 29 -4.21 73.94 23.51
N ASP C 30 -3.53 72.92 23.02
CA ASP C 30 -4.10 72.08 21.97
C ASP C 30 -4.90 70.88 22.51
N LEU C 31 -4.94 70.70 23.83
CA LEU C 31 -5.67 69.58 24.41
C LEU C 31 -6.94 70.06 25.10
N PRO C 32 -7.92 69.20 25.28
CA PRO C 32 -9.11 69.64 26.01
C PRO C 32 -8.73 70.09 27.42
N ALA C 33 -9.39 71.16 27.86
CA ALA C 33 -9.21 71.66 29.23
C ALA C 33 -9.83 70.72 30.27
N ASP C 34 -11.00 70.16 29.98
CA ASP C 34 -11.66 69.23 30.90
C ASP C 34 -10.88 67.92 31.03
N THR C 35 -10.59 67.48 32.28
CA THR C 35 -9.77 66.27 32.45
C THR C 35 -10.43 65.06 31.79
N ALA C 36 -11.73 64.86 32.01
CA ALA C 36 -12.36 63.67 31.43
C ALA C 36 -12.24 63.69 29.91
N ALA C 37 -12.51 64.84 29.27
CA ALA C 37 -12.40 64.93 27.81
C ALA C 37 -10.96 64.73 27.37
N ARG C 38 -10.03 65.32 28.11
CA ARG C 38 -8.62 65.17 27.78
C ARG C 38 -8.24 63.69 27.82
N ASP C 39 -8.63 62.99 28.90
CA ASP C 39 -8.26 61.57 28.99
C ASP C 39 -8.89 60.75 27.88
N ALA C 40 -10.17 61.02 27.53
CA ALA C 40 -10.81 60.26 26.46
C ALA C 40 -10.07 60.50 25.14
N PHE C 41 -9.63 61.74 24.93
CA PHE C 41 -8.88 62.04 23.72
C PHE C 41 -7.54 61.31 23.70
N LEU C 42 -6.78 61.36 24.81
CA LEU C 42 -5.45 60.76 24.85
C LEU C 42 -5.50 59.23 24.77
N LEU C 43 -6.50 58.63 25.41
CA LEU C 43 -6.71 57.20 25.27
C LEU C 43 -6.91 56.85 23.80
N ALA C 44 -7.76 57.65 23.10
CA ALA C 44 -8.04 57.35 21.70
C ALA C 44 -6.80 57.62 20.83
N VAL C 45 -6.02 58.66 21.15
CA VAL C 45 -4.76 58.90 20.41
C VAL C 45 -3.86 57.67 20.48
N MET C 46 -3.74 57.08 21.68
CA MET C 46 -2.83 55.95 21.87
C MET C 46 -3.39 54.65 21.36
N GLY C 47 -4.72 54.54 21.25
CA GLY C 47 -5.33 53.26 20.94
C GLY C 47 -5.58 52.42 22.18
N SER C 48 -5.72 53.09 23.35
CA SER C 48 -5.98 52.38 24.60
C SER C 48 -7.49 52.40 24.91
N PRO C 49 -8.04 51.41 25.61
CA PRO C 49 -7.41 50.17 26.08
C PRO C 49 -7.33 49.11 24.99
N ASP C 50 -6.18 48.48 24.83
CA ASP C 50 -6.02 47.41 23.86
C ASP C 50 -4.62 46.86 24.11
N PRO C 51 -4.45 45.59 24.46
CA PRO C 51 -3.07 45.06 24.65
C PRO C 51 -2.15 45.34 23.46
N ARG C 52 -2.69 45.48 22.25
N ARG C 52 -2.71 45.45 22.24
CA ARG C 52 -1.82 45.71 21.11
CA ARG C 52 -1.94 45.69 21.03
C ARG C 52 -1.83 47.16 20.64
C ARG C 52 -1.80 47.17 20.70
N GLN C 53 -2.67 48.02 21.23
CA GLN C 53 -2.75 49.43 20.83
C GLN C 53 -2.72 49.56 19.30
N ILE C 54 -3.58 48.76 18.64
CA ILE C 54 -3.47 48.71 17.19
C ILE C 54 -4.13 49.91 16.52
N ASP C 55 -5.09 50.57 17.18
CA ASP C 55 -5.89 51.62 16.57
C ASP C 55 -5.46 52.99 17.12
N GLY C 56 -4.17 53.14 17.35
CA GLY C 56 -3.62 54.42 17.78
C GLY C 56 -2.09 54.38 17.74
N MET C 57 -1.45 55.33 18.41
CA MET C 57 0.01 55.55 18.27
C MET C 57 0.83 54.93 19.38
N GLY C 58 0.18 54.29 20.34
CA GLY C 58 0.92 53.61 21.40
C GLY C 58 1.62 52.38 20.85
N GLY C 59 2.73 52.00 21.48
CA GLY C 59 3.51 50.89 20.98
C GLY C 59 3.32 49.61 21.78
N ALA C 60 2.19 49.49 22.48
CA ALA C 60 1.80 48.25 23.20
C ALA C 60 2.72 47.97 24.39
N ASP C 61 3.25 49.04 25.02
CA ASP C 61 4.23 48.91 26.14
C ASP C 61 4.02 50.20 26.90
N PRO C 62 3.94 50.19 28.23
CA PRO C 62 3.74 51.48 28.92
C PRO C 62 4.81 52.50 28.56
N LEU C 63 6.02 52.03 28.28
CA LEU C 63 7.15 52.93 28.01
C LEU C 63 7.03 53.61 26.66
N THR C 64 6.09 53.13 25.81
CA THR C 64 5.83 53.82 24.54
C THR C 64 4.37 54.24 24.47
N SER C 65 3.75 54.52 25.64
CA SER C 65 2.37 54.98 25.70
C SER C 65 2.29 56.17 26.62
N MET C 66 3.13 57.16 26.34
N MET C 66 3.15 57.15 26.37
CA MET C 66 3.37 58.28 27.23
CA MET C 66 3.32 58.26 27.31
C MET C 66 2.99 59.59 26.56
C MET C 66 3.01 59.58 26.59
N VAL C 67 2.63 60.56 27.39
CA VAL C 67 2.24 61.88 26.91
C VAL C 67 2.99 62.95 27.70
N ALA C 68 3.47 63.97 27.02
CA ALA C 68 3.95 65.16 27.68
C ALA C 68 3.10 66.35 27.27
N VAL C 69 2.64 67.15 28.24
CA VAL C 69 1.87 68.37 27.98
C VAL C 69 2.74 69.56 28.41
N VAL C 70 3.07 70.45 27.48
CA VAL C 70 4.12 71.44 27.72
C VAL C 70 3.55 72.83 27.43
N SER C 71 3.98 73.83 28.20
CA SER C 71 3.48 75.17 27.92
C SER C 71 4.53 76.16 28.43
N LYS C 72 4.46 77.40 27.95
CA LYS C 72 5.43 78.38 28.41
C LYS C 72 5.11 78.74 29.86
N SER C 73 6.12 78.80 30.72
CA SER C 73 5.88 79.00 32.13
C SER C 73 5.85 80.49 32.46
N GLU C 74 4.97 80.85 33.37
CA GLU C 74 4.94 82.18 33.97
C GLU C 74 5.75 82.26 35.25
N ARG C 75 6.32 81.15 35.71
CA ARG C 75 7.04 81.13 36.98
C ARG C 75 8.41 81.79 36.79
N PRO C 76 8.84 82.61 37.74
CA PRO C 76 10.12 83.32 37.56
C PRO C 76 11.28 82.32 37.44
N GLY C 77 12.13 82.54 36.45
CA GLY C 77 13.27 81.65 36.26
C GLY C 77 12.95 80.29 35.65
N ILE C 78 11.68 80.02 35.30
CA ILE C 78 11.28 78.74 34.70
C ILE C 78 10.90 79.02 33.26
N ASP C 79 11.36 78.19 32.36
CA ASP C 79 11.08 78.39 30.93
C ASP C 79 9.79 77.68 30.52
N VAL C 80 9.59 76.43 30.91
CA VAL C 80 8.35 75.74 30.52
C VAL C 80 7.81 74.94 31.69
N ASP C 81 6.48 74.76 31.68
CA ASP C 81 5.78 73.82 32.54
C ASP C 81 5.49 72.54 31.78
N TYR C 82 5.69 71.39 32.45
CA TYR C 82 5.61 70.09 31.79
C TYR C 82 4.78 69.17 32.68
N LEU C 83 3.63 68.70 32.16
CA LEU C 83 2.83 67.68 32.84
C LEU C 83 3.03 66.34 32.13
N PHE C 84 3.44 65.33 32.90
CA PHE C 84 3.62 63.97 32.37
C PHE C 84 2.34 63.19 32.59
N LEU C 85 1.86 62.49 31.56
CA LEU C 85 0.68 61.63 31.73
C LEU C 85 1.01 60.24 31.23
N GLN C 86 0.77 59.22 32.08
CA GLN C 86 0.90 57.85 31.65
C GLN C 86 -0.45 57.39 31.10
N VAL C 87 -0.48 56.92 29.84
CA VAL C 87 -1.72 56.35 29.29
C VAL C 87 -1.61 54.84 29.43
N PHE C 88 -2.48 54.21 30.24
CA PHE C 88 -2.35 52.77 30.42
C PHE C 88 -2.58 52.08 29.09
N VAL C 89 -1.93 50.93 28.90
CA VAL C 89 -2.03 50.21 27.63
C VAL C 89 -3.39 49.53 27.53
N ASP C 90 -3.79 48.84 28.61
CA ASP C 90 -5.00 48.00 28.49
C ASP C 90 -6.03 48.29 29.57
N GLN C 91 -6.02 49.50 30.10
CA GLN C 91 -7.13 50.04 30.91
C GLN C 91 -7.41 51.46 30.41
N ALA C 92 -8.67 51.90 30.59
CA ALA C 92 -9.06 53.27 30.22
C ALA C 92 -8.70 54.21 31.37
N ILE C 93 -7.38 54.35 31.58
CA ILE C 93 -6.83 55.13 32.68
C ILE C 93 -5.66 55.98 32.15
N VAL C 94 -5.74 57.28 32.43
CA VAL C 94 -4.63 58.20 32.24
C VAL C 94 -4.26 58.72 33.62
N THR C 95 -2.98 58.59 34.01
CA THR C 95 -2.63 58.96 35.38
C THR C 95 -1.61 60.08 35.39
N ASP C 96 -1.77 61.01 36.35
CA ASP C 96 -0.85 62.13 36.52
C ASP C 96 -0.06 62.04 37.82
N ALA C 97 0.02 60.88 38.40
CA ALA C 97 0.56 60.86 39.74
C ALA C 97 2.09 60.81 39.80
N GLN C 98 2.84 60.86 38.70
CA GLN C 98 4.29 60.70 38.84
C GLN C 98 5.03 61.65 37.91
N ASN C 99 6.31 61.90 38.25
CA ASN C 99 7.29 62.45 37.30
C ASN C 99 7.62 61.43 36.22
N CYS C 100 8.31 61.89 35.18
CA CYS C 100 8.92 60.94 34.23
C CYS C 100 10.16 61.62 33.65
N GLY C 101 11.34 61.23 34.15
CA GLY C 101 12.56 61.87 33.73
C GLY C 101 13.07 61.43 32.35
N ASN C 102 12.65 60.26 31.84
CA ASN C 102 12.95 59.93 30.44
C ASN C 102 12.16 60.82 29.48
N ILE C 103 10.83 60.89 29.65
CA ILE C 103 10.05 61.77 28.75
C ILE C 103 10.48 63.24 28.93
N LEU C 104 10.89 63.62 30.13
CA LEU C 104 11.46 64.95 30.36
C LEU C 104 12.55 65.31 29.36
N ALA C 105 13.37 64.31 28.96
CA ALA C 105 14.47 64.62 28.03
C ALA C 105 13.97 65.25 26.72
N GLY C 106 12.80 64.83 26.24
CA GLY C 106 12.28 65.43 25.00
C GLY C 106 11.70 66.81 25.19
N VAL C 107 11.42 67.22 26.43
CA VAL C 107 10.65 68.43 26.68
C VAL C 107 11.42 69.69 26.24
N GLY C 108 12.71 69.77 26.59
CA GLY C 108 13.54 70.90 26.19
C GLY C 108 13.58 71.10 24.70
N PRO C 109 13.98 70.07 23.95
CA PRO C 109 14.06 70.26 22.50
C PRO C 109 12.68 70.56 21.93
N PHE C 110 11.64 69.88 22.42
CA PHE C 110 10.28 70.15 21.92
C PHE C 110 9.91 71.61 22.16
N ALA C 111 10.18 72.13 23.36
CA ALA C 111 9.80 73.51 23.68
C ALA C 111 10.56 74.51 22.81
N ILE C 112 11.81 74.22 22.48
CA ILE C 112 12.57 75.15 21.63
C ILE C 112 12.02 75.08 20.19
N GLU C 113 11.77 73.86 19.69
CA GLU C 113 11.20 73.74 18.33
C GLU C 113 9.89 74.47 18.22
N ARG C 114 9.08 74.38 19.28
CA ARG C 114 7.74 74.97 19.27
C ARG C 114 7.77 76.46 19.60
N GLY C 115 8.94 77.07 19.89
CA GLY C 115 9.00 78.49 20.17
C GLY C 115 8.58 78.87 21.56
N LEU C 116 8.42 77.90 22.44
CA LEU C 116 8.04 78.23 23.84
C LEU C 116 9.23 78.84 24.60
N VAL C 117 10.44 78.45 24.22
CA VAL C 117 11.69 78.95 24.77
C VAL C 117 12.59 79.28 23.60
N ALA C 118 13.25 80.46 23.65
CA ALA C 118 14.19 80.77 22.57
C ALA C 118 15.51 80.03 22.75
N ALA C 119 16.14 79.69 21.62
CA ALA C 119 17.50 79.17 21.73
C ALA C 119 18.41 80.23 22.30
N SER C 120 19.39 79.81 23.08
CA SER C 120 20.29 80.81 23.70
C SER C 120 21.71 80.26 23.53
N GLY C 121 22.44 80.83 22.57
CA GLY C 121 23.76 80.26 22.26
C GLY C 121 23.66 78.89 21.63
N ASP C 122 24.79 78.19 21.63
CA ASP C 122 24.82 76.85 21.01
C ASP C 122 24.41 75.75 21.94
N GLU C 123 24.28 76.05 23.25
CA GLU C 123 23.76 75.11 24.23
C GLU C 123 22.76 75.86 25.09
N THR C 124 21.47 75.58 24.90
CA THR C 124 20.42 76.33 25.56
C THR C 124 20.01 75.64 26.85
N ARG C 125 20.12 76.36 27.96
N ARG C 125 20.14 76.36 27.96
CA ARG C 125 19.61 75.85 29.22
CA ARG C 125 19.56 75.87 29.20
C ARG C 125 18.08 76.01 29.30
C ARG C 125 18.04 75.98 29.19
N VAL C 126 17.37 74.94 29.67
CA VAL C 126 15.90 74.96 29.78
C VAL C 126 15.53 74.53 31.19
N ALA C 127 14.96 75.44 31.98
CA ALA C 127 14.44 75.11 33.31
C ALA C 127 12.98 74.68 33.16
N ILE C 128 12.66 73.49 33.68
CA ILE C 128 11.38 72.81 33.40
C ILE C 128 10.70 72.54 34.73
N PHE C 129 9.51 73.11 34.92
CA PHE C 129 8.71 72.86 36.12
C PHE C 129 7.92 71.58 35.89
N MET C 130 8.12 70.54 36.74
CA MET C 130 7.45 69.26 36.54
C MET C 130 6.15 69.32 37.31
N GLU C 131 5.04 69.57 36.59
N GLU C 131 5.05 69.56 36.59
CA GLU C 131 3.77 69.91 37.24
CA GLU C 131 3.78 69.90 37.22
C GLU C 131 3.28 68.80 38.17
C GLU C 131 3.29 68.80 38.16
N ASN C 132 3.62 67.54 37.86
CA ASN C 132 3.09 66.42 38.65
C ASN C 132 3.52 66.51 40.11
N THR C 133 4.70 67.03 40.35
CA THR C 133 5.24 67.06 41.71
C THR C 133 5.70 68.42 42.17
N GLY C 134 5.75 69.42 41.27
CA GLY C 134 6.21 70.74 41.65
C GLY C 134 7.71 70.85 41.76
N GLN C 135 8.45 69.85 41.29
CA GLN C 135 9.91 69.87 41.25
C GLN C 135 10.35 70.54 39.95
N VAL C 136 11.59 71.05 39.91
CA VAL C 136 12.18 71.66 38.70
C VAL C 136 13.36 70.78 38.28
N ALA C 137 13.49 70.57 36.96
CA ALA C 137 14.69 70.01 36.41
C ALA C 137 15.31 71.03 35.49
N VAL C 138 16.63 70.99 35.33
CA VAL C 138 17.30 71.89 34.38
C VAL C 138 18.03 71.02 33.37
N ALA C 139 17.66 71.17 32.11
CA ALA C 139 18.28 70.41 31.02
C ALA C 139 19.06 71.37 30.11
N THR C 140 20.07 70.86 29.42
CA THR C 140 20.77 71.69 28.44
C THR C 140 20.56 71.04 27.07
N VAL C 141 20.13 71.81 26.07
CA VAL C 141 19.82 71.28 24.73
C VAL C 141 20.83 71.82 23.74
N ARG C 142 21.38 70.95 22.88
CA ARG C 142 22.28 71.44 21.81
C ARG C 142 21.45 72.19 20.76
N THR C 143 21.79 73.48 20.54
CA THR C 143 21.09 74.35 19.60
C THR C 143 22.15 75.02 18.73
N PRO C 144 23.01 74.24 18.05
CA PRO C 144 24.05 74.86 17.21
C PRO C 144 23.45 75.85 16.22
N GLY C 145 24.01 77.07 16.21
CA GLY C 145 23.51 78.08 15.30
C GLY C 145 22.11 78.54 15.59
N GLY C 146 21.54 78.17 16.75
CA GLY C 146 20.22 78.60 17.12
C GLY C 146 19.10 77.61 16.85
N SER C 147 19.42 76.40 16.35
CA SER C 147 18.44 75.39 16.00
C SER C 147 18.74 74.09 16.73
N VAL C 148 17.69 73.50 17.32
CA VAL C 148 17.87 72.20 18.00
C VAL C 148 18.51 71.20 17.05
N THR C 149 19.45 70.42 17.55
CA THR C 149 19.88 69.20 16.83
C THR C 149 19.64 67.99 17.72
N TYR C 150 19.32 66.86 17.09
CA TYR C 150 19.24 65.58 17.79
C TYR C 150 20.45 64.70 17.50
N ALA C 151 21.36 65.16 16.61
CA ALA C 151 22.59 64.45 16.23
C ALA C 151 23.71 64.75 17.21
N GLY C 152 24.52 63.74 17.49
CA GLY C 152 25.66 63.95 18.38
C GLY C 152 26.36 62.65 18.68
N ASP C 153 27.27 62.73 19.64
CA ASP C 153 28.15 61.63 19.98
C ASP C 153 27.76 60.95 21.29
N ALA C 154 26.66 61.37 21.92
CA ALA C 154 26.29 60.78 23.21
C ALA C 154 25.51 59.48 23.03
N ALA C 155 25.60 58.59 24.00
CA ALA C 155 24.85 57.33 23.93
C ALA C 155 24.31 57.02 25.31
N ILE C 156 23.13 56.36 25.36
CA ILE C 156 22.59 55.85 26.61
C ILE C 156 22.17 54.42 26.41
N ASP C 157 22.35 53.60 27.43
CA ASP C 157 22.06 52.20 27.27
C ASP C 157 20.57 52.00 27.11
N GLY C 158 20.20 51.15 26.18
CA GLY C 158 18.77 50.98 25.90
C GLY C 158 18.34 51.67 24.61
N VAL C 159 19.21 52.47 23.99
CA VAL C 159 18.91 53.17 22.75
C VAL C 159 20.07 52.92 21.80
N PRO C 160 19.83 52.38 20.59
CA PRO C 160 20.92 52.20 19.63
C PRO C 160 21.48 53.54 19.17
N GLY C 161 22.75 53.49 18.80
CA GLY C 161 23.35 54.63 18.08
C GLY C 161 23.69 55.76 19.05
N THR C 162 23.86 56.96 18.48
CA THR C 162 24.29 58.14 19.23
C THR C 162 23.52 59.37 18.80
N HIS C 163 23.36 60.30 19.75
CA HIS C 163 22.52 61.47 19.60
C HIS C 163 23.13 62.67 20.32
N ALA C 164 22.46 63.80 20.21
CA ALA C 164 22.89 64.97 20.96
C ALA C 164 22.70 64.73 22.46
N PRO C 165 23.68 65.10 23.29
CA PRO C 165 23.52 64.91 24.75
C PRO C 165 22.49 65.88 25.30
N ILE C 166 21.75 65.40 26.31
CA ILE C 166 20.86 66.26 27.09
C ILE C 166 21.16 65.99 28.56
N PRO C 167 22.12 66.70 29.13
CA PRO C 167 22.39 66.58 30.56
C PRO C 167 21.28 67.21 31.36
N THR C 168 20.92 66.57 32.46
CA THR C 168 19.83 67.05 33.27
C THR C 168 20.21 67.05 34.75
N GLU C 169 19.79 68.09 35.48
CA GLU C 169 20.14 68.20 36.88
C GLU C 169 18.89 68.47 37.69
N PHE C 170 18.76 67.73 38.82
CA PHE C 170 17.62 67.80 39.74
C PHE C 170 18.08 68.21 41.11
N ARG C 171 17.44 69.24 41.68
CA ARG C 171 17.70 69.60 43.07
C ARG C 171 16.36 69.57 43.82
N ASP C 172 16.43 69.63 45.14
N ASP C 172 16.41 69.62 45.16
CA ASP C 172 15.22 69.52 45.95
CA ASP C 172 15.19 69.63 45.97
C ASP C 172 14.30 68.41 45.41
C ASP C 172 14.26 68.44 45.70
N THR C 173 14.81 67.17 45.39
N THR C 173 14.83 67.26 45.42
CA THR C 173 14.05 66.02 44.90
CA THR C 173 14.04 66.16 44.86
C THR C 173 13.24 65.31 46.00
C THR C 173 13.51 65.17 45.92
N ALA C 174 13.70 65.42 47.22
CA ALA C 174 13.23 64.49 48.25
C ALA C 174 11.77 64.72 48.61
N GLY C 175 10.97 63.65 48.61
CA GLY C 175 9.64 63.66 49.22
C GLY C 175 8.60 64.36 48.39
N SER C 176 8.83 64.51 47.09
CA SER C 176 7.95 65.38 46.34
C SER C 176 6.58 64.75 46.08
N SER C 177 6.43 63.42 46.19
CA SER C 177 5.11 62.76 46.18
C SER C 177 4.67 62.22 47.53
N CYS C 178 5.59 61.76 48.37
CA CYS C 178 5.23 61.14 49.64
C CYS C 178 5.37 62.09 50.81
N GLY C 179 5.86 63.33 50.60
CA GLY C 179 6.00 64.29 51.69
C GLY C 179 7.30 64.20 52.47
N ALA C 180 8.07 63.14 52.30
CA ALA C 180 9.36 62.97 52.93
C ALA C 180 10.13 61.94 52.11
N LEU C 181 11.46 61.97 52.26
CA LEU C 181 12.29 60.95 51.63
C LEU C 181 11.84 59.56 52.06
N LEU C 182 11.63 59.36 53.37
CA LEU C 182 11.22 58.09 53.98
C LEU C 182 9.85 58.32 54.63
N PRO C 183 8.76 58.12 53.91
CA PRO C 183 7.45 58.51 54.46
C PRO C 183 7.04 57.71 55.69
N SER C 184 7.55 56.50 55.85
CA SER C 184 7.29 55.75 57.11
C SER C 184 8.15 56.24 58.26
N GLY C 185 9.19 57.01 57.97
CA GLY C 185 10.14 57.37 58.99
C GLY C 185 11.20 56.33 59.27
N ASN C 186 11.15 55.17 58.60
CA ASN C 186 12.09 54.09 58.83
C ASN C 186 12.92 53.80 57.58
N ALA C 187 14.18 53.45 57.80
CA ALA C 187 15.00 52.99 56.69
C ALA C 187 14.49 51.67 56.15
N VAL C 188 13.86 50.84 56.97
CA VAL C 188 13.32 49.55 56.56
C VAL C 188 11.96 49.36 57.20
N ASP C 189 11.04 48.75 56.45
CA ASP C 189 9.76 48.28 56.96
C ASP C 189 9.54 46.83 56.50
N VAL C 190 8.87 46.00 57.33
CA VAL C 190 8.56 44.64 56.90
C VAL C 190 7.16 44.59 56.31
N VAL C 191 7.04 44.12 55.07
CA VAL C 191 5.76 44.03 54.37
C VAL C 191 5.65 42.65 53.75
N ASN C 192 4.55 41.94 54.03
CA ASN C 192 4.35 40.59 53.46
C ASN C 192 5.59 39.72 53.68
N GLY C 193 6.15 39.79 54.89
CA GLY C 193 7.27 38.93 55.26
C GLY C 193 8.66 39.39 54.80
N LEU C 194 8.81 40.55 54.15
CA LEU C 194 10.16 40.89 53.71
C LEU C 194 10.51 42.33 53.99
N PRO C 195 11.80 42.61 54.23
CA PRO C 195 12.23 43.97 54.52
C PRO C 195 12.26 44.79 53.24
N VAL C 196 11.58 45.94 53.25
CA VAL C 196 11.61 46.86 52.11
C VAL C 196 11.99 48.26 52.60
N THR C 197 12.53 49.08 51.69
CA THR C 197 12.68 50.52 51.97
C THR C 197 11.65 51.28 51.13
N LEU C 198 10.84 52.12 51.80
CA LEU C 198 9.82 52.96 51.16
C LEU C 198 10.48 54.32 50.98
N ILE C 199 10.76 54.70 49.74
CA ILE C 199 11.57 55.89 49.53
C ILE C 199 11.05 56.71 48.38
N ASP C 200 11.20 58.03 48.50
CA ASP C 200 10.81 58.95 47.44
C ASP C 200 11.91 60.00 47.29
N ASN C 201 12.81 59.84 46.31
CA ASN C 201 13.70 60.95 45.96
C ASN C 201 13.45 61.39 44.54
N GLY C 202 12.15 61.59 44.24
CA GLY C 202 11.70 62.04 42.93
C GLY C 202 10.78 61.04 42.25
N MET C 203 10.74 59.79 42.78
CA MET C 203 9.88 58.72 42.28
C MET C 203 9.61 57.83 43.49
N PRO C 204 8.36 57.65 43.86
CA PRO C 204 8.10 56.77 45.01
C PRO C 204 8.39 55.34 44.62
N CYS C 205 9.18 54.68 45.47
CA CYS C 205 9.64 53.33 45.17
C CYS C 205 9.52 52.46 46.42
N VAL C 206 9.33 51.16 46.18
CA VAL C 206 9.49 50.11 47.20
C VAL C 206 10.73 49.35 46.78
N VAL C 207 11.78 49.37 47.63
CA VAL C 207 13.08 48.78 47.30
C VAL C 207 13.23 47.53 48.14
N MET C 208 13.44 46.39 47.48
CA MET C 208 13.56 45.09 48.15
C MET C 208 14.66 44.31 47.47
N LYS C 209 15.23 43.32 48.17
CA LYS C 209 16.20 42.45 47.53
C LYS C 209 15.52 41.50 46.55
N ALA C 210 16.04 41.46 45.32
CA ALA C 210 15.56 40.49 44.35
C ALA C 210 15.56 39.09 44.93
N ALA C 211 16.62 38.71 45.64
CA ALA C 211 16.70 37.32 46.11
C ALA C 211 15.57 36.99 47.10
N ASP C 212 15.08 37.98 47.86
CA ASP C 212 14.01 37.69 48.84
C ASP C 212 12.68 37.40 48.15
N VAL C 213 12.51 37.80 46.88
CA VAL C 213 11.28 37.46 46.13
C VAL C 213 11.53 36.40 45.07
N GLY C 214 12.64 35.67 45.14
CA GLY C 214 12.78 34.45 44.37
C GLY C 214 13.39 34.59 43.00
N ILE C 215 14.04 35.73 42.68
CA ILE C 215 14.80 35.86 41.43
C ILE C 215 16.22 36.25 41.78
N THR C 216 17.09 36.27 40.76
CA THR C 216 18.45 36.76 41.04
C THR C 216 18.55 38.26 40.92
N GLY C 217 17.72 38.85 40.07
CA GLY C 217 17.87 40.26 39.73
C GLY C 217 18.67 40.48 38.47
N TYR C 218 19.13 39.41 37.82
CA TYR C 218 19.91 39.52 36.57
C TYR C 218 19.11 39.02 35.36
N GLU C 219 17.84 38.63 35.57
CA GLU C 219 16.99 38.11 34.51
C GLU C 219 16.70 39.17 33.45
N ASP C 220 16.39 38.71 32.22
N ASP C 220 16.40 38.70 32.22
CA ASP C 220 16.02 39.67 31.20
CA ASP C 220 16.00 39.62 31.17
C ASP C 220 14.54 40.03 31.33
C ASP C 220 14.57 40.10 31.40
N ARG C 221 14.15 41.10 30.62
CA ARG C 221 12.80 41.64 30.75
C ARG C 221 11.73 40.60 30.42
N ASP C 222 11.94 39.81 29.37
N ASP C 222 11.95 39.78 29.39
CA ASP C 222 10.95 38.83 28.96
CA ASP C 222 10.88 38.86 28.99
C ASP C 222 10.70 37.82 30.06
C ASP C 222 10.70 37.75 30.01
N SER C 223 11.78 37.29 30.63
CA SER C 223 11.66 36.34 31.75
C SER C 223 10.86 36.93 32.92
N LEU C 224 11.12 38.20 33.27
CA LEU C 224 10.41 38.86 34.37
C LEU C 224 8.93 39.09 34.03
N ASP C 225 8.64 39.56 32.80
CA ASP C 225 7.24 39.78 32.42
C ASP C 225 6.44 38.48 32.39
N ALA C 226 7.09 37.35 32.16
CA ALA C 226 6.44 36.05 32.15
C ALA C 226 6.32 35.45 33.55
N ASN C 227 6.89 36.08 34.58
CA ASN C 227 6.95 35.44 35.90
C ASN C 227 5.70 35.87 36.67
N ALA C 228 4.62 35.10 36.49
CA ALA C 228 3.34 35.48 37.09
C ALA C 228 3.40 35.41 38.61
N GLU C 229 4.15 34.45 39.17
N GLU C 229 4.12 34.41 39.15
CA GLU C 229 4.19 34.31 40.62
CA GLU C 229 4.25 34.28 40.61
C GLU C 229 5.02 35.41 41.28
C GLU C 229 4.95 35.49 41.19
N LEU C 230 6.08 35.87 40.62
CA LEU C 230 6.77 37.07 41.07
C LEU C 230 5.83 38.29 41.00
N LYS C 231 5.13 38.47 39.87
CA LYS C 231 4.34 39.68 39.69
C LYS C 231 3.22 39.75 40.73
N ALA C 232 2.62 38.60 41.10
CA ALA C 232 1.59 38.57 42.14
C ALA C 232 2.16 38.92 43.51
N LYS C 233 3.36 38.42 43.84
CA LYS C 233 4.00 38.74 45.12
C LYS C 233 4.27 40.23 45.23
N ILE C 234 4.83 40.81 44.19
CA ILE C 234 5.19 42.23 44.14
C ILE C 234 3.95 43.10 44.21
N GLU C 235 2.89 42.75 43.47
CA GLU C 235 1.71 43.60 43.46
C GLU C 235 1.01 43.57 44.81
N ALA C 236 1.02 42.41 45.50
CA ALA C 236 0.47 42.37 46.85
C ALA C 236 1.23 43.31 47.80
N ILE C 237 2.54 43.40 47.65
CA ILE C 237 3.31 44.37 48.45
C ILE C 237 2.91 45.80 48.10
N ARG C 238 2.83 46.12 46.79
CA ARG C 238 2.47 47.47 46.35
C ARG C 238 1.16 47.92 46.98
N LEU C 239 0.15 47.05 46.96
CA LEU C 239 -1.16 47.45 47.45
C LEU C 239 -1.13 47.62 48.96
N ALA C 240 -0.19 46.97 49.64
CA ALA C 240 -0.13 47.04 51.09
C ALA C 240 0.58 48.29 51.62
N VAL C 241 1.30 49.03 50.79
CA VAL C 241 2.11 50.14 51.27
C VAL C 241 1.60 51.50 50.84
N GLY C 242 0.50 51.58 50.10
CA GLY C 242 0.05 52.87 49.57
C GLY C 242 -0.19 53.90 50.66
N GLU C 243 -0.90 53.51 51.73
CA GLU C 243 -1.18 54.48 52.80
C GLU C 243 0.09 54.82 53.58
N LEU C 244 0.93 53.84 53.84
CA LEU C 244 2.16 54.11 54.56
C LEU C 244 3.04 55.11 53.81
N MET C 245 2.99 55.10 52.46
CA MET C 245 3.75 56.02 51.63
C MET C 245 3.05 57.35 51.40
N ASN C 246 1.92 57.58 52.08
CA ASN C 246 1.10 58.79 51.90
C ASN C 246 0.66 58.94 50.45
N LEU C 247 0.44 57.81 49.77
CA LEU C 247 -0.02 57.80 48.39
C LEU C 247 -1.50 57.46 48.31
N GLY C 248 -2.19 57.44 49.45
CA GLY C 248 -3.64 57.17 49.45
C GLY C 248 -3.95 55.80 48.87
N ASP C 249 -4.87 55.77 47.90
CA ASP C 249 -5.40 54.52 47.34
C ASP C 249 -4.69 54.30 46.01
N VAL C 250 -3.71 53.36 45.98
CA VAL C 250 -2.86 53.23 44.79
C VAL C 250 -3.39 52.18 43.79
N THR C 251 -4.59 51.64 44.04
CA THR C 251 -5.05 50.50 43.23
C THR C 251 -4.99 50.77 41.73
N GLU C 252 -5.41 51.97 41.30
CA GLU C 252 -5.41 52.35 39.88
C GLU C 252 -4.29 53.31 39.55
N LYS C 253 -3.27 53.41 40.40
CA LYS C 253 -2.19 54.33 40.16
C LYS C 253 -1.05 53.57 39.51
N SER C 254 -0.09 54.31 39.02
CA SER C 254 1.13 53.71 38.49
C SER C 254 2.31 53.85 39.45
N VAL C 255 2.05 54.20 40.71
CA VAL C 255 3.08 54.33 41.75
C VAL C 255 2.64 53.49 42.94
N PRO C 256 3.57 53.13 43.81
CA PRO C 256 5.02 53.27 43.73
C PRO C 256 5.58 52.27 42.71
N LYS C 257 6.81 52.51 42.26
CA LYS C 257 7.53 51.59 41.40
C LYS C 257 8.18 50.55 42.29
N MET C 258 8.19 49.31 41.83
CA MET C 258 8.70 48.20 42.64
C MET C 258 10.11 47.90 42.16
N MET C 259 11.10 48.03 43.05
CA MET C 259 12.51 48.04 42.69
C MET C 259 13.18 46.84 43.34
N LEU C 260 13.67 45.90 42.57
CA LEU C 260 14.23 44.67 43.13
C LEU C 260 15.75 44.74 42.92
N VAL C 261 16.54 44.74 44.01
CA VAL C 261 17.97 45.06 43.90
C VAL C 261 18.82 43.81 44.15
N ALA C 262 19.99 43.80 43.54
CA ALA C 262 20.97 42.74 43.66
C ALA C 262 22.36 43.35 43.61
N PRO C 263 23.39 42.63 44.06
CA PRO C 263 24.74 43.18 43.94
C PRO C 263 25.09 43.48 42.49
N PRO C 264 25.86 44.53 42.25
CA PRO C 264 26.28 44.85 40.88
C PRO C 264 27.15 43.71 40.36
N ARG C 265 27.03 43.45 39.05
CA ARG C 265 27.83 42.41 38.44
C ARG C 265 28.72 42.94 37.35
N ASP C 266 28.50 44.19 36.91
N ASP C 266 28.51 44.17 36.89
CA ASP C 266 29.21 44.76 35.78
CA ASP C 266 29.33 44.67 35.81
C ASP C 266 30.11 45.92 36.17
C ASP C 266 30.02 45.97 36.20
N GLY C 267 30.44 46.08 37.45
CA GLY C 267 31.29 47.16 37.89
C GLY C 267 30.51 48.32 38.47
N GLY C 268 29.19 48.22 38.53
CA GLY C 268 28.35 49.32 38.97
C GLY C 268 28.19 49.38 40.50
N ALA C 269 27.23 50.21 40.93
CA ALA C 269 26.91 50.34 42.36
C ALA C 269 25.87 49.32 42.81
N VAL C 270 24.88 49.03 41.96
CA VAL C 270 23.81 48.12 42.35
C VAL C 270 23.16 47.67 41.05
N CYS C 271 22.51 46.52 41.07
CA CYS C 271 21.77 46.08 39.89
C CYS C 271 20.29 46.06 40.26
N VAL C 272 19.42 46.53 39.36
CA VAL C 272 18.00 46.67 39.68
C VAL C 272 17.14 46.05 38.58
N ARG C 273 15.99 45.50 39.01
CA ARG C 273 14.87 45.23 38.11
C ARG C 273 13.63 45.93 38.64
N SER C 274 12.87 46.53 37.76
CA SER C 274 11.82 47.46 38.19
C SER C 274 10.51 47.04 37.54
N PHE C 275 9.43 47.04 38.32
CA PHE C 275 8.08 46.84 37.81
C PHE C 275 7.28 48.14 38.03
N ILE C 276 6.54 48.62 37.01
CA ILE C 276 6.25 50.06 36.95
C ILE C 276 4.79 50.49 36.83
N PRO C 277 3.83 49.80 37.47
CA PRO C 277 4.03 48.79 38.52
C PRO C 277 3.79 47.40 38.00
N HIS C 278 3.22 47.24 36.81
CA HIS C 278 2.84 45.89 36.41
C HIS C 278 3.81 45.28 35.39
N ARG C 279 4.29 46.06 34.42
CA ARG C 279 5.24 45.52 33.44
C ARG C 279 6.63 45.69 34.02
N ALA C 280 7.52 44.77 33.65
CA ALA C 280 8.94 44.99 33.94
C ALA C 280 9.50 46.11 33.07
N HIS C 281 10.32 46.97 33.67
CA HIS C 281 10.95 48.02 32.91
C HIS C 281 12.01 47.40 31.98
N ALA C 282 12.12 47.93 30.75
CA ALA C 282 13.18 47.46 29.84
C ALA C 282 14.56 47.96 30.25
N THR C 283 14.61 49.13 30.92
CA THR C 283 15.87 49.68 31.42
C THR C 283 15.65 50.10 32.88
N ILE C 284 15.58 51.41 33.16
CA ILE C 284 15.20 51.93 34.47
C ILE C 284 14.75 53.38 34.30
N GLY C 285 13.79 53.81 35.11
CA GLY C 285 13.36 55.20 35.03
C GLY C 285 14.42 56.11 35.61
N VAL C 286 14.41 57.37 35.16
CA VAL C 286 15.42 58.35 35.63
C VAL C 286 15.26 58.64 37.13
N LEU C 287 14.10 59.12 37.57
CA LEU C 287 13.94 59.45 38.97
C LEU C 287 13.77 58.17 39.78
N GLY C 288 13.24 57.10 39.19
CA GLY C 288 13.32 55.81 39.88
C GLY C 288 14.76 55.44 40.23
N ALA C 289 15.69 55.63 39.26
CA ALA C 289 17.10 55.33 39.55
C ALA C 289 17.62 56.25 40.65
N VAL C 290 17.21 57.53 40.64
CA VAL C 290 17.68 58.42 41.69
C VAL C 290 17.22 57.92 43.03
N SER C 291 15.96 57.47 43.12
CA SER C 291 15.47 56.92 44.40
C SER C 291 16.26 55.69 44.81
N VAL C 292 16.51 54.78 43.86
CA VAL C 292 17.27 53.58 44.19
C VAL C 292 18.69 53.93 44.61
N ALA C 293 19.32 54.86 43.88
CA ALA C 293 20.69 55.29 44.26
C ALA C 293 20.72 55.87 45.64
N THR C 294 19.72 56.68 45.96
CA THR C 294 19.62 57.28 47.29
C THR C 294 19.45 56.21 48.38
N ALA C 295 18.63 55.19 48.12
CA ALA C 295 18.45 54.09 49.07
C ALA C 295 19.76 53.37 49.36
N CYS C 296 20.64 53.26 48.35
CA CYS C 296 21.92 52.59 48.57
C CYS C 296 22.73 53.23 49.67
N LEU C 297 22.47 54.51 49.95
CA LEU C 297 23.22 55.32 50.89
C LEU C 297 22.67 55.24 52.29
N ILE C 298 21.54 54.56 52.51
CA ILE C 298 20.86 54.58 53.81
C ILE C 298 21.24 53.30 54.54
N PRO C 299 21.99 53.39 55.64
CA PRO C 299 22.35 52.18 56.40
C PRO C 299 21.12 51.39 56.87
N GLY C 300 21.20 50.06 56.77
CA GLY C 300 20.08 49.22 57.10
C GLY C 300 19.14 48.88 55.96
N SER C 301 19.12 49.69 54.88
CA SER C 301 18.28 49.41 53.71
C SER C 301 18.76 48.12 53.06
N PRO C 302 17.84 47.31 52.54
CA PRO C 302 18.24 46.25 51.58
C PRO C 302 19.15 46.75 50.47
N ALA C 303 18.94 47.99 49.98
CA ALA C 303 19.80 48.48 48.91
C ALA C 303 21.23 48.66 49.41
N ALA C 304 21.39 49.24 50.60
CA ALA C 304 22.74 49.41 51.15
C ALA C 304 23.44 48.07 51.34
N GLU C 305 22.68 47.02 51.65
CA GLU C 305 23.29 45.72 51.91
C GLU C 305 23.90 45.11 50.65
N VAL C 306 23.31 45.35 49.48
CA VAL C 306 23.86 44.79 48.24
C VAL C 306 24.73 45.76 47.44
N ALA C 307 24.70 47.06 47.76
CA ALA C 307 25.34 48.06 46.91
C ALA C 307 26.85 48.14 47.17
N VAL C 308 27.58 48.61 46.16
CA VAL C 308 28.98 49.01 46.28
C VAL C 308 29.02 50.52 46.12
N VAL C 309 29.22 51.26 47.20
CA VAL C 309 29.01 52.71 47.16
C VAL C 309 30.37 53.39 47.13
N PRO C 310 30.66 54.26 46.16
CA PRO C 310 31.98 54.91 46.16
C PRO C 310 32.07 55.93 47.30
N GLU C 311 33.29 56.18 47.76
CA GLU C 311 33.50 57.18 48.79
C GLU C 311 33.58 58.58 48.18
N GLY C 312 33.35 59.58 49.00
CA GLY C 312 33.49 60.96 48.56
C GLY C 312 32.15 61.69 48.57
N ALA C 313 32.23 63.03 48.61
CA ALA C 313 30.99 63.83 48.53
C ALA C 313 30.29 63.77 47.17
N ARG C 314 31.02 63.50 46.07
N ARG C 314 31.04 63.66 46.07
CA ARG C 314 30.45 63.47 44.72
CA ARG C 314 30.43 63.45 44.77
C ARG C 314 30.47 62.03 44.19
C ARG C 314 30.50 61.97 44.52
N LYS C 315 29.33 61.36 44.28
CA LYS C 315 29.25 59.91 44.04
C LYS C 315 28.64 59.65 42.70
N THR C 316 29.38 58.91 41.85
CA THR C 316 28.78 58.44 40.59
C THR C 316 28.28 57.04 40.86
N LEU C 317 26.94 56.87 40.94
CA LEU C 317 26.32 55.60 41.24
C LEU C 317 25.75 54.99 39.95
N SER C 318 26.43 53.95 39.45
CA SER C 318 26.01 53.25 38.24
C SER C 318 24.90 52.26 38.59
N ILE C 319 23.70 52.50 38.08
CA ILE C 319 22.55 51.66 38.39
C ILE C 319 22.42 50.68 37.21
N GLU C 320 22.73 49.39 37.46
CA GLU C 320 22.69 48.40 36.39
C GLU C 320 21.25 47.96 36.14
N HIS C 321 20.93 47.70 34.86
CA HIS C 321 19.55 47.41 34.48
C HIS C 321 19.59 46.39 33.33
N PRO C 322 18.46 45.92 32.80
CA PRO C 322 18.52 44.80 31.87
C PRO C 322 19.38 45.01 30.63
N THR C 323 19.58 46.23 30.15
CA THR C 323 20.40 46.41 28.95
C THR C 323 21.59 47.33 29.19
N GLY C 324 22.08 47.40 30.42
CA GLY C 324 23.34 48.06 30.66
C GLY C 324 23.26 48.81 32.00
N GLU C 325 23.42 50.13 31.97
CA GLU C 325 23.39 50.85 33.23
C GLU C 325 23.04 52.28 32.95
N MET C 326 22.59 52.98 33.99
N MET C 326 22.58 52.94 34.03
CA MET C 326 22.48 54.42 33.88
CA MET C 326 22.35 54.38 34.08
C MET C 326 23.06 54.99 35.16
C MET C 326 23.24 54.98 35.16
N SER C 327 23.98 55.92 35.02
N SER C 327 24.01 55.99 34.80
CA SER C 327 24.66 56.48 36.17
CA SER C 327 24.96 56.64 35.69
C SER C 327 23.92 57.70 36.70
C SER C 327 24.32 57.85 36.37
N CYS C 328 23.83 57.76 38.02
N CYS C 328 24.16 57.79 37.69
CA CYS C 328 23.32 58.93 38.74
CA CYS C 328 23.52 58.83 38.51
C CYS C 328 24.49 59.59 39.46
C CYS C 328 24.57 59.53 39.34
N VAL C 329 24.82 60.82 39.08
CA VAL C 329 25.83 61.56 39.81
C VAL C 329 25.17 62.34 40.94
N LEU C 330 25.43 61.92 42.17
CA LEU C 330 24.80 62.51 43.37
C LEU C 330 25.82 63.34 44.11
N GLU C 331 25.43 64.55 44.50
CA GLU C 331 26.21 65.30 45.46
C GLU C 331 25.55 65.10 46.79
N VAL C 332 26.37 64.83 47.83
CA VAL C 332 25.83 64.67 49.17
C VAL C 332 26.51 65.70 50.08
N ASP C 333 25.73 66.18 51.05
CA ASP C 333 26.22 67.18 52.00
C ASP C 333 26.89 66.46 53.17
N ASP C 334 27.31 67.25 54.16
CA ASP C 334 28.10 66.69 55.26
C ASP C 334 27.30 65.70 56.09
N ALA C 335 25.99 65.91 56.23
CA ALA C 335 25.14 64.93 56.90
C ALA C 335 24.86 63.70 56.05
N GLY C 336 25.34 63.65 54.82
CA GLY C 336 25.15 62.52 53.93
C GLY C 336 23.88 62.56 53.12
N ASN C 337 23.10 63.64 53.22
CA ASN C 337 21.89 63.83 52.43
C ASN C 337 22.21 64.19 50.98
N VAL C 338 21.43 63.63 50.06
CA VAL C 338 21.59 63.95 48.63
C VAL C 338 21.08 65.37 48.36
N VAL C 339 21.94 66.24 47.81
CA VAL C 339 21.50 67.60 47.50
C VAL C 339 21.35 67.87 46.01
N SER C 340 21.83 66.99 45.12
CA SER C 340 21.51 67.13 43.71
C SER C 340 21.75 65.79 43.04
N ALA C 341 21.08 65.60 41.91
CA ALA C 341 21.28 64.42 41.08
C ALA C 341 21.41 64.87 39.64
N ALA C 342 22.42 64.33 38.94
CA ALA C 342 22.67 64.76 37.57
C ALA C 342 22.83 63.52 36.72
N LEU C 343 22.20 63.51 35.54
CA LEU C 343 22.19 62.28 34.73
C LEU C 343 22.17 62.70 33.28
N LEU C 344 22.71 61.88 32.38
CA LEU C 344 22.72 62.18 30.94
C LEU C 344 21.56 61.47 30.28
N ARG C 345 20.81 62.19 29.43
CA ARG C 345 19.80 61.57 28.58
C ARG C 345 20.04 62.04 27.16
N THR C 346 19.22 61.53 26.25
CA THR C 346 19.16 62.02 24.88
C THR C 346 17.71 61.96 24.45
N ALA C 347 17.41 62.51 23.26
CA ALA C 347 16.02 62.49 22.76
C ALA C 347 16.10 62.53 21.24
N ARG C 348 14.97 62.25 20.59
CA ARG C 348 14.94 62.45 19.14
C ARG C 348 13.50 62.73 18.72
N LYS C 349 13.32 63.74 17.86
CA LYS C 349 12.04 63.92 17.15
C LYS C 349 11.84 62.80 16.15
N LEU C 350 10.70 62.09 16.25
CA LEU C 350 10.50 60.95 15.35
C LEU C 350 9.51 61.27 14.24
N MET C 351 8.45 61.98 14.58
CA MET C 351 7.40 62.31 13.62
C MET C 351 6.74 63.57 14.15
N ASP C 352 6.39 64.48 13.25
CA ASP C 352 5.74 65.71 13.68
C ASP C 352 4.56 65.93 12.78
N GLY C 353 3.46 66.33 13.37
CA GLY C 353 2.30 66.60 12.55
C GLY C 353 1.06 66.69 13.41
N VAL C 354 0.03 65.93 13.03
CA VAL C 354 -1.32 65.99 13.65
C VAL C 354 -1.75 64.56 13.97
N VAL C 355 -2.20 64.31 15.23
CA VAL C 355 -2.79 63.01 15.56
C VAL C 355 -4.30 63.13 15.51
N PHE C 356 -4.96 62.03 15.15
CA PHE C 356 -6.37 61.98 14.88
C PHE C 356 -7.04 60.96 15.79
N VAL C 357 -8.29 61.26 16.16
CA VAL C 357 -9.19 60.31 16.80
C VAL C 357 -10.58 60.38 16.17
N LEU C 358 -11.35 59.29 16.31
CA LEU C 358 -12.68 59.28 15.75
C LEU C 358 -13.59 60.30 16.44
N MET D 8 3.67 -57.06 -42.68
CA MET D 8 2.24 -56.87 -42.43
C MET D 8 1.98 -55.64 -41.52
N ASP D 9 1.07 -54.78 -41.95
CA ASP D 9 0.79 -53.57 -41.19
C ASP D 9 -0.58 -53.63 -40.51
N SER D 10 -1.27 -54.76 -40.57
CA SER D 10 -2.56 -54.87 -39.87
C SER D 10 -2.92 -56.33 -39.72
N ALA D 11 -3.83 -56.61 -38.76
CA ALA D 11 -4.39 -57.96 -38.65
C ALA D 11 -5.77 -57.90 -38.03
N PRO D 12 -6.65 -58.82 -38.40
CA PRO D 12 -7.90 -58.96 -37.65
C PRO D 12 -7.57 -59.26 -36.20
N CYS D 13 -8.42 -58.73 -35.32
CA CYS D 13 -8.17 -58.90 -33.89
C CYS D 13 -9.46 -58.61 -33.12
N MET D 14 -9.73 -59.44 -32.11
CA MET D 14 -10.80 -59.17 -31.16
C MET D 14 -10.18 -58.69 -29.84
N TRP D 15 -10.58 -57.49 -29.35
CA TRP D 15 -10.14 -57.06 -28.04
C TRP D 15 -11.15 -57.61 -27.03
N MET D 16 -10.67 -58.36 -26.03
CA MET D 16 -11.57 -58.96 -25.05
C MET D 16 -11.09 -58.69 -23.63
N ARG D 17 -12.06 -58.73 -22.71
CA ARG D 17 -11.72 -58.94 -21.33
C ARG D 17 -11.76 -60.45 -21.13
N GLY D 18 -10.65 -61.01 -20.60
CA GLY D 18 -10.55 -62.43 -20.27
C GLY D 18 -10.41 -62.47 -18.75
N GLY D 19 -11.43 -62.90 -18.04
CA GLY D 19 -11.27 -62.87 -16.57
C GLY D 19 -11.08 -61.44 -16.08
N THR D 20 -10.04 -61.22 -15.28
CA THR D 20 -9.67 -59.91 -14.76
C THR D 20 -8.56 -59.23 -15.59
N SER D 21 -8.31 -59.74 -16.80
CA SER D 21 -7.28 -59.25 -17.70
C SER D 21 -7.88 -58.81 -19.02
N LYS D 22 -7.05 -58.17 -19.86
CA LYS D 22 -7.62 -57.62 -21.11
C LYS D 22 -6.53 -57.73 -22.18
N GLY D 23 -6.94 -58.07 -23.39
CA GLY D 23 -5.93 -58.14 -24.43
C GLY D 23 -6.51 -58.46 -25.81
N GLY D 24 -5.59 -58.67 -26.75
CA GLY D 24 -5.98 -58.90 -28.15
C GLY D 24 -5.90 -60.37 -28.49
N TYR D 25 -6.97 -60.86 -29.13
CA TYR D 25 -7.10 -62.27 -29.52
C TYR D 25 -6.94 -62.36 -31.04
N PHE D 26 -6.05 -63.23 -31.47
CA PHE D 26 -5.70 -63.34 -32.88
C PHE D 26 -5.81 -64.78 -33.32
N LEU D 27 -6.13 -64.96 -34.60
CA LEU D 27 -5.91 -66.26 -35.23
C LEU D 27 -4.43 -66.40 -35.56
N ARG D 28 -3.91 -67.61 -35.34
N ARG D 28 -3.91 -67.61 -35.33
CA ARG D 28 -2.49 -67.88 -35.60
CA ARG D 28 -2.50 -67.88 -35.59
C ARG D 28 -2.12 -67.49 -37.01
C ARG D 28 -2.11 -67.51 -37.01
N ALA D 29 -3.02 -67.76 -37.97
CA ALA D 29 -2.67 -67.54 -39.36
C ALA D 29 -2.54 -66.06 -39.68
N ASP D 30 -3.09 -65.19 -38.84
CA ASP D 30 -3.06 -63.75 -39.12
C ASP D 30 -1.81 -63.05 -38.60
N LEU D 31 -0.96 -63.76 -37.87
CA LEU D 31 0.25 -63.16 -37.32
C LEU D 31 1.49 -63.67 -38.08
N PRO D 32 2.59 -62.92 -38.08
CA PRO D 32 3.83 -63.43 -38.71
C PRO D 32 4.28 -64.73 -38.07
N ALA D 33 4.85 -65.62 -38.91
CA ALA D 33 5.36 -66.89 -38.42
C ALA D 33 6.66 -66.72 -37.63
N ASP D 34 7.55 -65.83 -38.08
CA ASP D 34 8.82 -65.69 -37.37
C ASP D 34 8.62 -64.98 -36.04
N THR D 35 9.33 -65.48 -35.00
CA THR D 35 9.14 -64.93 -33.63
C THR D 35 9.43 -63.44 -33.54
N ALA D 36 10.52 -62.99 -34.15
CA ALA D 36 10.89 -61.58 -34.05
C ALA D 36 9.92 -60.72 -34.86
N ALA D 37 9.48 -61.22 -36.03
CA ALA D 37 8.50 -60.47 -36.80
C ALA D 37 7.21 -60.36 -36.03
N ARG D 38 6.81 -61.48 -35.41
CA ARG D 38 5.59 -61.47 -34.59
C ARG D 38 5.73 -60.52 -33.41
N ASP D 39 6.85 -60.60 -32.68
CA ASP D 39 6.96 -59.77 -31.50
C ASP D 39 6.99 -58.29 -31.85
N ALA D 40 7.71 -57.92 -32.93
CA ALA D 40 7.72 -56.52 -33.35
C ALA D 40 6.31 -56.01 -33.64
N PHE D 41 5.51 -56.83 -34.34
CA PHE D 41 4.12 -56.48 -34.63
C PHE D 41 3.29 -56.32 -33.36
N LEU D 42 3.41 -57.27 -32.43
CA LEU D 42 2.60 -57.19 -31.22
C LEU D 42 3.01 -56.03 -30.33
N LEU D 43 4.32 -55.77 -30.23
CA LEU D 43 4.78 -54.60 -29.47
C LEU D 43 4.15 -53.36 -30.03
N ALA D 44 4.13 -53.25 -31.36
CA ALA D 44 3.60 -52.04 -31.98
C ALA D 44 2.07 -51.96 -31.85
N VAL D 45 1.38 -53.09 -31.95
CA VAL D 45 -0.07 -53.10 -31.70
C VAL D 45 -0.37 -52.55 -30.31
N MET D 46 0.41 -52.96 -29.32
CA MET D 46 0.15 -52.63 -27.92
C MET D 46 0.63 -51.23 -27.57
N GLY D 47 1.57 -50.70 -28.36
CA GLY D 47 2.18 -49.42 -28.02
C GLY D 47 3.33 -49.53 -27.05
N SER D 48 4.04 -50.68 -27.03
CA SER D 48 5.18 -50.90 -26.16
C SER D 48 6.48 -50.75 -26.95
N PRO D 49 7.59 -50.32 -26.32
CA PRO D 49 7.64 -49.94 -24.90
C PRO D 49 7.24 -48.49 -24.66
N ASP D 50 6.40 -48.29 -23.65
CA ASP D 50 5.97 -46.92 -23.30
C ASP D 50 5.24 -47.03 -21.96
N PRO D 51 5.65 -46.36 -20.87
CA PRO D 51 4.91 -46.55 -19.60
C PRO D 51 3.45 -46.21 -19.73
N ARG D 52 3.08 -45.42 -20.74
N ARG D 52 3.11 -45.40 -20.74
CA ARG D 52 1.68 -45.04 -20.92
CA ARG D 52 1.78 -44.89 -21.04
C ARG D 52 1.00 -45.76 -22.07
C ARG D 52 1.04 -45.73 -22.07
N GLN D 53 1.77 -46.54 -22.85
CA GLN D 53 1.27 -47.24 -24.03
C GLN D 53 0.28 -46.35 -24.81
N ILE D 54 0.69 -45.12 -25.13
CA ILE D 54 -0.28 -44.19 -25.71
C ILE D 54 -0.49 -44.43 -27.20
N ASP D 55 0.48 -45.04 -27.89
CA ASP D 55 0.44 -45.25 -29.33
C ASP D 55 0.10 -46.69 -29.70
N GLY D 56 -0.75 -47.33 -28.91
CA GLY D 56 -1.28 -48.64 -29.26
C GLY D 56 -2.45 -49.00 -28.32
N MET D 57 -2.76 -50.29 -28.23
CA MET D 57 -4.01 -50.71 -27.57
C MET D 57 -3.80 -51.20 -26.13
N GLY D 58 -2.56 -51.22 -25.64
CA GLY D 58 -2.33 -51.61 -24.26
C GLY D 58 -2.85 -50.56 -23.29
N GLY D 59 -3.22 -51.01 -22.09
CA GLY D 59 -3.81 -50.11 -21.10
C GLY D 59 -2.84 -49.67 -20.02
N ALA D 60 -1.55 -49.74 -20.30
CA ALA D 60 -0.44 -49.26 -19.46
C ALA D 60 -0.34 -50.07 -18.16
N ASP D 61 -0.73 -51.34 -18.22
CA ASP D 61 -0.74 -52.25 -17.03
C ASP D 61 -0.42 -53.61 -17.65
N PRO D 62 0.47 -54.41 -17.08
CA PRO D 62 0.66 -55.72 -17.73
C PRO D 62 -0.65 -56.50 -17.89
N LEU D 63 -1.59 -56.31 -16.98
CA LEU D 63 -2.86 -57.08 -16.98
C LEU D 63 -3.79 -56.64 -18.11
N THR D 64 -3.47 -55.53 -18.79
CA THR D 64 -4.19 -55.12 -19.99
C THR D 64 -3.25 -54.97 -21.18
N SER D 65 -2.18 -55.78 -21.18
CA SER D 65 -1.22 -55.74 -22.29
C SER D 65 -0.92 -57.18 -22.70
N MET D 66 -1.97 -57.97 -22.91
N MET D 66 -1.99 -57.95 -22.95
CA MET D 66 -1.76 -59.40 -23.15
CA MET D 66 -1.92 -59.39 -23.15
C MET D 66 -2.31 -59.81 -24.52
C MET D 66 -2.33 -59.79 -24.57
N VAL D 67 -1.83 -60.94 -25.02
CA VAL D 67 -2.16 -61.44 -26.36
C VAL D 67 -2.51 -62.92 -26.23
N ALA D 68 -3.53 -63.36 -26.94
CA ALA D 68 -3.82 -64.77 -27.15
C ALA D 68 -3.76 -65.08 -28.64
N VAL D 69 -3.01 -66.13 -28.99
CA VAL D 69 -2.95 -66.62 -30.37
C VAL D 69 -3.67 -67.95 -30.41
N VAL D 70 -4.74 -68.06 -31.22
CA VAL D 70 -5.66 -69.21 -31.14
C VAL D 70 -5.78 -69.85 -32.51
N SER D 71 -5.83 -71.18 -32.54
CA SER D 71 -5.99 -71.86 -33.83
C SER D 71 -6.76 -73.16 -33.60
N LYS D 72 -7.41 -73.65 -34.66
CA LYS D 72 -8.03 -74.97 -34.61
C LYS D 72 -6.98 -76.06 -34.34
N SER D 73 -7.25 -76.94 -33.38
CA SER D 73 -6.29 -77.95 -32.99
C SER D 73 -6.45 -79.21 -33.85
N GLU D 74 -5.33 -79.84 -34.16
N GLU D 74 -5.32 -79.82 -34.19
CA GLU D 74 -5.28 -81.16 -34.81
CA GLU D 74 -5.23 -81.12 -34.82
C GLU D 74 -4.98 -82.27 -33.80
C GLU D 74 -5.23 -82.27 -33.81
N ARG D 75 -5.02 -81.96 -32.52
CA ARG D 75 -4.78 -82.97 -31.49
C ARG D 75 -6.09 -83.68 -31.17
N PRO D 76 -6.08 -85.02 -31.04
CA PRO D 76 -7.36 -85.73 -30.81
C PRO D 76 -8.02 -85.26 -29.53
N GLY D 77 -9.32 -84.98 -29.59
CA GLY D 77 -9.98 -84.54 -28.37
C GLY D 77 -9.76 -83.10 -27.96
N ILE D 78 -8.99 -82.33 -28.73
CA ILE D 78 -8.70 -80.94 -28.44
C ILE D 78 -9.37 -80.08 -29.49
N ASP D 79 -10.06 -79.03 -29.06
CA ASP D 79 -10.72 -78.19 -30.05
C ASP D 79 -9.83 -77.05 -30.55
N VAL D 80 -9.13 -76.36 -29.65
CA VAL D 80 -8.27 -75.25 -30.08
C VAL D 80 -6.94 -75.28 -29.34
N ASP D 81 -5.91 -74.78 -30.03
CA ASP D 81 -4.58 -74.54 -29.46
C ASP D 81 -4.48 -73.07 -29.13
N TYR D 82 -3.92 -72.74 -27.97
CA TYR D 82 -3.93 -71.36 -27.49
C TYR D 82 -2.54 -71.04 -26.94
N LEU D 83 -1.87 -70.04 -27.51
CA LEU D 83 -0.55 -69.55 -27.05
C LEU D 83 -0.80 -68.22 -26.39
N PHE D 84 -0.40 -68.10 -25.13
CA PHE D 84 -0.46 -66.83 -24.40
C PHE D 84 0.85 -66.08 -24.53
N LEU D 85 0.77 -64.77 -24.77
CA LEU D 85 1.97 -63.94 -24.87
C LEU D 85 1.79 -62.71 -24.00
N GLN D 86 2.72 -62.48 -23.10
CA GLN D 86 2.75 -61.25 -22.31
C GLN D 86 3.55 -60.18 -23.06
N VAL D 87 2.94 -59.03 -23.33
CA VAL D 87 3.65 -57.95 -24.01
C VAL D 87 4.06 -57.01 -22.90
N PHE D 88 5.37 -56.83 -22.67
CA PHE D 88 5.76 -55.95 -21.57
C PHE D 88 5.29 -54.52 -21.87
N VAL D 89 4.97 -53.77 -20.80
CA VAL D 89 4.50 -52.40 -20.98
C VAL D 89 5.65 -51.48 -21.40
N ASP D 90 6.81 -51.56 -20.71
N ASP D 90 6.79 -51.54 -20.68
CA ASP D 90 7.85 -50.56 -20.94
CA ASP D 90 7.86 -50.57 -20.90
C ASP D 90 9.19 -51.20 -21.28
C ASP D 90 9.20 -51.24 -21.16
N GLN D 91 9.17 -52.40 -21.81
CA GLN D 91 10.35 -52.97 -22.43
C GLN D 91 9.94 -53.60 -23.74
N ALA D 92 10.88 -53.68 -24.70
CA ALA D 92 10.56 -54.31 -26.00
C ALA D 92 10.72 -55.83 -25.88
N ILE D 93 9.83 -56.43 -25.08
CA ILE D 93 9.88 -57.84 -24.72
C ILE D 93 8.49 -58.43 -24.84
N VAL D 94 8.41 -59.58 -25.50
CA VAL D 94 7.22 -60.40 -25.51
C VAL D 94 7.65 -61.75 -24.95
N THR D 95 6.96 -62.24 -23.91
N THR D 95 6.95 -62.26 -23.94
CA THR D 95 7.36 -63.50 -23.26
CA THR D 95 7.41 -63.54 -23.42
C THR D 95 6.31 -64.60 -23.48
C THR D 95 6.32 -64.60 -23.51
N ASP D 96 6.78 -65.84 -23.70
CA ASP D 96 5.88 -66.97 -23.89
C ASP D 96 6.08 -68.05 -22.83
N ALA D 97 6.71 -67.73 -21.70
CA ALA D 97 7.03 -68.85 -20.83
C ALA D 97 5.96 -69.18 -19.78
N GLN D 98 4.74 -68.67 -19.88
CA GLN D 98 3.74 -69.03 -18.86
C GLN D 98 2.38 -69.24 -19.48
N ASN D 99 1.53 -69.95 -18.73
CA ASN D 99 0.09 -70.00 -18.98
C ASN D 99 -0.52 -68.67 -18.58
N CYS D 100 -1.80 -68.47 -18.96
CA CYS D 100 -2.57 -67.35 -18.41
C CYS D 100 -4.02 -67.82 -18.36
N GLY D 101 -4.49 -68.16 -17.16
CA GLY D 101 -5.86 -68.66 -17.12
C GLY D 101 -6.93 -67.60 -17.09
N ASN D 102 -6.59 -66.34 -16.82
CA ASN D 102 -7.59 -65.27 -17.04
C ASN D 102 -7.82 -65.05 -18.55
N ILE D 103 -6.72 -64.84 -19.33
CA ILE D 103 -6.91 -64.68 -20.77
C ILE D 103 -7.51 -65.96 -21.39
N LEU D 104 -7.20 -67.10 -20.79
CA LEU D 104 -7.83 -68.32 -21.26
C LEU D 104 -9.35 -68.21 -21.33
N ALA D 105 -9.96 -67.46 -20.42
CA ALA D 105 -11.45 -67.44 -20.40
C ALA D 105 -12.02 -66.89 -21.68
N GLY D 106 -11.32 -65.96 -22.33
CA GLY D 106 -11.86 -65.46 -23.59
C GLY D 106 -11.62 -66.39 -24.76
N VAL D 107 -10.75 -67.42 -24.60
CA VAL D 107 -10.37 -68.19 -25.78
C VAL D 107 -11.55 -69.00 -26.31
N GLY D 108 -12.31 -69.65 -25.42
CA GLY D 108 -13.44 -70.44 -25.89
C GLY D 108 -14.46 -69.63 -26.67
N PRO D 109 -14.97 -68.53 -26.10
CA PRO D 109 -15.95 -67.70 -26.86
C PRO D 109 -15.33 -67.16 -28.14
N PHE D 110 -14.07 -66.68 -28.07
CA PHE D 110 -13.39 -66.21 -29.29
C PHE D 110 -13.39 -67.32 -30.35
N ALA D 111 -12.99 -68.52 -29.97
CA ALA D 111 -12.87 -69.59 -30.97
C ALA D 111 -14.25 -69.95 -31.57
N ILE D 112 -15.31 -69.94 -30.75
CA ILE D 112 -16.64 -70.23 -31.30
C ILE D 112 -17.07 -69.10 -32.25
N GLU D 113 -16.90 -67.85 -31.81
CA GLU D 113 -17.26 -66.73 -32.70
C GLU D 113 -16.51 -66.81 -34.03
N ARG D 114 -15.24 -67.17 -33.99
CA ARG D 114 -14.40 -67.26 -35.19
C ARG D 114 -14.61 -68.54 -36.00
N GLY D 115 -15.47 -69.46 -35.55
CA GLY D 115 -15.73 -70.66 -36.32
C GLY D 115 -14.64 -71.70 -36.20
N LEU D 116 -13.74 -71.57 -35.20
CA LEU D 116 -12.73 -72.62 -35.05
C LEU D 116 -13.32 -73.84 -34.39
N VAL D 117 -14.34 -73.65 -33.56
CA VAL D 117 -15.06 -74.78 -32.96
C VAL D 117 -16.55 -74.44 -33.05
N ALA D 118 -17.35 -75.42 -33.41
CA ALA D 118 -18.78 -75.24 -33.60
C ALA D 118 -19.48 -75.23 -32.24
N ALA D 119 -20.51 -74.39 -32.11
CA ALA D 119 -21.36 -74.45 -30.94
C ALA D 119 -21.97 -75.85 -30.87
N SER D 120 -22.12 -76.38 -29.64
CA SER D 120 -22.69 -77.72 -29.47
C SER D 120 -23.72 -77.59 -28.36
N GLY D 121 -24.99 -77.53 -28.74
CA GLY D 121 -26.01 -77.32 -27.73
C GLY D 121 -25.96 -75.89 -27.16
N ASP D 122 -26.66 -75.71 -26.02
CA ASP D 122 -26.69 -74.36 -25.44
C ASP D 122 -25.50 -74.08 -24.53
N GLU D 123 -24.69 -75.09 -24.22
CA GLU D 123 -23.46 -74.95 -23.44
C GLU D 123 -22.40 -75.75 -24.14
N THR D 124 -21.45 -75.09 -24.77
CA THR D 124 -20.48 -75.77 -25.63
C THR D 124 -19.21 -76.03 -24.82
N ARG D 125 -18.85 -77.28 -24.65
CA ARG D 125 -17.53 -77.61 -24.10
C ARG D 125 -16.41 -77.28 -25.09
N VAL D 126 -15.34 -76.62 -24.62
CA VAL D 126 -14.18 -76.32 -25.50
C VAL D 126 -12.93 -76.81 -24.78
N ALA D 127 -12.26 -77.81 -25.34
CA ALA D 127 -11.00 -78.33 -24.79
C ALA D 127 -9.88 -77.53 -25.46
N ILE D 128 -9.03 -76.93 -24.62
CA ILE D 128 -8.05 -75.93 -25.07
C ILE D 128 -6.66 -76.43 -24.70
N PHE D 129 -5.81 -76.58 -25.71
CA PHE D 129 -4.39 -76.95 -25.46
C PHE D 129 -3.56 -75.69 -25.25
N MET D 130 -3.00 -75.55 -24.04
CA MET D 130 -2.28 -74.34 -23.65
C MET D 130 -0.85 -74.53 -24.15
N GLU D 131 -0.51 -73.94 -25.31
CA GLU D 131 0.76 -74.27 -25.98
C GLU D 131 1.97 -73.94 -25.12
N ASN D 132 1.86 -72.92 -24.24
CA ASN D 132 3.01 -72.48 -23.46
C ASN D 132 3.57 -73.60 -22.60
N THR D 133 2.70 -74.46 -22.08
CA THR D 133 3.13 -75.52 -21.13
C THR D 133 2.72 -76.90 -21.56
N GLY D 134 1.91 -77.05 -22.61
CA GLY D 134 1.48 -78.40 -22.97
C GLY D 134 0.33 -78.93 -22.11
N GLN D 135 -0.25 -78.10 -21.24
CA GLN D 135 -1.38 -78.52 -20.43
C GLN D 135 -2.68 -78.33 -21.23
N VAL D 136 -3.76 -78.97 -20.77
CA VAL D 136 -5.09 -78.77 -21.38
C VAL D 136 -6.04 -78.22 -20.30
N ALA D 137 -6.87 -77.26 -20.71
CA ALA D 137 -7.98 -76.76 -19.89
C ALA D 137 -9.28 -77.06 -20.61
N VAL D 138 -10.35 -77.36 -19.86
CA VAL D 138 -11.66 -77.55 -20.47
C VAL D 138 -12.60 -76.47 -19.97
N ALA D 139 -13.08 -75.62 -20.86
CA ALA D 139 -13.99 -74.53 -20.51
C ALA D 139 -15.37 -74.88 -21.03
N THR D 140 -16.43 -74.32 -20.43
CA THR D 140 -17.76 -74.45 -21.01
C THR D 140 -18.26 -73.04 -21.32
N VAL D 141 -18.79 -72.83 -22.53
CA VAL D 141 -19.21 -71.51 -22.99
C VAL D 141 -20.70 -71.51 -23.23
N ARG D 142 -21.37 -70.45 -22.76
CA ARG D 142 -22.79 -70.36 -23.04
C ARG D 142 -23.03 -69.98 -24.49
N THR D 143 -23.77 -70.86 -25.22
CA THR D 143 -24.07 -70.67 -26.63
C THR D 143 -25.56 -70.88 -26.84
N PRO D 144 -26.42 -70.11 -26.14
CA PRO D 144 -27.87 -70.31 -26.27
C PRO D 144 -28.29 -70.17 -27.72
N GLY D 145 -29.07 -71.14 -28.19
CA GLY D 145 -29.47 -71.10 -29.59
C GLY D 145 -28.35 -71.24 -30.59
N GLY D 146 -27.16 -71.64 -30.13
CA GLY D 146 -26.06 -71.84 -31.04
C GLY D 146 -25.14 -70.65 -31.21
N SER D 147 -25.38 -69.54 -30.50
CA SER D 147 -24.52 -68.35 -30.55
C SER D 147 -23.96 -67.98 -29.19
N VAL D 148 -22.67 -67.61 -29.17
CA VAL D 148 -22.04 -67.17 -27.92
C VAL D 148 -22.83 -66.02 -27.33
N THR D 149 -22.99 -66.05 -26.00
CA THR D 149 -23.43 -64.86 -25.26
C THR D 149 -22.38 -64.49 -24.22
N TYR D 150 -22.22 -63.17 -23.96
CA TYR D 150 -21.42 -62.75 -22.80
C TYR D 150 -22.31 -62.27 -21.64
N ALA D 151 -23.62 -62.21 -21.83
CA ALA D 151 -24.53 -61.79 -20.77
C ALA D 151 -24.90 -62.97 -19.86
N GLY D 152 -25.13 -62.68 -18.58
CA GLY D 152 -25.44 -63.77 -17.66
C GLY D 152 -25.45 -63.23 -16.25
N ASP D 153 -25.60 -64.14 -15.30
N ASP D 153 -25.65 -64.13 -15.28
CA ASP D 153 -25.76 -63.81 -13.90
CA ASP D 153 -25.73 -63.71 -13.89
C ASP D 153 -24.48 -64.04 -13.10
C ASP D 153 -24.50 -64.12 -13.08
N ALA D 154 -23.40 -64.45 -13.75
CA ALA D 154 -22.17 -64.77 -13.01
C ALA D 154 -21.34 -63.52 -12.73
N ALA D 155 -20.54 -63.57 -11.64
CA ALA D 155 -19.72 -62.43 -11.29
C ALA D 155 -18.39 -62.93 -10.77
N ILE D 156 -17.32 -62.15 -11.01
CA ILE D 156 -16.02 -62.48 -10.43
C ILE D 156 -15.48 -61.21 -9.80
N ASP D 157 -14.75 -61.38 -8.68
CA ASP D 157 -14.23 -60.20 -8.01
C ASP D 157 -13.15 -59.52 -8.86
N GLY D 158 -13.21 -58.18 -8.95
CA GLY D 158 -12.29 -57.49 -9.86
C GLY D 158 -12.93 -57.08 -11.17
N VAL D 159 -14.15 -57.53 -11.43
CA VAL D 159 -14.91 -57.10 -12.60
C VAL D 159 -16.29 -56.59 -12.16
N PRO D 160 -16.68 -55.36 -12.52
CA PRO D 160 -18.04 -54.90 -12.19
C PRO D 160 -19.10 -55.70 -12.95
N GLY D 161 -20.28 -55.74 -12.35
CA GLY D 161 -21.44 -56.26 -13.08
C GLY D 161 -21.42 -57.78 -13.16
N THR D 162 -22.17 -58.29 -14.14
CA THR D 162 -22.36 -59.75 -14.28
C THR D 162 -22.32 -60.15 -15.73
N HIS D 163 -21.91 -61.38 -15.96
CA HIS D 163 -21.68 -61.89 -17.32
C HIS D 163 -22.01 -63.37 -17.38
N ALA D 164 -21.90 -63.92 -18.59
CA ALA D 164 -22.11 -65.36 -18.75
C ALA D 164 -20.98 -66.11 -18.03
N PRO D 165 -21.28 -67.19 -17.30
CA PRO D 165 -20.22 -67.94 -16.62
C PRO D 165 -19.39 -68.73 -17.60
N ILE D 166 -18.10 -68.87 -17.25
CA ILE D 166 -17.21 -69.75 -18.03
C ILE D 166 -16.48 -70.60 -17.00
N PRO D 167 -17.06 -71.74 -16.64
CA PRO D 167 -16.36 -72.63 -15.71
C PRO D 167 -15.23 -73.34 -16.44
N THR D 168 -14.10 -73.45 -15.74
CA THR D 168 -12.92 -74.06 -16.38
C THR D 168 -12.34 -75.12 -15.47
N GLU D 169 -11.86 -76.22 -16.06
CA GLU D 169 -11.30 -77.30 -15.26
C GLU D 169 -9.91 -77.68 -15.79
N PHE D 170 -8.95 -77.91 -14.86
CA PHE D 170 -7.57 -78.24 -15.22
C PHE D 170 -7.24 -79.56 -14.57
N ARG D 171 -6.66 -80.49 -15.33
CA ARG D 171 -6.10 -81.72 -14.80
C ARG D 171 -4.61 -81.81 -15.20
N ASP D 172 -3.92 -82.74 -14.58
N ASP D 172 -3.87 -82.71 -14.58
CA ASP D 172 -2.47 -82.87 -14.84
CA ASP D 172 -2.45 -82.85 -14.95
C ASP D 172 -1.79 -81.49 -14.92
C ASP D 172 -1.67 -81.51 -14.88
N THR D 173 -1.94 -80.71 -13.84
CA THR D 173 -1.35 -79.35 -13.78
C THR D 173 0.09 -79.32 -13.24
N ALA D 174 0.52 -80.34 -12.52
CA ALA D 174 1.77 -80.23 -11.76
C ALA D 174 3.02 -80.20 -12.64
N GLY D 175 3.92 -79.26 -12.34
CA GLY D 175 5.27 -79.27 -12.92
C GLY D 175 5.35 -79.01 -14.41
N SER D 176 4.33 -78.40 -15.01
N SER D 176 4.34 -78.39 -15.02
CA SER D 176 4.35 -78.26 -16.45
CA SER D 176 4.34 -78.24 -16.47
C SER D 176 5.45 -77.31 -16.92
C SER D 176 5.25 -77.11 -16.96
N SER D 177 5.91 -76.38 -16.06
CA SER D 177 7.04 -75.51 -16.40
C SER D 177 8.33 -75.93 -15.73
N CYS D 178 8.23 -76.37 -14.47
CA CYS D 178 9.44 -76.65 -13.67
C CYS D 178 9.83 -78.11 -13.66
N GLY D 179 9.01 -78.98 -14.25
CA GLY D 179 9.31 -80.40 -14.32
C GLY D 179 8.82 -81.20 -13.14
N ALA D 180 8.33 -80.55 -12.09
CA ALA D 180 7.82 -81.21 -10.90
C ALA D 180 7.02 -80.18 -10.18
N LEU D 181 6.09 -80.64 -9.35
CA LEU D 181 5.38 -79.73 -8.47
C LEU D 181 6.36 -78.93 -7.61
N LEU D 182 7.36 -79.61 -7.03
CA LEU D 182 8.40 -79.00 -6.20
C LEU D 182 9.76 -79.23 -6.87
N PRO D 183 10.21 -78.34 -7.74
CA PRO D 183 11.45 -78.60 -8.51
C PRO D 183 12.67 -78.72 -7.62
N SER D 184 12.67 -78.11 -6.42
CA SER D 184 13.81 -78.35 -5.50
C SER D 184 13.71 -79.68 -4.77
N GLY D 185 12.57 -80.36 -4.82
CA GLY D 185 12.35 -81.53 -4.00
C GLY D 185 11.97 -81.27 -2.57
N ASN D 186 11.93 -80.01 -2.14
CA ASN D 186 11.65 -79.66 -0.76
C ASN D 186 10.35 -78.87 -0.64
N ALA D 187 9.61 -79.14 0.45
CA ALA D 187 8.45 -78.33 0.79
C ALA D 187 8.84 -76.90 1.05
N VAL D 188 10.06 -76.68 1.54
CA VAL D 188 10.54 -75.34 1.85
C VAL D 188 12.04 -75.29 1.62
N ASP D 189 12.50 -74.15 1.10
CA ASP D 189 13.91 -73.84 0.92
C ASP D 189 14.18 -72.49 1.54
N VAL D 190 15.33 -72.33 2.19
CA VAL D 190 15.70 -71.00 2.68
C VAL D 190 16.45 -70.26 1.59
N VAL D 191 15.95 -69.08 1.25
CA VAL D 191 16.56 -68.23 0.24
C VAL D 191 16.65 -66.85 0.84
N ASN D 192 17.84 -66.26 0.79
CA ASN D 192 18.06 -64.90 1.33
C ASN D 192 17.44 -64.75 2.72
N GLY D 193 17.68 -65.76 3.58
CA GLY D 193 17.27 -65.66 4.97
C GLY D 193 15.82 -65.99 5.26
N LEU D 194 15.02 -66.34 4.26
CA LEU D 194 13.67 -66.72 4.65
C LEU D 194 13.18 -67.98 3.96
N PRO D 195 12.23 -68.67 4.59
CA PRO D 195 11.72 -69.91 4.02
C PRO D 195 10.74 -69.60 2.90
N VAL D 196 10.96 -70.21 1.73
CA VAL D 196 10.02 -70.09 0.62
C VAL D 196 9.60 -71.49 0.18
N THR D 197 8.47 -71.57 -0.51
CA THR D 197 8.13 -72.78 -1.25
C THR D 197 8.24 -72.46 -2.74
N LEU D 198 9.03 -73.26 -3.45
CA LEU D 198 9.12 -73.14 -4.92
C LEU D 198 8.15 -74.16 -5.49
N ILE D 199 7.06 -73.69 -6.13
CA ILE D 199 6.03 -74.64 -6.52
C ILE D 199 5.48 -74.32 -7.89
N ASP D 200 5.10 -75.37 -8.62
CA ASP D 200 4.50 -75.19 -9.95
C ASP D 200 3.33 -76.16 -10.07
N ASN D 201 2.11 -75.63 -9.83
CA ASN D 201 0.93 -76.40 -10.17
C ASN D 201 0.13 -75.68 -11.24
N GLY D 202 0.84 -75.29 -12.31
CA GLY D 202 0.25 -74.62 -13.45
C GLY D 202 0.79 -73.22 -13.64
N MET D 203 1.46 -72.65 -12.61
CA MET D 203 2.11 -71.35 -12.67
C MET D 203 3.31 -71.46 -11.73
N PRO D 204 4.55 -71.25 -12.20
CA PRO D 204 5.69 -71.32 -11.26
C PRO D 204 5.63 -70.14 -10.30
N CYS D 205 5.65 -70.45 -8.99
CA CYS D 205 5.52 -69.44 -7.94
C CYS D 205 6.62 -69.63 -6.90
N VAL D 206 7.00 -68.51 -6.28
CA VAL D 206 7.75 -68.48 -5.02
C VAL D 206 6.79 -68.00 -3.95
N VAL D 207 6.50 -68.88 -2.97
CA VAL D 207 5.50 -68.62 -1.94
C VAL D 207 6.22 -68.32 -0.63
N MET D 208 5.95 -67.16 -0.03
CA MET D 208 6.62 -66.79 1.22
C MET D 208 5.63 -66.06 2.10
N LYS D 209 5.90 -65.99 3.41
CA LYS D 209 5.02 -65.20 4.26
C LYS D 209 5.22 -63.71 4.01
N ALA D 210 4.10 -62.99 3.85
CA ALA D 210 4.15 -61.54 3.73
C ALA D 210 4.89 -60.93 4.92
N ALA D 211 4.62 -61.46 6.13
CA ALA D 211 5.26 -60.90 7.32
C ALA D 211 6.79 -61.06 7.27
N ASP D 212 7.30 -62.12 6.61
CA ASP D 212 8.75 -62.30 6.54
C ASP D 212 9.41 -61.28 5.62
N VAL D 213 8.65 -60.58 4.75
CA VAL D 213 9.28 -59.51 3.93
C VAL D 213 8.78 -58.14 4.36
N GLY D 214 8.22 -58.05 5.56
CA GLY D 214 8.00 -56.74 6.15
C GLY D 214 6.66 -56.10 5.87
N ILE D 215 5.68 -56.83 5.31
CA ILE D 215 4.34 -56.28 5.08
C ILE D 215 3.30 -57.14 5.83
N THR D 216 2.04 -56.68 5.88
CA THR D 216 1.02 -57.57 6.46
C THR D 216 0.46 -58.55 5.46
N GLY D 217 0.47 -58.18 4.18
CA GLY D 217 -0.28 -58.95 3.20
C GLY D 217 -1.66 -58.45 2.94
N TYR D 218 -2.11 -57.40 3.64
CA TYR D 218 -3.45 -56.86 3.42
C TYR D 218 -3.40 -55.51 2.72
N GLU D 219 -2.22 -55.08 2.28
CA GLU D 219 -2.07 -53.75 1.64
C GLU D 219 -2.76 -53.72 0.28
N ASP D 220 -3.14 -52.52 -0.15
N ASP D 220 -3.11 -52.52 -0.16
CA ASP D 220 -3.72 -52.43 -1.48
CA ASP D 220 -3.69 -52.32 -1.47
C ASP D 220 -2.63 -52.37 -2.54
C ASP D 220 -2.62 -52.38 -2.55
N ARG D 221 -3.08 -52.48 -3.80
CA ARG D 221 -2.16 -52.54 -4.94
C ARG D 221 -1.24 -51.33 -4.98
N ASP D 222 -1.78 -50.10 -4.80
CA ASP D 222 -0.94 -48.91 -4.89
C ASP D 222 0.17 -48.93 -3.83
N SER D 223 -0.17 -49.28 -2.59
CA SER D 223 0.82 -49.35 -1.51
C SER D 223 1.96 -50.33 -1.85
N LEU D 224 1.60 -51.51 -2.40
CA LEU D 224 2.60 -52.51 -2.76
C LEU D 224 3.47 -52.02 -3.91
N ASP D 225 2.84 -51.45 -4.95
CA ASP D 225 3.61 -50.97 -6.09
C ASP D 225 4.54 -49.84 -5.72
N ALA D 226 4.27 -49.12 -4.63
CA ALA D 226 5.16 -48.02 -4.23
C ALA D 226 6.21 -48.44 -3.23
N ASN D 227 6.22 -49.69 -2.82
CA ASN D 227 7.10 -50.14 -1.73
C ASN D 227 8.43 -50.60 -2.36
N ALA D 228 9.38 -49.68 -2.53
CA ALA D 228 10.67 -50.01 -3.14
C ALA D 228 11.42 -51.09 -2.38
N GLU D 229 11.45 -51.00 -1.05
CA GLU D 229 12.26 -51.93 -0.27
C GLU D 229 11.72 -53.36 -0.39
N LEU D 230 10.38 -53.50 -0.32
CA LEU D 230 9.73 -54.78 -0.57
C LEU D 230 10.07 -55.31 -1.94
N LYS D 231 9.91 -54.50 -2.97
CA LYS D 231 10.15 -54.99 -4.32
C LYS D 231 11.61 -55.45 -4.48
N ALA D 232 12.55 -54.76 -3.85
CA ALA D 232 13.95 -55.15 -4.01
C ALA D 232 14.23 -56.46 -3.28
N LYS D 233 13.63 -56.62 -2.10
CA LYS D 233 13.76 -57.88 -1.37
C LYS D 233 13.26 -59.05 -2.21
N ILE D 234 12.07 -58.90 -2.79
CA ILE D 234 11.52 -60.08 -3.45
C ILE D 234 12.16 -60.28 -4.84
N GLU D 235 12.61 -59.21 -5.49
CA GLU D 235 13.29 -59.43 -6.79
C GLU D 235 14.62 -60.15 -6.59
N ALA D 236 15.35 -59.84 -5.51
CA ALA D 236 16.57 -60.57 -5.25
C ALA D 236 16.28 -62.05 -5.04
N ILE D 237 15.17 -62.36 -4.34
CA ILE D 237 14.80 -63.78 -4.18
C ILE D 237 14.48 -64.39 -5.53
N ARG D 238 13.73 -63.67 -6.37
CA ARG D 238 13.32 -64.21 -7.67
C ARG D 238 14.54 -64.58 -8.52
N LEU D 239 15.51 -63.64 -8.60
CA LEU D 239 16.68 -63.91 -9.45
C LEU D 239 17.51 -65.03 -8.85
N ALA D 240 17.44 -65.23 -7.53
CA ALA D 240 18.18 -66.30 -6.88
C ALA D 240 17.58 -67.70 -7.09
N VAL D 241 16.29 -67.84 -7.43
CA VAL D 241 15.68 -69.17 -7.51
C VAL D 241 15.36 -69.57 -8.94
N GLY D 242 15.50 -68.68 -9.93
CA GLY D 242 15.14 -69.08 -11.29
C GLY D 242 15.76 -70.40 -11.71
N GLU D 243 17.05 -70.57 -11.47
N GLU D 243 17.06 -70.55 -11.46
CA GLU D 243 17.71 -71.80 -11.90
CA GLU D 243 17.81 -71.75 -11.86
C GLU D 243 17.27 -73.00 -11.08
C GLU D 243 17.36 -72.98 -11.06
N LEU D 244 17.01 -72.81 -9.79
CA LEU D 244 16.52 -73.92 -8.98
C LEU D 244 15.14 -74.38 -9.41
N MET D 245 14.35 -73.53 -10.07
CA MET D 245 13.04 -73.93 -10.55
C MET D 245 13.11 -74.42 -11.98
N ASN D 246 14.33 -74.54 -12.55
CA ASN D 246 14.47 -74.98 -13.92
C ASN D 246 13.81 -74.01 -14.89
N LEU D 247 13.81 -72.73 -14.55
CA LEU D 247 13.25 -71.70 -15.43
C LEU D 247 14.32 -70.94 -16.23
N GLY D 248 15.58 -71.38 -16.17
CA GLY D 248 16.59 -70.69 -16.98
C GLY D 248 16.87 -69.34 -16.36
N ASP D 249 17.26 -68.37 -17.21
CA ASP D 249 17.62 -67.03 -16.76
C ASP D 249 16.35 -66.20 -16.74
N VAL D 250 15.84 -65.89 -15.54
CA VAL D 250 14.53 -65.25 -15.43
C VAL D 250 14.65 -63.72 -15.44
N THR D 251 15.86 -63.19 -15.62
CA THR D 251 16.08 -61.74 -15.57
C THR D 251 15.04 -60.99 -16.39
N GLU D 252 14.83 -61.42 -17.63
CA GLU D 252 13.86 -60.74 -18.47
C GLU D 252 12.62 -61.58 -18.75
N LYS D 253 12.30 -62.52 -17.86
CA LYS D 253 11.09 -63.33 -17.97
C LYS D 253 10.01 -62.78 -17.02
N SER D 254 8.80 -63.31 -17.16
CA SER D 254 7.71 -62.87 -16.28
C SER D 254 7.39 -63.94 -15.23
N VAL D 255 8.28 -64.92 -15.06
CA VAL D 255 8.10 -65.97 -14.07
C VAL D 255 9.38 -66.04 -13.24
N PRO D 256 9.30 -66.68 -12.05
CA PRO D 256 8.10 -67.13 -11.32
C PRO D 256 7.35 -65.93 -10.78
N LYS D 257 6.09 -66.13 -10.41
CA LYS D 257 5.32 -65.14 -9.69
C LYS D 257 5.68 -65.17 -8.22
N MET D 258 5.76 -63.99 -7.60
CA MET D 258 6.14 -63.90 -6.19
C MET D 258 4.84 -63.78 -5.37
N MET D 259 4.57 -64.76 -4.50
CA MET D 259 3.28 -64.89 -3.82
C MET D 259 3.51 -64.70 -2.34
N LEU D 260 2.98 -63.62 -1.78
CA LEU D 260 3.21 -63.28 -0.39
C LEU D 260 1.92 -63.59 0.37
N VAL D 261 1.98 -64.50 1.33
CA VAL D 261 0.74 -65.02 1.92
C VAL D 261 0.59 -64.58 3.35
N ALA D 262 -0.67 -64.53 3.79
CA ALA D 262 -1.01 -64.12 5.14
C ALA D 262 -2.27 -64.87 5.55
N PRO D 263 -2.59 -64.91 6.84
CA PRO D 263 -3.83 -65.59 7.26
C PRO D 263 -5.02 -64.98 6.55
N PRO D 264 -6.04 -65.78 6.23
CA PRO D 264 -7.25 -65.21 5.65
C PRO D 264 -7.94 -64.29 6.66
N ARG D 265 -8.60 -63.23 6.13
CA ARG D 265 -9.27 -62.29 7.03
C ARG D 265 -10.74 -62.17 6.72
N ASP D 266 -11.19 -62.72 5.59
N ASP D 266 -11.20 -62.73 5.62
CA ASP D 266 -12.55 -62.56 5.10
CA ASP D 266 -12.57 -62.56 5.21
C ASP D 266 -13.33 -63.87 5.10
C ASP D 266 -13.21 -63.92 4.95
N GLY D 267 -12.84 -64.90 5.79
CA GLY D 267 -13.50 -66.20 5.78
C GLY D 267 -12.91 -67.19 4.77
N GLY D 268 -11.85 -66.81 4.08
CA GLY D 268 -11.26 -67.64 3.04
C GLY D 268 -10.22 -68.62 3.61
N ALA D 269 -9.45 -69.20 2.71
CA ALA D 269 -8.37 -70.13 3.08
C ALA D 269 -7.04 -69.42 3.33
N VAL D 270 -6.70 -68.44 2.50
CA VAL D 270 -5.42 -67.77 2.64
C VAL D 270 -5.57 -66.43 1.96
N CYS D 271 -4.75 -65.47 2.35
CA CYS D 271 -4.76 -64.16 1.69
C CYS D 271 -3.42 -63.99 0.99
N VAL D 272 -3.45 -63.43 -0.21
N VAL D 272 -3.43 -63.45 -0.22
CA VAL D 272 -2.26 -63.40 -1.06
CA VAL D 272 -2.21 -63.39 -0.98
C VAL D 272 -2.07 -62.01 -1.65
C VAL D 272 -2.05 -62.04 -1.65
N ARG D 273 -0.80 -61.60 -1.79
CA ARG D 273 -0.43 -60.49 -2.67
C ARG D 273 0.63 -61.01 -3.64
N SER D 274 0.51 -60.64 -4.92
CA SER D 274 1.28 -61.33 -5.95
C SER D 274 2.01 -60.29 -6.76
N PHE D 275 3.30 -60.51 -6.99
CA PHE D 275 4.06 -59.65 -7.90
C PHE D 275 4.39 -60.49 -9.14
N ILE D 276 4.20 -59.91 -10.34
CA ILE D 276 4.00 -60.77 -11.50
C ILE D 276 4.91 -60.57 -12.72
N PRO D 277 6.23 -60.31 -12.56
CA PRO D 277 6.99 -60.38 -11.30
C PRO D 277 7.27 -59.03 -10.70
N HIS D 278 7.04 -57.95 -11.44
CA HIS D 278 7.47 -56.62 -10.99
C HIS D 278 6.32 -55.75 -10.50
N ARG D 279 5.18 -55.82 -11.16
CA ARG D 279 4.00 -55.08 -10.76
C ARG D 279 3.19 -55.94 -9.77
N ALA D 280 2.57 -55.31 -8.77
CA ALA D 280 1.60 -56.02 -7.94
C ALA D 280 0.36 -56.37 -8.74
N HIS D 281 -0.21 -57.51 -8.46
CA HIS D 281 -1.42 -57.94 -9.17
C HIS D 281 -2.61 -57.19 -8.58
N ALA D 282 -3.53 -56.73 -9.44
CA ALA D 282 -4.74 -56.11 -8.94
C ALA D 282 -5.69 -57.11 -8.27
N THR D 283 -5.66 -58.39 -8.73
CA THR D 283 -6.44 -59.45 -8.13
C THR D 283 -5.49 -60.62 -7.90
N ILE D 284 -5.70 -61.73 -8.62
CA ILE D 284 -4.72 -62.83 -8.63
C ILE D 284 -4.86 -63.58 -9.94
N GLY D 285 -3.76 -64.18 -10.40
CA GLY D 285 -3.83 -65.07 -11.57
C GLY D 285 -4.55 -66.38 -11.25
N VAL D 286 -5.17 -66.96 -12.28
CA VAL D 286 -5.92 -68.20 -12.12
C VAL D 286 -4.99 -69.34 -11.72
N LEU D 287 -4.01 -69.65 -12.56
CA LEU D 287 -3.10 -70.75 -12.21
C LEU D 287 -2.14 -70.32 -11.09
N GLY D 288 -1.79 -69.03 -10.99
CA GLY D 288 -1.12 -68.56 -9.77
C GLY D 288 -1.88 -68.94 -8.49
N ALA D 289 -3.21 -68.73 -8.49
CA ALA D 289 -3.99 -69.14 -7.33
C ALA D 289 -4.02 -70.66 -7.14
N VAL D 290 -4.07 -71.44 -8.24
CA VAL D 290 -4.01 -72.89 -8.10
C VAL D 290 -2.71 -73.32 -7.44
N SER D 291 -1.57 -72.72 -7.87
CA SER D 291 -0.30 -73.02 -7.20
C SER D 291 -0.30 -72.64 -5.73
N VAL D 292 -0.82 -71.45 -5.40
CA VAL D 292 -0.90 -71.03 -4.00
C VAL D 292 -1.81 -71.97 -3.20
N ALA D 293 -2.99 -72.32 -3.77
CA ALA D 293 -3.92 -73.20 -3.05
C ALA D 293 -3.28 -74.56 -2.79
N THR D 294 -2.50 -75.03 -3.76
CA THR D 294 -1.80 -76.30 -3.62
C THR D 294 -0.74 -76.24 -2.52
N ALA D 295 -0.01 -75.11 -2.43
CA ALA D 295 1.02 -74.95 -1.41
C ALA D 295 0.42 -74.93 -0.01
N CYS D 296 -0.83 -74.46 0.11
CA CYS D 296 -1.51 -74.49 1.42
C CYS D 296 -1.68 -75.89 1.95
N LEU D 297 -1.66 -76.90 1.07
CA LEU D 297 -1.82 -78.28 1.49
C LEU D 297 -0.51 -78.98 1.77
N ILE D 298 0.63 -78.31 1.70
CA ILE D 298 1.92 -78.99 1.86
C ILE D 298 2.47 -78.70 3.25
N PRO D 299 2.51 -79.69 4.15
CA PRO D 299 3.07 -79.48 5.49
C PRO D 299 4.47 -78.89 5.45
N GLY D 300 4.71 -77.88 6.28
CA GLY D 300 6.00 -77.21 6.33
C GLY D 300 6.12 -76.01 5.41
N SER D 301 5.21 -75.86 4.42
N SER D 301 5.22 -75.86 4.46
CA SER D 301 5.21 -74.69 3.54
CA SER D 301 5.27 -74.70 3.62
C SER D 301 4.78 -73.48 4.36
C SER D 301 4.81 -73.47 4.41
N PRO D 302 5.36 -72.30 4.10
CA PRO D 302 4.79 -71.06 4.66
C PRO D 302 3.29 -70.93 4.40
N ALA D 303 2.83 -71.38 3.23
CA ALA D 303 1.40 -71.24 2.93
C ALA D 303 0.57 -72.08 3.91
N ALA D 304 1.01 -73.31 4.19
CA ALA D 304 0.29 -74.17 5.13
C ALA D 304 0.27 -73.56 6.52
N GLU D 305 1.32 -72.83 6.88
N GLU D 305 1.35 -72.88 6.91
CA GLU D 305 1.41 -72.24 8.23
CA GLU D 305 1.37 -72.26 8.23
C GLU D 305 0.37 -71.15 8.46
C GLU D 305 0.20 -71.30 8.41
N VAL D 306 -0.04 -70.44 7.41
CA VAL D 306 -1.00 -69.36 7.58
C VAL D 306 -2.40 -69.72 7.10
N ALA D 307 -2.56 -70.85 6.40
CA ALA D 307 -3.84 -71.13 5.76
C ALA D 307 -4.83 -71.82 6.70
N VAL D 308 -6.11 -71.63 6.40
CA VAL D 308 -7.22 -72.38 7.00
C VAL D 308 -7.77 -73.31 5.90
N VAL D 309 -7.47 -74.60 6.01
CA VAL D 309 -7.76 -75.56 4.93
C VAL D 309 -8.96 -76.42 5.30
N PRO D 310 -10.00 -76.50 4.47
CA PRO D 310 -11.16 -77.33 4.85
C PRO D 310 -10.79 -78.81 4.75
N GLU D 311 -11.49 -79.62 5.53
CA GLU D 311 -11.29 -81.06 5.49
C GLU D 311 -12.07 -81.64 4.32
N GLY D 312 -11.62 -82.80 3.87
CA GLY D 312 -12.39 -83.50 2.85
C GLY D 312 -11.63 -83.65 1.56
N ALA D 313 -12.05 -84.60 0.72
CA ALA D 313 -11.35 -84.83 -0.55
C ALA D 313 -11.63 -83.72 -1.55
N ARG D 314 -12.77 -83.02 -1.41
N ARG D 314 -12.79 -83.08 -1.44
CA ARG D 314 -13.11 -81.93 -2.32
CA ARG D 314 -13.12 -81.93 -2.28
C ARG D 314 -13.08 -80.61 -1.53
C ARG D 314 -12.98 -80.69 -1.41
N LYS D 315 -12.09 -79.78 -1.80
CA LYS D 315 -11.76 -78.61 -0.99
C LYS D 315 -12.01 -77.35 -1.79
N THR D 316 -12.87 -76.48 -1.30
CA THR D 316 -13.02 -75.17 -1.95
C THR D 316 -12.10 -74.24 -1.18
N LEU D 317 -11.02 -73.80 -1.81
CA LEU D 317 -10.02 -72.95 -1.19
C LEU D 317 -10.23 -71.53 -1.73
N SER D 318 -10.76 -70.66 -0.87
CA SER D 318 -10.98 -69.27 -1.26
C SER D 318 -9.67 -68.49 -1.12
N ILE D 319 -9.13 -67.98 -2.24
CA ILE D 319 -7.83 -67.29 -2.25
C ILE D 319 -8.12 -65.79 -2.21
N GLU D 320 -7.89 -65.14 -1.07
CA GLU D 320 -8.21 -63.71 -0.93
C GLU D 320 -7.17 -62.85 -1.63
N HIS D 321 -7.61 -61.73 -2.18
CA HIS D 321 -6.71 -60.90 -2.97
C HIS D 321 -7.16 -59.44 -2.79
N PRO D 322 -6.48 -58.45 -3.42
CA PRO D 322 -6.77 -57.05 -3.09
C PRO D 322 -8.21 -56.61 -3.29
N THR D 323 -8.95 -57.23 -4.20
CA THR D 323 -10.32 -56.76 -4.40
C THR D 323 -11.32 -57.88 -4.20
N GLY D 324 -11.00 -58.86 -3.36
CA GLY D 324 -12.01 -59.86 -3.05
C GLY D 324 -11.36 -61.23 -2.91
N GLU D 325 -11.86 -62.22 -3.64
CA GLU D 325 -11.28 -63.54 -3.53
C GLU D 325 -11.59 -64.29 -4.82
N MET D 326 -10.78 -65.32 -5.07
CA MET D 326 -11.07 -66.29 -6.13
C MET D 326 -11.09 -67.66 -5.52
N SER D 327 -12.15 -68.43 -5.79
CA SER D 327 -12.27 -69.77 -5.21
C SER D 327 -11.73 -70.83 -6.16
N CYS D 328 -10.77 -71.61 -5.67
N CYS D 328 -10.94 -71.73 -5.60
CA CYS D 328 -10.26 -72.77 -6.39
CA CYS D 328 -10.22 -72.75 -6.34
C CYS D 328 -10.89 -74.00 -5.77
C CYS D 328 -10.71 -74.10 -5.82
N VAL D 329 -11.54 -74.81 -6.59
CA VAL D 329 -12.10 -76.07 -6.11
C VAL D 329 -11.12 -77.18 -6.50
N LEU D 330 -10.50 -77.79 -5.49
CA LEU D 330 -9.45 -78.80 -5.73
C LEU D 330 -9.97 -80.17 -5.32
N GLU D 331 -9.76 -81.15 -6.16
CA GLU D 331 -9.96 -82.53 -5.76
C GLU D 331 -8.59 -83.13 -5.39
N VAL D 332 -8.54 -83.83 -4.27
CA VAL D 332 -7.30 -84.45 -3.81
C VAL D 332 -7.54 -85.95 -3.71
N ASP D 333 -6.50 -86.72 -4.03
CA ASP D 333 -6.57 -88.17 -3.96
C ASP D 333 -6.26 -88.60 -2.52
N ASP D 334 -6.14 -89.91 -2.31
CA ASP D 334 -5.96 -90.42 -0.94
C ASP D 334 -4.60 -90.06 -0.37
N ALA D 335 -3.58 -89.92 -1.22
CA ALA D 335 -2.28 -89.44 -0.79
C ALA D 335 -2.26 -87.94 -0.52
N GLY D 336 -3.37 -87.24 -0.74
CA GLY D 336 -3.40 -85.80 -0.57
C GLY D 336 -2.87 -84.98 -1.74
N ASN D 337 -2.55 -85.62 -2.88
CA ASN D 337 -2.17 -84.92 -4.10
C ASN D 337 -3.37 -84.26 -4.80
N VAL D 338 -3.16 -83.06 -5.33
CA VAL D 338 -4.20 -82.41 -6.12
C VAL D 338 -4.33 -83.11 -7.48
N VAL D 339 -5.56 -83.52 -7.84
CA VAL D 339 -5.77 -84.17 -9.13
C VAL D 339 -6.64 -83.35 -10.07
N SER D 340 -7.31 -82.31 -9.58
CA SER D 340 -7.92 -81.39 -10.55
C SER D 340 -8.15 -80.08 -9.84
N ALA D 341 -8.33 -79.03 -10.65
CA ALA D 341 -8.65 -77.72 -10.11
C ALA D 341 -9.75 -77.14 -10.98
N ALA D 342 -10.77 -76.54 -10.36
CA ALA D 342 -11.86 -75.96 -11.15
C ALA D 342 -12.17 -74.59 -10.60
N LEU D 343 -12.37 -73.62 -11.49
CA LEU D 343 -12.52 -72.22 -11.13
C LEU D 343 -13.54 -71.62 -12.08
N LEU D 344 -14.21 -70.55 -11.63
CA LEU D 344 -15.16 -69.86 -12.49
C LEU D 344 -14.53 -68.58 -12.99
N ARG D 345 -14.67 -68.33 -14.31
CA ARG D 345 -14.28 -67.06 -14.90
C ARG D 345 -15.47 -66.52 -15.73
N THR D 346 -15.28 -65.32 -16.27
CA THR D 346 -16.20 -64.78 -17.28
C THR D 346 -15.34 -64.01 -18.30
N ALA D 347 -15.94 -63.64 -19.43
CA ALA D 347 -15.19 -62.86 -20.43
C ALA D 347 -16.17 -61.93 -21.12
N ARG D 348 -15.63 -61.03 -21.95
CA ARG D 348 -16.52 -60.21 -22.74
C ARG D 348 -15.80 -59.74 -23.98
N LYS D 349 -16.48 -59.83 -25.14
CA LYS D 349 -15.96 -59.19 -26.35
C LYS D 349 -16.13 -57.67 -26.23
N LEU D 350 -15.02 -56.90 -26.35
CA LEU D 350 -15.12 -55.46 -26.16
C LEU D 350 -15.12 -54.72 -27.49
N MET D 351 -14.24 -55.13 -28.41
CA MET D 351 -14.19 -54.51 -29.71
C MET D 351 -13.74 -55.55 -30.71
N ASP D 352 -14.24 -55.49 -31.94
CA ASP D 352 -13.78 -56.50 -32.90
C ASP D 352 -13.49 -55.78 -34.20
N GLY D 353 -12.38 -56.13 -34.86
CA GLY D 353 -12.13 -55.43 -36.09
C GLY D 353 -10.70 -55.74 -36.53
N VAL D 354 -9.94 -54.67 -36.81
CA VAL D 354 -8.59 -54.80 -37.39
C VAL D 354 -7.67 -53.89 -36.57
N VAL D 355 -6.49 -54.44 -36.12
CA VAL D 355 -5.51 -53.57 -35.45
C VAL D 355 -4.42 -53.22 -36.43
N PHE D 356 -3.86 -52.02 -36.27
CA PHE D 356 -2.89 -51.48 -37.22
C PHE D 356 -1.56 -51.18 -36.55
N VAL D 357 -0.50 -51.20 -37.36
CA VAL D 357 0.83 -50.75 -36.96
C VAL D 357 1.43 -49.96 -38.10
N LEU D 358 2.38 -49.08 -37.76
CA LEU D 358 3.00 -48.27 -38.80
C LEU D 358 3.84 -49.10 -39.77
O1 NQM E . -2.27 39.54 3.36
C7 NQM E . 1.46 39.73 8.11
C6 NQM E . -0.55 41.10 8.13
C5 NQM E . 0.34 40.17 7.45
C4 NQM E . -0.01 39.63 6.10
C3 NQM E . 2.39 38.74 7.50
C2 NQM E . -1.38 39.90 5.49
C1 NQM E . -1.70 39.04 4.35
O10 NQM E . -0.43 42.34 8.04
O2 NQM E . -1.42 37.82 4.44
O3 NQM E . -2.20 40.78 5.88
O4 NQM E . 3.49 39.10 7.07
O5 NQM E . 2.07 37.54 7.39
O9 NQM E . -1.38 40.55 8.90
CL CL F . 4.38 59.30 -5.92
CL CL G . -10.59 62.77 1.51
O1 NQM H . -6.48 -28.63 -23.40
C7 NQM H . -7.08 -33.16 -21.26
C6 NQM H . -5.85 -33.63 -23.29
C5 NQM H . -6.68 -32.72 -22.49
C4 NQM H . -7.03 -31.33 -22.93
C3 NQM H . -7.89 -32.31 -20.34
C2 NQM H . -6.48 -30.82 -24.26
C1 NQM H . -6.69 -29.36 -24.41
O10 NQM H . -4.60 -33.52 -23.11
O2 NQM H . -7.04 -28.98 -25.52
O3 NQM H . -5.92 -31.48 -25.18
O4 NQM H . -7.38 -31.31 -19.77
O5 NQM H . -9.06 -32.62 -20.13
O9 NQM H . -6.36 -34.49 -24.03
CL CL I . -22.73 -38.77 -38.86
O1 NQM J . 11.83 59.31 35.96
C7 NQM J . 8.70 54.80 33.58
C6 NQM J . 10.42 55.81 32.23
C5 NQM J . 9.68 55.74 33.51
C4 NQM J . 9.98 56.62 34.67
C3 NQM J . 7.88 54.54 34.79
C2 NQM J . 11.11 57.58 34.62
C1 NQM J . 11.49 58.11 35.90
O10 NQM J . 9.98 56.44 31.24
O2 NQM J . 11.51 57.32 36.89
O3 NQM J . 11.77 57.89 33.61
O4 NQM J . 8.43 54.20 35.85
O5 NQM J . 6.65 54.59 34.69
O9 NQM J . 11.49 55.14 32.17
CL CL K . 0.36 75.95 25.38
O1 NQM L . -1.94 -67.18 -13.20
C7 NQM L . -1.13 -62.48 -14.71
C6 NQM L . -3.51 -62.81 -15.06
C5 NQM L . -2.17 -63.34 -14.88
C4 NQM L . -1.98 -64.81 -14.78
C3 NQM L . 0.28 -62.91 -14.51
C2 NQM L . -3.13 -65.79 -14.70
C1 NQM L . -2.72 -67.11 -14.21
O10 NQM L . -4.16 -62.52 -14.01
O2 NQM L . -3.26 -68.12 -14.75
O3 NQM L . -4.34 -65.54 -15.00
O4 NQM L . 1.11 -62.62 -15.38
O5 NQM L . 0.62 -63.52 -13.48
O9 NQM L . -3.98 -62.58 -16.21
CL CL M . -21.22 -67.40 -31.87
CL CL N . -5.39 -69.94 -37.43
#